data_3QIN
# 
_entry.id   3QIN 
# 
_audit_conform.dict_name       mmcif_pdbx.dic 
_audit_conform.dict_version    5.379 
_audit_conform.dict_location   http://mmcif.pdb.org/dictionaries/ascii/mmcif_pdbx.dic 
# 
loop_
_database_2.database_id 
_database_2.database_code 
_database_2.pdbx_database_accession 
_database_2.pdbx_DOI 
PDB   3QIN         pdb_00003qin 10.2210/pdb3qin/pdb 
RCSB  RCSB063692   ?            ?                   
WWPDB D_1000063692 ?            ?                   
# 
_pdbx_database_related.db_name        PDB 
_pdbx_database_related.db_id          3HYF 
_pdbx_database_related.details        'structure of HIV RNase H which contains a sequence insertion' 
_pdbx_database_related.content_type   unspecified 
# 
_pdbx_database_status.status_code                     REL 
_pdbx_database_status.entry_id                        3QIN 
_pdbx_database_status.recvd_initial_deposition_date   2011-01-27 
_pdbx_database_status.deposit_site                    RCSB 
_pdbx_database_status.process_site                    RCSB 
_pdbx_database_status.status_code_sf                  REL 
_pdbx_database_status.status_code_mr                  ? 
_pdbx_database_status.SG_entry                        ? 
_pdbx_database_status.status_code_cs                  ? 
_pdbx_database_status.pdb_format_compatible           Y 
_pdbx_database_status.methods_development_category    ? 
_pdbx_database_status.status_code_nmr_data            ? 
# 
loop_
_audit_author.name 
_audit_author.pdbx_ordinal 
'Lansdon, E.B.'    1 
'Kirschberg, T.A.' 2 
# 
_citation.id                        primary 
_citation.title                     
'Structural and Binding Analysis of Pyrimidinol Carboxylic Acid and N-Hydroxy Quinazolinedione HIV-1 RNase H Inhibitors.' 
_citation.journal_abbrev            'Antimicrob.Agents Chemother.' 
_citation.journal_volume            55 
_citation.page_first                2905 
_citation.page_last                 2915 
_citation.year                      2011 
_citation.journal_id_ASTM           AMACCQ 
_citation.country                   US 
_citation.journal_id_ISSN           0066-4804 
_citation.journal_id_CSD            0788 
_citation.book_publisher            ? 
_citation.pdbx_database_id_PubMed   21464257 
_citation.pdbx_database_id_DOI      10.1128/AAC.01594-10 
# 
loop_
_citation_author.citation_id 
_citation_author.name 
_citation_author.ordinal 
_citation_author.identifier_ORCID 
primary 'Lansdon, E.B.'       1  ? 
primary 'Liu, Q.'             2  ? 
primary 'Leavitt, S.A.'       3  ? 
primary 'Balakrishnan, M.'    4  ? 
primary 'Perry, J.K.'         5  ? 
primary 'Lancaster-Moyer, C.' 6  ? 
primary 'Kutty, N.'           7  ? 
primary 'Liu, X.'             8  ? 
primary 'Squires, N.H.'       9  ? 
primary 'Watkins, W.J.'       10 ? 
primary 'Kirschberg, T.A.'    11 ? 
# 
_cell.entry_id           3QIN 
_cell.length_a           38.841 
_cell.length_b           90.370 
_cell.length_c           111.922 
_cell.angle_alpha        90.00 
_cell.angle_beta         90.00 
_cell.angle_gamma        90.00 
_cell.Z_PDB              8 
_cell.pdbx_unique_axis   ? 
_cell.length_a_esd       ? 
_cell.length_b_esd       ? 
_cell.length_c_esd       ? 
_cell.angle_alpha_esd    ? 
_cell.angle_beta_esd     ? 
_cell.angle_gamma_esd    ? 
# 
_symmetry.entry_id                         3QIN 
_symmetry.space_group_name_H-M             'I 21 21 21' 
_symmetry.pdbx_full_space_group_name_H-M   ? 
_symmetry.cell_setting                     ? 
_symmetry.Int_Tables_number                24 
_symmetry.space_group_name_Hall            ? 
# 
loop_
_entity.id 
_entity.type 
_entity.src_method 
_entity.pdbx_description 
_entity.formula_weight 
_entity.pdbx_number_of_molecules 
_entity.pdbx_ec 
_entity.pdbx_mutation 
_entity.pdbx_fragment 
_entity.details 
1 polymer     man 'Fusion protein of HIV-1 RNase H p15 with engineered E. coli loop'      16921.463 1   
3.4.23.16,2.7.7.49,2.7.7.7,3.1.26.13,3.1.13.2,2.7.7.-,3.1.-.-,3.1.26.4 ? 'HIV-1 RNase H' ? 
2 non-polymer syn 'MANGANESE (II) ION'                                                    54.938    2   ? ? ?               ? 
3 non-polymer syn 'SULFATE ION'                                                           96.063    1   ? ? ?               ? 
4 non-polymer syn '2-(3-bromo-4-methoxybenzyl)-5,6-dihydroxypyrimidine-4-carboxylic acid' 355.141   1   ? ? ?               ? 
5 water       nat water                                                                   18.015    153 ? ? ?               ? 
# 
_entity_name_com.entity_id   1 
_entity_name_com.name        'Pr160Gag-Pol,RNase HI,Ribonuclease H,RNase H' 
# 
_entity_poly.entity_id                      1 
_entity_poly.type                           'polypeptide(L)' 
_entity_poly.nstd_linkage                   no 
_entity_poly.nstd_monomer                   no 
_entity_poly.pdbx_seq_one_letter_code       
;MYQLEKEPIVGAETFYVDGAANRETKLGKAGYVTNRGRQKVVTLTDTTNQKTELQAIYLALQDSGLEVNIVTDSQYALGI
ITQWIHNWKKRGWKTADKKPVKNVDLVNQIIEQLIKKEKVYLAWVPAHKGIGGNEQVDKLVSAGIRKVLF
;
_entity_poly.pdbx_seq_one_letter_code_can   
;MYQLEKEPIVGAETFYVDGAANRETKLGKAGYVTNRGRQKVVTLTDTTNQKTELQAIYLALQDSGLEVNIVTDSQYALGI
ITQWIHNWKKRGWKTADKKPVKNVDLVNQIIEQLIKKEKVYLAWVPAHKGIGGNEQVDKLVSAGIRKVLF
;
_entity_poly.pdbx_strand_id                 A 
_entity_poly.pdbx_target_identifier         ? 
# 
loop_
_entity_poly_seq.entity_id 
_entity_poly_seq.num 
_entity_poly_seq.mon_id 
_entity_poly_seq.hetero 
1 1   MET n 
1 2   TYR n 
1 3   GLN n 
1 4   LEU n 
1 5   GLU n 
1 6   LYS n 
1 7   GLU n 
1 8   PRO n 
1 9   ILE n 
1 10  VAL n 
1 11  GLY n 
1 12  ALA n 
1 13  GLU n 
1 14  THR n 
1 15  PHE n 
1 16  TYR n 
1 17  VAL n 
1 18  ASP n 
1 19  GLY n 
1 20  ALA n 
1 21  ALA n 
1 22  ASN n 
1 23  ARG n 
1 24  GLU n 
1 25  THR n 
1 26  LYS n 
1 27  LEU n 
1 28  GLY n 
1 29  LYS n 
1 30  ALA n 
1 31  GLY n 
1 32  TYR n 
1 33  VAL n 
1 34  THR n 
1 35  ASN n 
1 36  ARG n 
1 37  GLY n 
1 38  ARG n 
1 39  GLN n 
1 40  LYS n 
1 41  VAL n 
1 42  VAL n 
1 43  THR n 
1 44  LEU n 
1 45  THR n 
1 46  ASP n 
1 47  THR n 
1 48  THR n 
1 49  ASN n 
1 50  GLN n 
1 51  LYS n 
1 52  THR n 
1 53  GLU n 
1 54  LEU n 
1 55  GLN n 
1 56  ALA n 
1 57  ILE n 
1 58  TYR n 
1 59  LEU n 
1 60  ALA n 
1 61  LEU n 
1 62  GLN n 
1 63  ASP n 
1 64  SER n 
1 65  GLY n 
1 66  LEU n 
1 67  GLU n 
1 68  VAL n 
1 69  ASN n 
1 70  ILE n 
1 71  VAL n 
1 72  THR n 
1 73  ASP n 
1 74  SER n 
1 75  GLN n 
1 76  TYR n 
1 77  ALA n 
1 78  LEU n 
1 79  GLY n 
1 80  ILE n 
1 81  ILE n 
1 82  THR n 
1 83  GLN n 
1 84  TRP n 
1 85  ILE n 
1 86  HIS n 
1 87  ASN n 
1 88  TRP n 
1 89  LYS n 
1 90  LYS n 
1 91  ARG n 
1 92  GLY n 
1 93  TRP n 
1 94  LYS n 
1 95  THR n 
1 96  ALA n 
1 97  ASP n 
1 98  LYS n 
1 99  LYS n 
1 100 PRO n 
1 101 VAL n 
1 102 LYS n 
1 103 ASN n 
1 104 VAL n 
1 105 ASP n 
1 106 LEU n 
1 107 VAL n 
1 108 ASN n 
1 109 GLN n 
1 110 ILE n 
1 111 ILE n 
1 112 GLU n 
1 113 GLN n 
1 114 LEU n 
1 115 ILE n 
1 116 LYS n 
1 117 LYS n 
1 118 GLU n 
1 119 LYS n 
1 120 VAL n 
1 121 TYR n 
1 122 LEU n 
1 123 ALA n 
1 124 TRP n 
1 125 VAL n 
1 126 PRO n 
1 127 ALA n 
1 128 HIS n 
1 129 LYS n 
1 130 GLY n 
1 131 ILE n 
1 132 GLY n 
1 133 GLY n 
1 134 ASN n 
1 135 GLU n 
1 136 GLN n 
1 137 VAL n 
1 138 ASP n 
1 139 LYS n 
1 140 LEU n 
1 141 VAL n 
1 142 SER n 
1 143 ALA n 
1 144 GLY n 
1 145 ILE n 
1 146 ARG n 
1 147 LYS n 
1 148 VAL n 
1 149 LEU n 
1 150 PHE n 
# 
loop_
_entity_src_gen.entity_id 
_entity_src_gen.pdbx_src_id 
_entity_src_gen.pdbx_alt_source_flag 
_entity_src_gen.pdbx_seq_type 
_entity_src_gen.pdbx_beg_seq_num 
_entity_src_gen.pdbx_end_seq_num 
_entity_src_gen.gene_src_common_name 
_entity_src_gen.gene_src_genus 
_entity_src_gen.pdbx_gene_src_gene 
_entity_src_gen.gene_src_species 
_entity_src_gen.gene_src_strain 
_entity_src_gen.gene_src_tissue 
_entity_src_gen.gene_src_tissue_fraction 
_entity_src_gen.gene_src_details 
_entity_src_gen.pdbx_gene_src_fragment 
_entity_src_gen.pdbx_gene_src_scientific_name 
_entity_src_gen.pdbx_gene_src_ncbi_taxonomy_id 
_entity_src_gen.pdbx_gene_src_variant 
_entity_src_gen.pdbx_gene_src_cell_line 
_entity_src_gen.pdbx_gene_src_atcc 
_entity_src_gen.pdbx_gene_src_organ 
_entity_src_gen.pdbx_gene_src_organelle 
_entity_src_gen.pdbx_gene_src_cell 
_entity_src_gen.pdbx_gene_src_cellular_location 
_entity_src_gen.host_org_common_name 
_entity_src_gen.pdbx_host_org_scientific_name 
_entity_src_gen.pdbx_host_org_ncbi_taxonomy_id 
_entity_src_gen.host_org_genus 
_entity_src_gen.pdbx_host_org_gene 
_entity_src_gen.pdbx_host_org_organ 
_entity_src_gen.host_org_species 
_entity_src_gen.pdbx_host_org_tissue 
_entity_src_gen.pdbx_host_org_tissue_fraction 
_entity_src_gen.pdbx_host_org_strain 
_entity_src_gen.pdbx_host_org_variant 
_entity_src_gen.pdbx_host_org_cell_line 
_entity_src_gen.pdbx_host_org_atcc 
_entity_src_gen.pdbx_host_org_culture_collection 
_entity_src_gen.pdbx_host_org_cell 
_entity_src_gen.pdbx_host_org_organelle 
_entity_src_gen.pdbx_host_org_cellular_location 
_entity_src_gen.pdbx_host_org_vector_type 
_entity_src_gen.pdbx_host_org_vector 
_entity_src_gen.host_org_details 
_entity_src_gen.expression_system_id 
_entity_src_gen.plasmid_name 
_entity_src_gen.plasmid_details 
_entity_src_gen.pdbx_description 
1 1 sample 'Biological sequence' 1   81  HIV-1 ? gag-pol                                      ? 'isolate HXB2' ? ? ? ? 
'Human immunodeficiency virus type 1 group M subtype B'                11706 ? ? ? ? ? ? ? ? 'Escherichia coli' 469008 ? ? ? ? ? ? 
'BL21(DE3)' ? ? ? ? ? ? ? plasmid ? ? ? 'pET 30B' ? ? 
1 2 sample 'Biological sequence' 82  105 ?     ? 'rnhA, dasF, herA, rnh, sdrA, b0214, JW0204' ? K12            ? ? ? ? 
'Escherichia coli (strain K12)'                                        83333 ? ? ? ? ? ? ? ? 'Escherichia coli' 469008 ? ? ? ? ? ? 
'BL21(DE3)' ? ? ? ? ? ? ? plasmid ? ? ? 'pET 30B' ? ? 
1 3 sample 'Biological sequence' 106 150 HIV-1 ? gag-pol                                      ? 'isolate HXB2' ? ? ? ? 
'Human immunodeficiency virus type 1 group M subtype B (isolate HXB2)' 11706 ? ? ? ? ? ? ? ? 'Escherichia coli' 469008 ? ? ? ? ? ? 
'BL21(DE3)' ? ? ? ? ? ? ? plasmid ? ? ? 'pET 30B' ? ? 
# 
loop_
_struct_ref.id 
_struct_ref.db_name 
_struct_ref.db_code 
_struct_ref.pdbx_db_accession 
_struct_ref.pdbx_db_isoform 
_struct_ref.entity_id 
_struct_ref.pdbx_seq_one_letter_code 
_struct_ref.pdbx_align_begin 
1 UNP POL_HV1H2 P04585 ? 1 
;YQLEKEPIVGAETFYVDGAANRETKLGKAGYVTNRGRQKVVTLTDTTNQKTELQAIYLALQDSGLEVNIVTDSQYALGII

;
1014 
2 UNP RNH_ECOLI P0A7Y4 ? 1 TQWIHNWKKRGWKTADKKPVKNVD                                                            79   
3 UNP POL_HV1H2 P04585 ? 1 LVNQIIEQLIKKEKVYLAWVPAHKGIGGNEQVDKLVSAGIRKVLF                                       1104 
# 
loop_
_struct_ref_seq.align_id 
_struct_ref_seq.ref_id 
_struct_ref_seq.pdbx_PDB_id_code 
_struct_ref_seq.pdbx_strand_id 
_struct_ref_seq.seq_align_beg 
_struct_ref_seq.pdbx_seq_align_beg_ins_code 
_struct_ref_seq.seq_align_end 
_struct_ref_seq.pdbx_seq_align_end_ins_code 
_struct_ref_seq.pdbx_db_accession 
_struct_ref_seq.db_align_beg 
_struct_ref_seq.pdbx_db_align_beg_ins_code 
_struct_ref_seq.db_align_end 
_struct_ref_seq.pdbx_db_align_end_ins_code 
_struct_ref_seq.pdbx_auth_seq_align_beg 
_struct_ref_seq.pdbx_auth_seq_align_end 
1 1 3QIN A 2   ? 81  ? P04585 1014 ? 1093 ? 427 506 
2 2 3QIN A 82  ? 105 ? P0A7Y4 79   ? 102  ? 79  102 
3 3 3QIN A 106 ? 150 ? P04585 1104 ? 1148 ? 517 561 
# 
_struct_ref_seq_dif.align_id                     1 
_struct_ref_seq_dif.pdbx_pdb_id_code             3QIN 
_struct_ref_seq_dif.mon_id                       MET 
_struct_ref_seq_dif.pdbx_pdb_strand_id           A 
_struct_ref_seq_dif.seq_num                      1 
_struct_ref_seq_dif.pdbx_pdb_ins_code            ? 
_struct_ref_seq_dif.pdbx_seq_db_name             UNP 
_struct_ref_seq_dif.pdbx_seq_db_accession_code   P04585 
_struct_ref_seq_dif.db_mon_id                    ? 
_struct_ref_seq_dif.pdbx_seq_db_seq_num          ? 
_struct_ref_seq_dif.details                      'initiating methionine' 
_struct_ref_seq_dif.pdbx_auth_seq_num            426 
_struct_ref_seq_dif.pdbx_ordinal                 1 
# 
loop_
_chem_comp.id 
_chem_comp.type 
_chem_comp.mon_nstd_flag 
_chem_comp.name 
_chem_comp.pdbx_synonyms 
_chem_comp.formula 
_chem_comp.formula_weight 
ALA 'L-peptide linking' y ALANINE                                                                 ? 'C3 H7 N O2'       89.093  
ARG 'L-peptide linking' y ARGININE                                                                ? 'C6 H15 N4 O2 1'   175.209 
ASN 'L-peptide linking' y ASPARAGINE                                                              ? 'C4 H8 N2 O3'      132.118 
ASP 'L-peptide linking' y 'ASPARTIC ACID'                                                         ? 'C4 H7 N O4'       133.103 
GLN 'L-peptide linking' y GLUTAMINE                                                               ? 'C5 H10 N2 O3'     146.144 
GLU 'L-peptide linking' y 'GLUTAMIC ACID'                                                         ? 'C5 H9 N O4'       147.129 
GLY 'peptide linking'   y GLYCINE                                                                 ? 'C2 H5 N O2'       75.067  
HIS 'L-peptide linking' y HISTIDINE                                                               ? 'C6 H10 N3 O2 1'   156.162 
HOH non-polymer         . WATER                                                                   ? 'H2 O'             18.015  
ILE 'L-peptide linking' y ISOLEUCINE                                                              ? 'C6 H13 N O2'      131.173 
LEU 'L-peptide linking' y LEUCINE                                                                 ? 'C6 H13 N O2'      131.173 
LYS 'L-peptide linking' y LYSINE                                                                  ? 'C6 H15 N2 O2 1'   147.195 
MET 'L-peptide linking' y METHIONINE                                                              ? 'C5 H11 N O2 S'    149.211 
MN  non-polymer         . 'MANGANESE (II) ION'                                                    ? 'Mn 2'             54.938  
P1Y non-polymer         . '2-(3-bromo-4-methoxybenzyl)-5,6-dihydroxypyrimidine-4-carboxylic acid' ? 'C13 H11 Br N2 O5' 355.141 
PHE 'L-peptide linking' y PHENYLALANINE                                                           ? 'C9 H11 N O2'      165.189 
PRO 'L-peptide linking' y PROLINE                                                                 ? 'C5 H9 N O2'       115.130 
SER 'L-peptide linking' y SERINE                                                                  ? 'C3 H7 N O3'       105.093 
SO4 non-polymer         . 'SULFATE ION'                                                           ? 'O4 S -2'          96.063  
THR 'L-peptide linking' y THREONINE                                                               ? 'C4 H9 N O3'       119.119 
TRP 'L-peptide linking' y TRYPTOPHAN                                                              ? 'C11 H12 N2 O2'    204.225 
TYR 'L-peptide linking' y TYROSINE                                                                ? 'C9 H11 N O3'      181.189 
VAL 'L-peptide linking' y VALINE                                                                  ? 'C5 H11 N O2'      117.146 
# 
_exptl.entry_id          3QIN 
_exptl.method            'X-RAY DIFFRACTION' 
_exptl.crystals_number   1 
# 
_exptl_crystal.id                    1 
_exptl_crystal.density_meas          ? 
_exptl_crystal.density_Matthews      2.90 
_exptl_crystal.density_percent_sol   57.62 
_exptl_crystal.description           ? 
_exptl_crystal.F_000                 ? 
_exptl_crystal.preparation           ? 
# 
_exptl_crystal_grow.crystal_id      1 
_exptl_crystal_grow.method          'VAPOR DIFFUSION, HANGING DROP' 
_exptl_crystal_grow.temp            293 
_exptl_crystal_grow.temp_details    ? 
_exptl_crystal_grow.pH              7.5 
_exptl_crystal_grow.pdbx_details    
'1.8M (NH4)2SO4, 100mM HEPES pH 7.5, and 3% PEG 400, VAPOR DIFFUSION, HANGING DROP, temperature 293K' 
_exptl_crystal_grow.pdbx_pH_range   ? 
# 
_diffrn.id                     1 
_diffrn.ambient_temp           100 
_diffrn.ambient_temp_details   ? 
_diffrn.crystal_id             1 
# 
_diffrn_detector.diffrn_id              1 
_diffrn_detector.detector               'IMAGE PLATE' 
_diffrn_detector.type                   'RIGAKU RAXIS IV++' 
_diffrn_detector.pdbx_collection_date   2006-06-06 
_diffrn_detector.details                mirrors 
# 
_diffrn_radiation.diffrn_id                        1 
_diffrn_radiation.wavelength_id                    1 
_diffrn_radiation.pdbx_monochromatic_or_laue_m_l   M 
_diffrn_radiation.monochromator                    ? 
_diffrn_radiation.pdbx_diffrn_protocol             'SINGLE WAVELENGTH' 
_diffrn_radiation.pdbx_scattering_type             x-ray 
# 
_diffrn_radiation_wavelength.id           1 
_diffrn_radiation_wavelength.wavelength   1.54 
_diffrn_radiation_wavelength.wt           1.0 
# 
_diffrn_source.diffrn_id                   1 
_diffrn_source.source                      'ROTATING ANODE' 
_diffrn_source.type                        'RIGAKU RU300' 
_diffrn_source.pdbx_synchrotron_site       ? 
_diffrn_source.pdbx_synchrotron_beamline   ? 
_diffrn_source.pdbx_wavelength             ? 
_diffrn_source.pdbx_wavelength_list        1.54 
# 
_reflns.entry_id                     3QIN 
_reflns.observed_criterion_sigma_I   0 
_reflns.observed_criterion_sigma_F   0 
_reflns.d_resolution_low             50 
_reflns.d_resolution_high            1.6967 
_reflns.number_obs                   21540 
_reflns.number_all                   ? 
_reflns.percent_possible_obs         97.0 
_reflns.pdbx_Rmerge_I_obs            0.051 
_reflns.pdbx_Rsym_value              ? 
_reflns.pdbx_netI_over_sigmaI        10.6 
_reflns.B_iso_Wilson_estimate        ? 
_reflns.pdbx_redundancy              3.1 
_reflns.R_free_details               ? 
_reflns.limit_h_max                  ? 
_reflns.limit_h_min                  ? 
_reflns.limit_k_max                  ? 
_reflns.limit_k_min                  ? 
_reflns.limit_l_max                  ? 
_reflns.limit_l_min                  ? 
_reflns.observed_criterion_F_max     ? 
_reflns.observed_criterion_F_min     ? 
_reflns.pdbx_chi_squared             ? 
_reflns.pdbx_scaling_rejects         ? 
_reflns.pdbx_ordinal                 1 
_reflns.pdbx_diffrn_id               1 
# 
_reflns_shell.d_res_high             1.6967 
_reflns_shell.d_res_low              1.73 
_reflns_shell.percent_possible_all   95.0 
_reflns_shell.Rmerge_I_obs           0.330 
_reflns_shell.pdbx_Rsym_value        ? 
_reflns_shell.meanI_over_sigI_obs    3.1 
_reflns_shell.pdbx_redundancy        2.9 
_reflns_shell.percent_possible_obs   ? 
_reflns_shell.number_unique_all      ? 
_reflns_shell.number_measured_all    ? 
_reflns_shell.number_measured_obs    ? 
_reflns_shell.number_unique_obs      ? 
_reflns_shell.pdbx_chi_squared       ? 
_reflns_shell.pdbx_ordinal           1 
_reflns_shell.pdbx_diffrn_id         1 
# 
_refine.entry_id                                 3QIN 
_refine.ls_number_reflns_obs                     20866 
_refine.ls_number_reflns_all                     ? 
_refine.pdbx_ls_sigma_I                          ? 
_refine.pdbx_ls_sigma_F                          0.00 
_refine.pdbx_data_cutoff_high_absF               ? 
_refine.pdbx_data_cutoff_low_absF                ? 
_refine.pdbx_data_cutoff_high_rms_absF           ? 
_refine.ls_d_res_low                             23.118 
_refine.ls_d_res_high                            1.6967 
_refine.ls_percent_reflns_obs                    93.64 
_refine.ls_R_factor_obs                          0.2233 
_refine.ls_R_factor_all                          ? 
_refine.ls_R_factor_R_work                       0.2203 
_refine.ls_R_factor_R_free                       0.2530 
_refine.ls_R_factor_R_free_error                 ? 
_refine.ls_R_factor_R_free_error_details         ? 
_refine.ls_percent_reflns_R_free                 9.26 
_refine.ls_number_reflns_R_free                  1932 
_refine.ls_number_parameters                     ? 
_refine.ls_number_restraints                     ? 
_refine.occupancy_min                            ? 
_refine.occupancy_max                            ? 
_refine.correlation_coeff_Fo_to_Fc               ? 
_refine.correlation_coeff_Fo_to_Fc_free          ? 
_refine.B_iso_mean                               ? 
_refine.aniso_B[1][1]                            13.2293 
_refine.aniso_B[2][2]                            -8.2099 
_refine.aniso_B[3][3]                            -5.0194 
_refine.aniso_B[1][2]                            -0.0000 
_refine.aniso_B[1][3]                            0.0000 
_refine.aniso_B[2][3]                            0.0000 
_refine.solvent_model_details                    'FLAT BULK SOLVENT MODEL' 
_refine.solvent_model_param_ksol                 0.400 
_refine.solvent_model_param_bsol                 59.680 
_refine.pdbx_solvent_vdw_probe_radii             1.11 
_refine.pdbx_solvent_ion_probe_radii             ? 
_refine.pdbx_solvent_shrinkage_radii             0.90 
_refine.pdbx_ls_cross_valid_method               THROUGHOUT 
_refine.details                                  ? 
_refine.pdbx_starting_model                      'PDB ENTRY 1HRH' 
_refine.pdbx_method_to_determine_struct          'MOLECULAR REPLACEMENT' 
_refine.pdbx_isotropic_thermal_model             ? 
_refine.pdbx_stereochemistry_target_values       ML 
_refine.pdbx_stereochem_target_val_spec_case     ? 
_refine.pdbx_R_Free_selection_details            random 
_refine.pdbx_overall_ESU_R_Free                  ? 
_refine.overall_SU_ML                            0.23 
_refine.overall_SU_B                             ? 
_refine.overall_SU_R_Cruickshank_DPI             ? 
_refine.ls_redundancy_reflns_obs                 ? 
_refine.B_iso_min                                ? 
_refine.B_iso_max                                ? 
_refine.overall_SU_R_free                        ? 
_refine.ls_wR_factor_R_free                      ? 
_refine.ls_wR_factor_R_work                      ? 
_refine.overall_FOM_free_R_set                   ? 
_refine.overall_FOM_work_R_set                   ? 
_refine.pdbx_overall_phase_error                 24.56 
_refine.pdbx_refine_id                           'X-RAY DIFFRACTION' 
_refine.pdbx_overall_ESU_R                       ? 
_refine.pdbx_diffrn_id                           1 
_refine.pdbx_TLS_residual_ADP_flag               ? 
_refine.pdbx_overall_SU_R_free_Cruickshank_DPI   ? 
_refine.pdbx_overall_SU_R_Blow_DPI               ? 
_refine.pdbx_overall_SU_R_free_Blow_DPI          ? 
# 
_refine_hist.pdbx_refine_id                   'X-RAY DIFFRACTION' 
_refine_hist.cycle_id                         LAST 
_refine_hist.pdbx_number_atoms_protein        1082 
_refine_hist.pdbx_number_atoms_nucleic_acid   0 
_refine_hist.pdbx_number_atoms_ligand         28 
_refine_hist.number_atoms_solvent             153 
_refine_hist.number_atoms_total               1263 
_refine_hist.d_res_high                       1.6967 
_refine_hist.d_res_low                        23.118 
# 
loop_
_refine_ls_restr.type 
_refine_ls_restr.dev_ideal 
_refine_ls_restr.dev_ideal_target 
_refine_ls_restr.weight 
_refine_ls_restr.number 
_refine_ls_restr.pdbx_refine_id 
_refine_ls_restr.pdbx_restraint_function 
f_bond_d           0.008  ? ? 1124 'X-RAY DIFFRACTION' ? 
f_angle_d          1.137  ? ? 1523 'X-RAY DIFFRACTION' ? 
f_dihedral_angle_d 13.902 ? ? 416  'X-RAY DIFFRACTION' ? 
f_chiral_restr     0.110  ? ? 174  'X-RAY DIFFRACTION' ? 
f_plane_restr      0.005  ? ? 190  'X-RAY DIFFRACTION' ? 
# 
loop_
_refine_ls_shell.pdbx_total_number_of_bins_used 
_refine_ls_shell.d_res_high 
_refine_ls_shell.d_res_low 
_refine_ls_shell.number_reflns_R_work 
_refine_ls_shell.R_factor_R_work 
_refine_ls_shell.percent_reflns_obs 
_refine_ls_shell.R_factor_R_free 
_refine_ls_shell.R_factor_R_free_error 
_refine_ls_shell.percent_reflns_R_free 
_refine_ls_shell.number_reflns_R_free 
_refine_ls_shell.number_reflns_all 
_refine_ls_shell.R_factor_all 
_refine_ls_shell.number_reflns_obs 
_refine_ls_shell.redundancy_reflns_obs 
_refine_ls_shell.pdbx_refine_id 
. 1.6967 1.7391  1155 0.3287 82.00 0.3351 . . 118 . . . . 'X-RAY DIFFRACTION' 
. 1.7391 1.7861  1249 0.2944 88.00 0.3442 . . 127 . . . . 'X-RAY DIFFRACTION' 
. 1.7861 1.8386  1277 0.2575 90.00 0.2863 . . 128 . . . . 'X-RAY DIFFRACTION' 
. 1.8386 1.8979  1313 0.2137 92.00 0.2369 . . 133 . . . . 'X-RAY DIFFRACTION' 
. 1.8979 1.9657  1356 0.2011 94.00 0.2362 . . 133 . . . . 'X-RAY DIFFRACTION' 
. 1.9657 2.0444  1345 0.2049 94.00 0.2301 . . 141 . . . . 'X-RAY DIFFRACTION' 
. 2.0444 2.1374  1365 0.2113 96.00 0.2502 . . 141 . . . . 'X-RAY DIFFRACTION' 
. 2.1374 2.2500  1383 0.2171 97.00 0.2755 . . 143 . . . . 'X-RAY DIFFRACTION' 
. 2.2500 2.3908  1375 0.2181 96.00 0.2474 . . 141 . . . . 'X-RAY DIFFRACTION' 
. 2.3908 2.5752  1417 0.2050 97.00 0.2142 . . 146 . . . . 'X-RAY DIFFRACTION' 
. 2.5752 2.8339  1398 0.1988 98.00 0.2910 . . 143 . . . . 'X-RAY DIFFRACTION' 
. 2.8339 3.2430  1426 0.2168 97.00 0.2323 . . 145 . . . . 'X-RAY DIFFRACTION' 
. 3.2430 4.0822  1427 0.1989 97.00 0.2130 . . 145 . . . . 'X-RAY DIFFRACTION' 
. 4.0822 23.1201 1448 0.2479 93.00 0.2908 . . 148 . . . . 'X-RAY DIFFRACTION' 
# 
_struct.entry_id                  3QIN 
_struct.title                     
'Crystal Structure of HIV-1 RNase H p15 with engineered E. coli loop and pyrimidinol carboxylic acid inhibitor' 
_struct.pdbx_model_details        ? 
_struct.pdbx_CASP_flag            ? 
_struct.pdbx_model_type_details   ? 
# 
_struct_keywords.entry_id        3QIN 
_struct_keywords.pdbx_keywords   'TRANSFERASE, HYDROLASE/INHIBITOR' 
_struct_keywords.text            'RNase H, HIV-1, inhibitor, nuclease, TRANSFERASE, HYDROLASE-INHIBITOR complex' 
# 
loop_
_struct_asym.id 
_struct_asym.pdbx_blank_PDB_chainid_flag 
_struct_asym.pdbx_modified 
_struct_asym.entity_id 
_struct_asym.details 
A N N 1 ? 
B N N 2 ? 
C N N 2 ? 
D N N 3 ? 
E N N 4 ? 
F N N 5 ? 
# 
loop_
_struct_conf.conf_type_id 
_struct_conf.id 
_struct_conf.pdbx_PDB_helix_id 
_struct_conf.beg_label_comp_id 
_struct_conf.beg_label_asym_id 
_struct_conf.beg_label_seq_id 
_struct_conf.pdbx_beg_PDB_ins_code 
_struct_conf.end_label_comp_id 
_struct_conf.end_label_asym_id 
_struct_conf.end_label_seq_id 
_struct_conf.pdbx_end_PDB_ins_code 
_struct_conf.beg_auth_comp_id 
_struct_conf.beg_auth_asym_id 
_struct_conf.beg_auth_seq_id 
_struct_conf.end_auth_comp_id 
_struct_conf.end_auth_asym_id 
_struct_conf.end_auth_seq_id 
_struct_conf.pdbx_PDB_helix_class 
_struct_conf.details 
_struct_conf.pdbx_PDB_helix_length 
HELX_P HELX_P1 1 THR A 48  ? SER A 64  ? THR A 473 SER A 489 1 ? 17 
HELX_P HELX_P2 2 SER A 74  ? LYS A 89  ? SER A 499 LYS A 86  1 ? 16 
HELX_P HELX_P3 3 ASN A 103 ? ILE A 115 ? ASN A 100 ILE A 526 1 ? 13 
HELX_P HELX_P4 4 ILE A 131 ? ALA A 143 ? ILE A 542 ALA A 554 1 ? 13 
# 
_struct_conf_type.id          HELX_P 
_struct_conf_type.criteria    ? 
_struct_conf_type.reference   ? 
# 
loop_
_struct_conn.id 
_struct_conn.conn_type_id 
_struct_conn.pdbx_leaving_atom_flag 
_struct_conn.pdbx_PDB_id 
_struct_conn.ptnr1_label_asym_id 
_struct_conn.ptnr1_label_comp_id 
_struct_conn.ptnr1_label_seq_id 
_struct_conn.ptnr1_label_atom_id 
_struct_conn.pdbx_ptnr1_label_alt_id 
_struct_conn.pdbx_ptnr1_PDB_ins_code 
_struct_conn.pdbx_ptnr1_standard_comp_id 
_struct_conn.ptnr1_symmetry 
_struct_conn.ptnr2_label_asym_id 
_struct_conn.ptnr2_label_comp_id 
_struct_conn.ptnr2_label_seq_id 
_struct_conn.ptnr2_label_atom_id 
_struct_conn.pdbx_ptnr2_label_alt_id 
_struct_conn.pdbx_ptnr2_PDB_ins_code 
_struct_conn.ptnr1_auth_asym_id 
_struct_conn.ptnr1_auth_comp_id 
_struct_conn.ptnr1_auth_seq_id 
_struct_conn.ptnr2_auth_asym_id 
_struct_conn.ptnr2_auth_comp_id 
_struct_conn.ptnr2_auth_seq_id 
_struct_conn.ptnr2_symmetry 
_struct_conn.pdbx_ptnr3_label_atom_id 
_struct_conn.pdbx_ptnr3_label_seq_id 
_struct_conn.pdbx_ptnr3_label_comp_id 
_struct_conn.pdbx_ptnr3_label_asym_id 
_struct_conn.pdbx_ptnr3_label_alt_id 
_struct_conn.pdbx_ptnr3_PDB_ins_code 
_struct_conn.details 
_struct_conn.pdbx_dist_value 
_struct_conn.pdbx_value_order 
_struct_conn.pdbx_role 
metalc1  metalc ? ? B MN . MN ? ? ? 1_555 A ASP 18  OD1 ? ? A MN 1 A ASP 443 1_555 ? ? ? ? ? ? ? 2.073 ? ? 
metalc2  metalc ? ? B MN . MN ? ? ? 1_555 A GLU 53  OE1 ? ? A MN 1 A GLU 478 1_555 ? ? ? ? ? ? ? 2.044 ? ? 
metalc3  metalc ? ? B MN . MN ? ? ? 1_555 A ASP 73  OD2 ? ? A MN 1 A ASP 498 1_555 ? ? ? ? ? ? ? 2.129 ? ? 
metalc4  metalc ? ? B MN . MN ? ? ? 1_555 E P1Y .   O14 ? ? A MN 1 A P1Y 700 1_555 ? ? ? ? ? ? ? 1.997 ? ? 
metalc5  metalc ? ? B MN . MN ? ? ? 1_555 E P1Y .   O18 ? ? A MN 1 A P1Y 700 1_555 ? ? ? ? ? ? ? 2.241 ? ? 
metalc6  metalc ? ? C MN . MN ? ? ? 1_555 A ASP 18  OD2 ? ? A MN 2 A ASP 443 1_555 ? ? ? ? ? ? ? 2.144 ? ? 
metalc7  metalc ? ? C MN . MN ? ? ? 1_555 A ASP 138 OD2 ? ? A MN 2 A ASP 549 1_555 ? ? ? ? ? ? ? 2.124 ? ? 
metalc8  metalc ? ? C MN . MN ? ? ? 1_555 F HOH .   O   ? ? A MN 2 A HOH 562 1_555 ? ? ? ? ? ? ? 2.226 ? ? 
metalc9  metalc ? ? C MN . MN ? ? ? 1_555 F HOH .   O   ? ? A MN 2 A HOH 563 1_555 ? ? ? ? ? ? ? 2.211 ? ? 
metalc10 metalc ? ? C MN . MN ? ? ? 1_555 E P1Y .   O15 ? ? A MN 2 A P1Y 700 1_555 ? ? ? ? ? ? ? 2.187 ? ? 
metalc11 metalc ? ? C MN . MN ? ? ? 1_555 E P1Y .   O14 ? ? A MN 2 A P1Y 700 1_555 ? ? ? ? ? ? ? 2.390 ? ? 
# 
_struct_conn_type.id          metalc 
_struct_conn_type.criteria    ? 
_struct_conn_type.reference   ? 
# 
_struct_sheet.id               A 
_struct_sheet.type             ? 
_struct_sheet.number_strands   5 
_struct_sheet.details          ? 
# 
loop_
_struct_sheet_order.sheet_id 
_struct_sheet_order.range_id_1 
_struct_sheet_order.range_id_2 
_struct_sheet_order.offset 
_struct_sheet_order.sense 
A 1 2 ? anti-parallel 
A 2 3 ? anti-parallel 
A 3 4 ? parallel      
A 4 5 ? parallel      
# 
loop_
_struct_sheet_range.sheet_id 
_struct_sheet_range.id 
_struct_sheet_range.beg_label_comp_id 
_struct_sheet_range.beg_label_asym_id 
_struct_sheet_range.beg_label_seq_id 
_struct_sheet_range.pdbx_beg_PDB_ins_code 
_struct_sheet_range.end_label_comp_id 
_struct_sheet_range.end_label_asym_id 
_struct_sheet_range.end_label_seq_id 
_struct_sheet_range.pdbx_end_PDB_ins_code 
_struct_sheet_range.beg_auth_comp_id 
_struct_sheet_range.beg_auth_asym_id 
_struct_sheet_range.beg_auth_seq_id 
_struct_sheet_range.end_auth_comp_id 
_struct_sheet_range.end_auth_asym_id 
_struct_sheet_range.end_auth_seq_id 
A 1 GLN A 39  ? LEU A 44  ? GLN A 464 LEU A 469 
A 2 GLY A 28  ? THR A 34  ? GLY A 453 THR A 459 
A 3 THR A 14  ? ALA A 21  ? THR A 439 ALA A 446 
A 4 GLU A 67  ? THR A 72  ? GLU A 492 THR A 497 
A 5 LYS A 119 ? TRP A 124 ? LYS A 530 TRP A 535 
# 
loop_
_pdbx_struct_sheet_hbond.sheet_id 
_pdbx_struct_sheet_hbond.range_id_1 
_pdbx_struct_sheet_hbond.range_id_2 
_pdbx_struct_sheet_hbond.range_1_label_atom_id 
_pdbx_struct_sheet_hbond.range_1_label_comp_id 
_pdbx_struct_sheet_hbond.range_1_label_asym_id 
_pdbx_struct_sheet_hbond.range_1_label_seq_id 
_pdbx_struct_sheet_hbond.range_1_PDB_ins_code 
_pdbx_struct_sheet_hbond.range_1_auth_atom_id 
_pdbx_struct_sheet_hbond.range_1_auth_comp_id 
_pdbx_struct_sheet_hbond.range_1_auth_asym_id 
_pdbx_struct_sheet_hbond.range_1_auth_seq_id 
_pdbx_struct_sheet_hbond.range_2_label_atom_id 
_pdbx_struct_sheet_hbond.range_2_label_comp_id 
_pdbx_struct_sheet_hbond.range_2_label_asym_id 
_pdbx_struct_sheet_hbond.range_2_label_seq_id 
_pdbx_struct_sheet_hbond.range_2_PDB_ins_code 
_pdbx_struct_sheet_hbond.range_2_auth_atom_id 
_pdbx_struct_sheet_hbond.range_2_auth_comp_id 
_pdbx_struct_sheet_hbond.range_2_auth_asym_id 
_pdbx_struct_sheet_hbond.range_2_auth_seq_id 
A 1 2 O VAL A 42 ? O VAL A 467 N ALA A 30  ? N ALA A 455 
A 2 3 O VAL A 33 ? O VAL A 458 N TYR A 16  ? N TYR A 441 
A 3 4 N PHE A 15 ? N PHE A 440 O VAL A 71  ? O VAL A 496 
A 4 5 N ILE A 70 ? N ILE A 495 O TYR A 121 ? O TYR A 532 
# 
loop_
_struct_site.id 
_struct_site.pdbx_evidence_code 
_struct_site.pdbx_auth_asym_id 
_struct_site.pdbx_auth_comp_id 
_struct_site.pdbx_auth_seq_id 
_struct_site.pdbx_auth_ins_code 
_struct_site.pdbx_num_residues 
_struct_site.details 
AC1 Software A MN  1   ? 4  'BINDING SITE FOR RESIDUE MN A 1'    
AC2 Software A MN  2   ? 5  'BINDING SITE FOR RESIDUE MN A 2'    
AC3 Software A SO4 3   ? 3  'BINDING SITE FOR RESIDUE SO4 A 3'   
AC4 Software A P1Y 700 ? 18 'BINDING SITE FOR RESIDUE P1Y A 700' 
# 
loop_
_struct_site_gen.id 
_struct_site_gen.site_id 
_struct_site_gen.pdbx_num_res 
_struct_site_gen.label_comp_id 
_struct_site_gen.label_asym_id 
_struct_site_gen.label_seq_id 
_struct_site_gen.pdbx_auth_ins_code 
_struct_site_gen.auth_comp_id 
_struct_site_gen.auth_asym_id 
_struct_site_gen.auth_seq_id 
_struct_site_gen.label_atom_id 
_struct_site_gen.label_alt_id 
_struct_site_gen.symmetry 
_struct_site_gen.details 
1  AC1 4  ASP A 18  ? ASP A 443 . ? 1_555 ? 
2  AC1 4  GLU A 53  ? GLU A 478 . ? 1_555 ? 
3  AC1 4  ASP A 73  ? ASP A 498 . ? 1_555 ? 
4  AC1 4  P1Y E .   ? P1Y A 700 . ? 1_555 ? 
5  AC2 5  ASP A 18  ? ASP A 443 . ? 1_555 ? 
6  AC2 5  ASP A 138 ? ASP A 549 . ? 1_555 ? 
7  AC2 5  HOH F .   ? HOH A 562 . ? 1_555 ? 
8  AC2 5  HOH F .   ? HOH A 563 . ? 1_555 ? 
9  AC2 5  P1Y E .   ? P1Y A 700 . ? 1_555 ? 
10 AC3 3  HOH F .   ? HOH A 6   . ? 1_555 ? 
11 AC3 3  ARG A 36  ? ARG A 461 . ? 1_555 ? 
12 AC3 3  HOH F .   ? HOH A 587 . ? 1_555 ? 
13 AC4 18 MN  B .   ? MN  A 1   . ? 1_555 ? 
14 AC4 18 MN  C .   ? MN  A 2   . ? 1_555 ? 
15 AC4 18 HOH F .   ? HOH A 18  . ? 1_555 ? 
16 AC4 18 HOH F .   ? HOH A 23  . ? 8_555 ? 
17 AC4 18 HOH F .   ? HOH A 106 . ? 1_555 ? 
18 AC4 18 ASP A 18  ? ASP A 443 . ? 1_555 ? 
19 AC4 18 GLU A 53  ? GLU A 478 . ? 1_555 ? 
20 AC4 18 ASP A 73  ? ASP A 498 . ? 1_555 ? 
21 AC4 18 GLN A 75  ? GLN A 500 . ? 8_555 ? 
22 AC4 18 TYR A 76  ? TYR A 501 . ? 8_555 ? 
23 AC4 18 GLY A 79  ? GLY A 504 . ? 8_555 ? 
24 AC4 18 ALA A 127 ? ALA A 538 . ? 1_555 ? 
25 AC4 18 HIS A 128 ? HIS A 539 . ? 1_555 ? 
26 AC4 18 ASP A 138 ? ASP A 549 . ? 1_555 ? 
27 AC4 18 ARG A 146 ? ARG A 557 . ? 1_555 ? 
28 AC4 18 HOH F .   ? HOH A 562 . ? 1_555 ? 
29 AC4 18 HOH F .   ? HOH A 563 . ? 1_555 ? 
30 AC4 18 HOH F .   ? HOH A 570 . ? 1_555 ? 
# 
_atom_sites.entry_id                    3QIN 
_atom_sites.fract_transf_matrix[1][1]   0.00215305 
_atom_sites.fract_transf_matrix[1][2]   -0.02483766 
_atom_sites.fract_transf_matrix[1][3]   -0.00642741 
_atom_sites.fract_transf_matrix[2][1]   0.00545055 
_atom_sites.fract_transf_matrix[2][2]   -0.00196714 
_atom_sites.fract_transf_matrix[2][3]   0.00942753 
_atom_sites.fract_transf_matrix[3][1]   -0.00774001 
_atom_sites.fract_transf_matrix[3][2]   -0.00173525 
_atom_sites.fract_transf_matrix[3][3]   0.00411283 
_atom_sites.fract_transf_vector[1]      0.127871 
_atom_sites.fract_transf_vector[2]      0.104601 
_atom_sites.fract_transf_vector[3]      0.161704 
# 
loop_
_atom_type.symbol 
BR 
C  
MN 
N  
O  
S  
# 
loop_
_atom_site.group_PDB 
_atom_site.id 
_atom_site.type_symbol 
_atom_site.label_atom_id 
_atom_site.label_alt_id 
_atom_site.label_comp_id 
_atom_site.label_asym_id 
_atom_site.label_entity_id 
_atom_site.label_seq_id 
_atom_site.pdbx_PDB_ins_code 
_atom_site.Cartn_x 
_atom_site.Cartn_y 
_atom_site.Cartn_z 
_atom_site.occupancy 
_atom_site.B_iso_or_equiv 
_atom_site.pdbx_formal_charge 
_atom_site.auth_seq_id 
_atom_site.auth_comp_id 
_atom_site.auth_asym_id 
_atom_site.auth_atom_id 
_atom_site.pdbx_PDB_model_num 
ATOM   1    N  N    . MET A 1 1   ? 13.971  -4.724  -10.574 1.00 22.33 ? 426 MET A N    1 
ATOM   2    C  CA   . MET A 1 1   ? 12.741  -5.410  -11.003 1.00 23.96 ? 426 MET A CA   1 
ATOM   3    C  C    . MET A 1 1   ? 12.092  -4.715  -12.204 1.00 23.97 ? 426 MET A C    1 
ATOM   4    O  O    . MET A 1 1   ? 11.979  -3.488  -12.229 1.00 25.62 ? 426 MET A O    1 
ATOM   5    C  CB   . MET A 1 1   ? 11.749  -5.484  -9.828  1.00 27.50 ? 426 MET A CB   1 
ATOM   6    C  CG   . MET A 1 1   ? 10.498  -6.287  -10.091 1.00 34.96 ? 426 MET A CG   1 
ATOM   7    S  SD   . MET A 1 1   ? 9.057   -5.344  -9.563  1.00 56.69 ? 426 MET A SD   1 
ATOM   8    C  CE   . MET A 1 1   ? 9.341   -3.882  -10.589 1.00 23.12 ? 426 MET A CE   1 
ATOM   9    N  N    . TYR A 1 2   ? 11.657  -5.493  -13.195 1.00 22.80 ? 427 TYR A N    1 
ATOM   10   C  CA   . TYR A 1 2   ? 10.945  -4.924  -14.343 1.00 24.59 ? 427 TYR A CA   1 
ATOM   11   C  C    . TYR A 1 2   ? 9.548   -5.527  -14.501 1.00 25.90 ? 427 TYR A C    1 
ATOM   12   O  O    . TYR A 1 2   ? 8.741   -5.042  -15.302 1.00 30.37 ? 427 TYR A O    1 
ATOM   13   C  CB   . TYR A 1 2   ? 11.748  -5.059  -15.652 1.00 26.73 ? 427 TYR A CB   1 
ATOM   14   C  CG   . TYR A 1 2   ? 12.050  -6.486  -16.036 1.00 27.26 ? 427 TYR A CG   1 
ATOM   15   C  CD1  . TYR A 1 2   ? 11.181  -7.209  -16.855 1.00 28.61 ? 427 TYR A CD1  1 
ATOM   16   C  CD2  . TYR A 1 2   ? 13.189  -7.118  -15.569 1.00 27.16 ? 427 TYR A CD2  1 
ATOM   17   C  CE1  . TYR A 1 2   ? 11.456  -8.530  -17.201 1.00 28.14 ? 427 TYR A CE1  1 
ATOM   18   C  CE2  . TYR A 1 2   ? 13.471  -8.426  -15.905 1.00 31.83 ? 427 TYR A CE2  1 
ATOM   19   C  CZ   . TYR A 1 2   ? 12.604  -9.126  -16.721 1.00 34.87 ? 427 TYR A CZ   1 
ATOM   20   O  OH   . TYR A 1 2   ? 12.899  -10.430 -17.047 1.00 44.66 ? 427 TYR A OH   1 
ATOM   21   N  N    . GLN A 1 3   ? 9.258   -6.569  -13.725 1.00 23.59 ? 428 GLN A N    1 
ATOM   22   C  CA   . GLN A 1 3   ? 7.913   -7.135  -13.721 1.00 24.00 ? 428 GLN A CA   1 
ATOM   23   C  C    . GLN A 1 3   ? 7.576   -7.675  -12.343 1.00 24.96 ? 428 GLN A C    1 
ATOM   24   O  O    . GLN A 1 3   ? 8.461   -8.111  -11.604 1.00 26.15 ? 428 GLN A O    1 
ATOM   25   C  CB   . GLN A 1 3   ? 7.785   -8.236  -14.768 1.00 31.90 ? 428 GLN A CB   1 
ATOM   26   C  CG   . GLN A 1 3   ? 8.641   -9.457  -14.518 1.00 36.02 ? 428 GLN A CG   1 
ATOM   27   C  CD   . GLN A 1 3   ? 8.661   -10.393 -15.715 1.00 44.44 ? 428 GLN A CD   1 
ATOM   28   O  OE1  . GLN A 1 3   ? 9.465   -11.322 -15.784 1.00 49.03 ? 428 GLN A OE1  1 
ATOM   29   N  NE2  . GLN A 1 3   ? 7.770   -10.150 -16.662 1.00 42.15 ? 428 GLN A NE2  1 
ATOM   30   N  N    . LEU A 1 4   ? 6.289   -7.657  -12.018 1.00 22.33 ? 429 LEU A N    1 
ATOM   31   C  CA   . LEU A 1 4   ? 5.833   -8.097  -10.703 1.00 26.05 ? 429 LEU A CA   1 
ATOM   32   C  C    . LEU A 1 4   ? 5.797   -9.613  -10.678 1.00 29.15 ? 429 LEU A C    1 
ATOM   33   O  O    . LEU A 1 4   ? 5.620   -10.248 -11.718 1.00 25.27 ? 429 LEU A O    1 
ATOM   34   C  CB   . LEU A 1 4   ? 4.440   -7.539  -10.424 1.00 25.84 ? 429 LEU A CB   1 
ATOM   35   C  CG   . LEU A 1 4   ? 4.350   -6.015  -10.245 1.00 25.59 ? 429 LEU A CG   1 
ATOM   36   C  CD1  . LEU A 1 4   ? 2.891   -5.563  -10.239 1.00 27.78 ? 429 LEU A CD1  1 
ATOM   37   C  CD2  . LEU A 1 4   ? 5.059   -5.590  -8.955  1.00 24.84 ? 429 LEU A CD2  1 
ATOM   38   N  N    . GLU A 1 5   ? 5.964   -10.183 -9.487  1.00 23.19 ? 430 GLU A N    1 
ATOM   39   C  CA   . GLU A 1 5   ? 5.865   -11.623 -9.290  1.00 26.24 ? 430 GLU A CA   1 
ATOM   40   C  C    . GLU A 1 5   ? 4.434   -12.105 -9.502  1.00 25.95 ? 430 GLU A C    1 
ATOM   41   O  O    . GLU A 1 5   ? 3.474   -11.387 -9.208  1.00 27.88 ? 430 GLU A O    1 
ATOM   42   C  CB   . GLU A 1 5   ? 6.298   -11.981 -7.872  1.00 25.35 ? 430 GLU A CB   1 
ATOM   43   C  CG   . GLU A 1 5   ? 7.758   -11.637 -7.559  1.00 27.84 ? 430 GLU A CG   1 
ATOM   44   C  CD   . GLU A 1 5   ? 8.728   -12.323 -8.508  1.00 35.11 ? 430 GLU A CD   1 
ATOM   45   O  OE1  . GLU A 1 5   ? 8.711   -13.572 -8.565  1.00 41.90 ? 430 GLU A OE1  1 
ATOM   46   O  OE2  . GLU A 1 5   ? 9.499   -11.621 -9.201  1.00 34.76 ? 430 GLU A OE2  1 
ATOM   47   N  N    . LYS A 1 6   ? 4.302   -13.336 -9.981  1.00 28.28 ? 431 LYS A N    1 
ATOM   48   C  CA   . LYS A 1 6   ? 3.003   -13.943 -10.215 1.00 32.18 ? 431 LYS A CA   1 
ATOM   49   C  C    . LYS A 1 6   ? 2.489   -14.600 -8.937  1.00 32.97 ? 431 LYS A C    1 
ATOM   50   O  O    . LYS A 1 6   ? 1.300   -14.853 -8.794  1.00 35.49 ? 431 LYS A O    1 
ATOM   51   C  CB   . LYS A 1 6   ? 3.094   -14.962 -11.358 1.00 38.98 ? 431 LYS A CB   1 
ATOM   52   C  CG   . LYS A 1 6   ? 3.521   -14.351 -12.691 1.00 51.15 ? 431 LYS A CG   1 
ATOM   53   C  CD   . LYS A 1 6   ? 3.672   -15.404 -13.786 1.00 60.88 ? 431 LYS A CD   1 
ATOM   54   C  CE   . LYS A 1 6   ? 2.347   -16.089 -14.094 1.00 67.40 ? 431 LYS A CE   1 
ATOM   55   N  NZ   . LYS A 1 6   ? 2.456   -17.037 -15.242 1.00 68.93 ? 431 LYS A NZ   1 
ATOM   56   N  N    . GLU A 1 7   ? 3.395   -14.861 -8.002  1.00 32.14 ? 432 GLU A N    1 
ATOM   57   C  CA   . GLU A 1 7   ? 3.027   -15.520 -6.756  1.00 37.71 ? 432 GLU A CA   1 
ATOM   58   C  C    . GLU A 1 7   ? 3.854   -14.957 -5.620  1.00 28.76 ? 432 GLU A C    1 
ATOM   59   O  O    . GLU A 1 7   ? 4.899   -14.356 -5.867  1.00 27.25 ? 432 GLU A O    1 
ATOM   60   C  CB   . GLU A 1 7   ? 3.275   -17.025 -6.868  1.00 42.74 ? 432 GLU A CB   1 
ATOM   61   C  CG   . GLU A 1 7   ? 4.723   -17.380 -7.088  1.00 45.38 ? 432 GLU A CG   1 
ATOM   62   C  CD   . GLU A 1 7   ? 4.888   -18.702 -7.813  1.00 56.14 ? 432 GLU A CD   1 
ATOM   63   O  OE1  . GLU A 1 7   ? 5.822   -19.452 -7.467  1.00 60.51 ? 432 GLU A OE1  1 
ATOM   64   O  OE2  . GLU A 1 7   ? 4.092   -18.988 -8.736  1.00 56.51 ? 432 GLU A OE2  1 
ATOM   65   N  N    . PRO A 1 8   ? 3.394   -15.168 -4.372  1.00 28.21 ? 433 PRO A N    1 
ATOM   66   C  CA   . PRO A 1 8   ? 4.083   -14.671 -3.184  1.00 29.26 ? 433 PRO A CA   1 
ATOM   67   C  C    . PRO A 1 8   ? 5.523   -15.148 -3.137  1.00 30.68 ? 433 PRO A C    1 
ATOM   68   O  O    . PRO A 1 8   ? 5.850   -16.273 -3.538  1.00 30.02 ? 433 PRO A O    1 
ATOM   69   C  CB   . PRO A 1 8   ? 3.283   -15.283 -2.030  1.00 30.34 ? 433 PRO A CB   1 
ATOM   70   C  CG   . PRO A 1 8   ? 1.934   -15.486 -2.585  1.00 30.96 ? 433 PRO A CG   1 
ATOM   71   C  CD   . PRO A 1 8   ? 2.149   -15.873 -4.021  1.00 27.99 ? 433 PRO A CD   1 
ATOM   72   N  N    . ILE A 1 9   ? 6.389   -14.273 -2.649  1.00 23.51 ? 434 ILE A N    1 
ATOM   73   C  CA   . ILE A 1 9   ? 7.797   -14.604 -2.495  1.00 22.79 ? 434 ILE A CA   1 
ATOM   74   C  C    . ILE A 1 9   ? 8.031   -15.328 -1.171  1.00 26.95 ? 434 ILE A C    1 
ATOM   75   O  O    . ILE A 1 9   ? 7.816   -14.774 -0.091  1.00 26.81 ? 434 ILE A O    1 
ATOM   76   C  CB   . ILE A 1 9   ? 8.670   -13.338 -2.565  1.00 21.99 ? 434 ILE A CB   1 
ATOM   77   C  CG1  . ILE A 1 9   ? 8.332   -12.552 -3.844  1.00 26.11 ? 434 ILE A CG1  1 
ATOM   78   C  CG2  . ILE A 1 9   ? 10.139  -13.713 -2.472  1.00 25.85 ? 434 ILE A CG2  1 
ATOM   79   C  CD1  . ILE A 1 9   ? 8.495   -11.042 -3.712  1.00 25.04 ? 434 ILE A CD1  1 
ATOM   80   N  N    . VAL A 1 10  ? 8.458   -16.582 -1.260  1.00 25.21 ? 435 VAL A N    1 
ATOM   81   C  CA   . VAL A 1 10  ? 8.775   -17.362 -0.060  1.00 31.19 ? 435 VAL A CA   1 
ATOM   82   C  C    . VAL A 1 10  ? 9.910   -16.716 0.725   1.00 33.63 ? 435 VAL A C    1 
ATOM   83   O  O    . VAL A 1 10  ? 10.940  -16.374 0.163   1.00 33.26 ? 435 VAL A O    1 
ATOM   84   C  CB   . VAL A 1 10  ? 9.192   -18.802 -0.426  1.00 32.65 ? 435 VAL A CB   1 
ATOM   85   C  CG1  . VAL A 1 10  ? 9.656   -19.549 0.806   1.00 35.98 ? 435 VAL A CG1  1 
ATOM   86   C  CG2  . VAL A 1 10  ? 8.025   -19.520 -1.090  1.00 30.38 ? 435 VAL A CG2  1 
ATOM   87   N  N    . GLY A 1 11  ? 9.701   -16.534 2.020   1.00 32.51 ? 436 GLY A N    1 
ATOM   88   C  CA   . GLY A 1 11  ? 10.728  -15.985 2.884   1.00 34.87 ? 436 GLY A CA   1 
ATOM   89   C  C    . GLY A 1 11  ? 10.861  -14.474 2.854   1.00 37.95 ? 436 GLY A C    1 
ATOM   90   O  O    . GLY A 1 11  ? 11.798  -13.920 3.426   1.00 41.56 ? 436 GLY A O    1 
ATOM   91   N  N    . ALA A 1 12  ? 9.937   -13.798 2.182   1.00 27.98 ? 437 ALA A N    1 
ATOM   92   C  CA   . ALA A 1 12  ? 9.975   -12.345 2.143   1.00 24.22 ? 437 ALA A CA   1 
ATOM   93   C  C    . ALA A 1 12  ? 8.934   -11.799 3.088   1.00 22.70 ? 437 ALA A C    1 
ATOM   94   O  O    . ALA A 1 12  ? 7.842   -12.363 3.210   1.00 28.06 ? 437 ALA A O    1 
ATOM   95   C  CB   . ALA A 1 12  ? 9.719   -11.825 0.712   1.00 25.85 ? 437 ALA A CB   1 
ATOM   96   N  N    . GLU A 1 13  ? 9.256   -10.682 3.728   1.00 20.37 ? 438 GLU A N    1 
ATOM   97   C  CA   . GLU A 1 13  ? 8.313   -10.017 4.604   1.00 19.36 ? 438 GLU A CA   1 
ATOM   98   C  C    . GLU A 1 13  ? 7.040   -9.651  3.832   1.00 19.83 ? 438 GLU A C    1 
ATOM   99   O  O    . GLU A 1 13  ? 7.107   -9.203  2.699   1.00 21.18 ? 438 GLU A O    1 
ATOM   100  C  CB   . GLU A 1 13  ? 8.961   -8.759  5.189   1.00 19.36 ? 438 GLU A CB   1 
ATOM   101  C  CG   . GLU A 1 13  ? 8.192   -8.187  6.381   1.00 15.94 ? 438 GLU A CG   1 
ATOM   102  C  CD   . GLU A 1 13  ? 8.985   -7.129  7.111   1.00 20.47 ? 438 GLU A CD   1 
ATOM   103  O  OE1  . GLU A 1 13  ? 10.055  -6.729  6.608   1.00 21.92 ? 438 GLU A OE1  1 
ATOM   104  O  OE2  . GLU A 1 13  ? 8.555   -6.711  8.206   1.00 22.70 ? 438 GLU A OE2  1 
ATOM   105  N  N    . THR A 1 14  ? 5.886   -9.828  4.463   1.00 19.73 ? 439 THR A N    1 
ATOM   106  C  CA   . THR A 1 14  ? 4.601   -9.478  3.843   1.00 19.31 ? 439 THR A CA   1 
ATOM   107  C  C    . THR A 1 14  ? 4.005   -8.290  4.575   1.00 19.04 ? 439 THR A C    1 
ATOM   108  O  O    . THR A 1 14  ? 3.770   -8.350  5.772   1.00 21.87 ? 439 THR A O    1 
ATOM   109  C  CB   . THR A 1 14  ? 3.622   -10.647 3.880   1.00 22.25 ? 439 THR A CB   1 
ATOM   110  O  OG1  . THR A 1 14  ? 4.173   -11.729 3.121   1.00 21.35 ? 439 THR A OG1  1 
ATOM   111  C  CG2  . THR A 1 14  ? 2.257   -10.264 3.295   1.00 22.35 ? 439 THR A CG2  1 
ATOM   112  N  N    . PHE A 1 15  ? 3.773   -7.214  3.832   1.00 18.69 ? 440 PHE A N    1 
ATOM   113  C  CA   . PHE A 1 15  ? 3.229   -5.979  4.370   1.00 20.48 ? 440 PHE A CA   1 
ATOM   114  C  C    . PHE A 1 15  ? 1.764   -5.874  3.997   1.00 20.20 ? 440 PHE A C    1 
ATOM   115  O  O    . PHE A 1 15  ? 1.421   -5.926  2.810   1.00 22.57 ? 440 PHE A O    1 
ATOM   116  C  CB   . PHE A 1 15  ? 3.949   -4.788  3.726   1.00 19.83 ? 440 PHE A CB   1 
ATOM   117  C  CG   . PHE A 1 15  ? 5.323   -4.543  4.249   1.00 18.04 ? 440 PHE A CG   1 
ATOM   118  C  CD1  . PHE A 1 15  ? 6.339   -5.475  4.054   1.00 19.53 ? 440 PHE A CD1  1 
ATOM   119  C  CD2  . PHE A 1 15  ? 5.619   -3.356  4.927   1.00 17.93 ? 440 PHE A CD2  1 
ATOM   120  C  CE1  . PHE A 1 15  ? 7.625   -5.233  4.545   1.00 21.88 ? 440 PHE A CE1  1 
ATOM   121  C  CE2  . PHE A 1 15  ? 6.901   -3.114  5.412   1.00 19.95 ? 440 PHE A CE2  1 
ATOM   122  C  CZ   . PHE A 1 15  ? 7.905   -4.047  5.222   1.00 19.72 ? 440 PHE A CZ   1 
ATOM   123  N  N    . TYR A 1 16  ? 0.901   -5.760  5.001   1.00 17.44 ? 441 TYR A N    1 
ATOM   124  C  CA   . TYR A 1 16  ? -0.514  -5.459  4.774   1.00 18.36 ? 441 TYR A CA   1 
ATOM   125  C  C    . TYR A 1 16  ? -0.667  -3.949  4.920   1.00 18.82 ? 441 TYR A C    1 
ATOM   126  O  O    . TYR A 1 16  ? -0.394  -3.385  5.982   1.00 20.25 ? 441 TYR A O    1 
ATOM   127  C  CB   . TYR A 1 16  ? -1.366  -6.186  5.810   1.00 20.49 ? 441 TYR A CB   1 
ATOM   128  C  CG   . TYR A 1 16  ? -1.263  -7.683  5.654   1.00 18.75 ? 441 TYR A CG   1 
ATOM   129  C  CD1  . TYR A 1 16  ? -0.235  -8.399  6.268   1.00 24.42 ? 441 TYR A CD1  1 
ATOM   130  C  CD2  . TYR A 1 16  ? -2.155  -8.369  4.860   1.00 22.07 ? 441 TYR A CD2  1 
ATOM   131  C  CE1  . TYR A 1 16  ? -0.116  -9.768  6.103   1.00 25.32 ? 441 TYR A CE1  1 
ATOM   132  C  CE2  . TYR A 1 16  ? -2.051  -9.734  4.688   1.00 27.07 ? 441 TYR A CE2  1 
ATOM   133  C  CZ   . TYR A 1 16  ? -1.033  -10.427 5.310   1.00 28.82 ? 441 TYR A CZ   1 
ATOM   134  O  OH   . TYR A 1 16  ? -0.931  -11.790 5.136   1.00 32.43 ? 441 TYR A OH   1 
ATOM   135  N  N    . VAL A 1 17  ? -1.077  -3.303  3.836   1.00 18.77 ? 442 VAL A N    1 
ATOM   136  C  CA   . VAL A 1 17  ? -1.138  -1.850  3.791   1.00 21.38 ? 442 VAL A CA   1 
ATOM   137  C  C    . VAL A 1 17  ? -2.580  -1.390  3.780   1.00 23.10 ? 442 VAL A C    1 
ATOM   138  O  O    . VAL A 1 17  ? -3.465  -2.124  3.361   1.00 20.22 ? 442 VAL A O    1 
ATOM   139  C  CB   . VAL A 1 17  ? -0.415  -1.266  2.542   1.00 18.67 ? 442 VAL A CB   1 
ATOM   140  C  CG1  . VAL A 1 17  ? 1.107   -1.440  2.641   1.00 19.18 ? 442 VAL A CG1  1 
ATOM   141  C  CG2  . VAL A 1 17  ? -0.929  -1.872  1.224   1.00 18.84 ? 442 VAL A CG2  1 
ATOM   142  N  N    . ASP A 1 18  ? -2.812  -0.174  4.252   1.00 18.49 ? 443 ASP A N    1 
ATOM   143  C  CA   . ASP A 1 18  ? -4.129  0.429   4.119   1.00 20.19 ? 443 ASP A CA   1 
ATOM   144  C  C    . ASP A 1 18  ? -4.041  1.912   4.395   1.00 22.03 ? 443 ASP A C    1 
ATOM   145  O  O    . ASP A 1 18  ? -3.037  2.399   4.895   1.00 19.98 ? 443 ASP A O    1 
ATOM   146  C  CB   . ASP A 1 18  ? -5.117  -0.228  5.085   1.00 19.77 ? 443 ASP A CB   1 
ATOM   147  C  CG   . ASP A 1 18  ? -6.566  -0.003  4.680   1.00 19.40 ? 443 ASP A CG   1 
ATOM   148  O  OD1  . ASP A 1 18  ? -6.828  0.337   3.501   1.00 21.81 ? 443 ASP A OD1  1 
ATOM   149  O  OD2  . ASP A 1 18  ? -7.439  -0.146  5.559   1.00 21.93 ? 443 ASP A OD2  1 
ATOM   150  N  N    . GLY A 1 19  ? -5.097  2.632   4.035   1.00 21.34 ? 444 GLY A N    1 
ATOM   151  C  CA   . GLY A 1 19  ? -5.170  4.044   4.338   1.00 23.43 ? 444 GLY A CA   1 
ATOM   152  C  C    . GLY A 1 19  ? -6.598  4.436   4.638   1.00 23.61 ? 444 GLY A C    1 
ATOM   153  O  O    . GLY A 1 19  ? -7.550  3.730   4.263   1.00 23.23 ? 444 GLY A O    1 
ATOM   154  N  N    . ALA A 1 20  ? -6.752  5.554   5.335   1.00 24.38 ? 445 ALA A N    1 
ATOM   155  C  CA   . ALA A 1 20  ? -8.064  6.122   5.607   1.00 26.12 ? 445 ALA A CA   1 
ATOM   156  C  C    . ALA A 1 20  ? -7.913  7.633   5.588   1.00 28.82 ? 445 ALA A C    1 
ATOM   157  O  O    . ALA A 1 20  ? -6.867  8.164   5.958   1.00 26.95 ? 445 ALA A O    1 
ATOM   158  C  CB   . ALA A 1 20  ? -8.586  5.651   6.965   1.00 25.69 ? 445 ALA A CB   1 
ATOM   159  N  N    . ALA A 1 21  ? -8.948  8.335   5.151   1.00 31.07 ? 446 ALA A N    1 
ATOM   160  C  CA   . ALA A 1 21  ? -8.902  9.788   5.134   1.00 26.02 ? 446 ALA A CA   1 
ATOM   161  C  C    . ALA A 1 21  ? -10.271 10.365  5.417   1.00 34.88 ? 446 ALA A C    1 
ATOM   162  O  O    . ALA A 1 21  ? -11.292 9.730   5.154   1.00 30.35 ? 446 ALA A O    1 
ATOM   163  C  CB   . ALA A 1 21  ? -8.379  10.297  3.825   1.00 25.71 ? 446 ALA A CB   1 
ATOM   164  N  N    . ASN A 1 22  ? -10.274 11.574  5.964   1.00 33.96 ? 447 ASN A N    1 
ATOM   165  C  CA   . ASN A 1 22  ? -11.504 12.295  6.272   1.00 34.31 ? 447 ASN A CA   1 
ATOM   166  C  C    . ASN A 1 22  ? -11.875 13.162  5.084   1.00 34.27 ? 447 ASN A C    1 
ATOM   167  O  O    . ASN A 1 22  ? -11.078 13.990  4.653   1.00 35.27 ? 447 ASN A O    1 
ATOM   168  C  CB   . ASN A 1 22  ? -11.276 13.157  7.509   1.00 36.58 ? 447 ASN A CB   1 
ATOM   169  C  CG   . ASN A 1 22  ? -12.472 13.997  7.862   1.00 44.23 ? 447 ASN A CG   1 
ATOM   170  O  OD1  . ASN A 1 22  ? -12.695 15.049  7.266   1.00 46.15 ? 447 ASN A OD1  1 
ATOM   171  N  ND2  . ASN A 1 22  ? -13.249 13.543  8.838   1.00 43.40 ? 447 ASN A ND2  1 
ATOM   172  N  N    . ARG A 1 23  ? -13.078 12.953  4.548   1.00 40.31 ? 448 ARG A N    1 
ATOM   173  C  CA   . ARG A 1 23  ? -13.525 13.613  3.314   1.00 46.32 ? 448 ARG A CA   1 
ATOM   174  C  C    . ARG A 1 23  ? -13.472 15.144  3.353   1.00 46.97 ? 448 ARG A C    1 
ATOM   175  O  O    . ARG A 1 23  ? -13.116 15.784  2.360   1.00 51.58 ? 448 ARG A O    1 
ATOM   176  C  CB   . ARG A 1 23  ? -14.946 13.167  2.954   1.00 46.75 ? 448 ARG A CB   1 
ATOM   177  C  CG   . ARG A 1 23  ? -15.420 13.670  1.595   1.00 54.06 ? 448 ARG A CG   1 
ATOM   178  C  CD   . ARG A 1 23  ? -16.922 13.469  1.406   1.00 58.74 ? 448 ARG A CD   1 
ATOM   179  N  NE   . ARG A 1 23  ? -17.682 14.075  2.496   1.00 59.76 ? 448 ARG A NE   1 
ATOM   180  C  CZ   . ARG A 1 23  ? -17.822 15.386  2.668   1.00 58.53 ? 448 ARG A CZ   1 
ATOM   181  N  NH1  . ARG A 1 23  ? -17.252 16.234  1.820   1.00 55.36 ? 448 ARG A NH1  1 
ATOM   182  N  NH2  . ARG A 1 23  ? -18.529 15.849  3.690   1.00 61.81 ? 448 ARG A NH2  1 
ATOM   183  N  N    . GLU A 1 24  ? -13.837 15.724  4.492   1.00 43.30 ? 449 GLU A N    1 
ATOM   184  C  CA   . GLU A 1 24  ? -13.863 17.177  4.638   1.00 48.91 ? 449 GLU A CA   1 
ATOM   185  C  C    . GLU A 1 24  ? -12.502 17.800  4.963   1.00 53.73 ? 449 GLU A C    1 
ATOM   186  O  O    . GLU A 1 24  ? -12.107 18.795  4.353   1.00 55.38 ? 449 GLU A O    1 
ATOM   187  C  CB   . GLU A 1 24  ? -14.870 17.570  5.716   1.00 52.46 ? 449 GLU A CB   1 
ATOM   188  C  CG   . GLU A 1 24  ? -14.583 16.948  7.064   1.00 60.84 ? 449 GLU A CG   1 
ATOM   189  C  CD   . GLU A 1 24  ? -15.742 17.072  8.026   1.00 71.74 ? 449 GLU A CD   1 
ATOM   190  O  OE1  . GLU A 1 24  ? -15.842 16.228  8.942   1.00 74.89 ? 449 GLU A OE1  1 
ATOM   191  O  OE2  . GLU A 1 24  ? -16.549 18.013  7.865   1.00 75.84 ? 449 GLU A OE2  1 
ATOM   192  N  N    . THR A 1 25  ? -11.792 17.221  5.929   1.00 53.59 ? 450 THR A N    1 
ATOM   193  C  CA   . THR A 1 25  ? -10.552 17.809  6.435   1.00 47.80 ? 450 THR A CA   1 
ATOM   194  C  C    . THR A 1 25  ? -9.329  17.429  5.601   1.00 42.80 ? 450 THR A C    1 
ATOM   195  O  O    . THR A 1 25  ? -8.311  18.125  5.628   1.00 43.19 ? 450 THR A O    1 
ATOM   196  C  CB   . THR A 1 25  ? -10.300 17.389  7.889   1.00 44.91 ? 450 THR A CB   1 
ATOM   197  O  OG1  . THR A 1 25  ? -10.166 15.967  7.951   1.00 48.06 ? 450 THR A OG1  1 
ATOM   198  C  CG2  . THR A 1 25  ? -11.465 17.810  8.777   1.00 42.07 ? 450 THR A CG2  1 
ATOM   199  N  N    . LYS A 1 26  ? -9.435  16.325  4.866   1.00 35.36 ? 451 LYS A N    1 
ATOM   200  C  CA   . LYS A 1 26  ? -8.349  15.833  4.022   1.00 33.58 ? 451 LYS A CA   1 
ATOM   201  C  C    . LYS A 1 26  ? -7.165  15.349  4.871   1.00 28.89 ? 451 LYS A C    1 
ATOM   202  O  O    . LYS A 1 26  ? -6.074  15.121  4.355   1.00 34.76 ? 451 LYS A O    1 
ATOM   203  C  CB   . LYS A 1 26  ? -7.921  16.883  2.983   1.00 35.83 ? 451 LYS A CB   1 
ATOM   204  C  CG   . LYS A 1 26  ? -9.052  17.272  2.010   1.00 39.25 ? 451 LYS A CG   1 
ATOM   205  C  CD   . LYS A 1 26  ? -8.761  16.801  0.584   1.00 41.72 ? 451 LYS A CD   1 
ATOM   206  C  CE   . LYS A 1 26  ? -7.591  17.541  -0.018  1.00 39.04 ? 451 LYS A CE   1 
ATOM   207  N  NZ   . LYS A 1 26  ? -7.142  16.964  -1.323  1.00 43.90 ? 451 LYS A NZ   1 
ATOM   208  N  N    . LEU A 1 27  ? -7.402  15.208  6.173   1.00 29.79 ? 452 LEU A N    1 
ATOM   209  C  CA   . LEU A 1 27  ? -6.453  14.534  7.056   1.00 33.47 ? 452 LEU A CA   1 
ATOM   210  C  C    . LEU A 1 27  ? -6.623  13.042  6.840   1.00 36.10 ? 452 LEU A C    1 
ATOM   211  O  O    . LEU A 1 27  ? -7.745  12.558  6.702   1.00 36.85 ? 452 LEU A O    1 
ATOM   212  C  CB   . LEU A 1 27  ? -6.744  14.861  8.524   1.00 38.04 ? 452 LEU A CB   1 
ATOM   213  C  CG   . LEU A 1 27  ? -5.796  14.266  9.574   1.00 44.65 ? 452 LEU A CG   1 
ATOM   214  C  CD1  . LEU A 1 27  ? -4.454  14.991  9.579   1.00 42.25 ? 452 LEU A CD1  1 
ATOM   215  C  CD2  . LEU A 1 27  ? -6.427  14.313  10.955  1.00 53.04 ? 452 LEU A CD2  1 
ATOM   216  N  N    . GLY A 1 28  ? -5.524  12.302  6.820   1.00 31.49 ? 453 GLY A N    1 
ATOM   217  C  CA   . GLY A 1 28  ? -5.619  10.864  6.650   1.00 27.66 ? 453 GLY A CA   1 
ATOM   218  C  C    . GLY A 1 28  ? -4.499  10.123  7.356   1.00 29.71 ? 453 GLY A C    1 
ATOM   219  O  O    . GLY A 1 28  ? -3.602  10.740  7.935   1.00 31.87 ? 453 GLY A O    1 
ATOM   220  N  N    . LYS A 1 29  ? -4.556  8.796   7.323   1.00 21.96 ? 454 LYS A N    1 
ATOM   221  C  CA   . LYS A 1 29  ? -3.448  7.990   7.827   1.00 23.22 ? 454 LYS A CA   1 
ATOM   222  C  C    . LYS A 1 29  ? -3.093  6.941   6.791   1.00 23.17 ? 454 LYS A C    1 
ATOM   223  O  O    . LYS A 1 29  ? -3.968  6.447   6.078   1.00 24.27 ? 454 LYS A O    1 
ATOM   224  C  CB   . LYS A 1 29  ? -3.800  7.321   9.162   1.00 24.86 ? 454 LYS A CB   1 
ATOM   225  C  CG   . LYS A 1 29  ? -3.958  8.282   10.358  1.00 24.58 ? 454 LYS A CG   1 
ATOM   226  C  CD   . LYS A 1 29  ? -4.320  7.554   11.632  1.00 27.25 ? 454 LYS A CD   1 
ATOM   227  C  CE   . LYS A 1 29  ? -4.336  8.508   12.827  1.00 31.45 ? 454 LYS A CE   1 
ATOM   228  N  NZ   . LYS A 1 29  ? -4.643  7.820   14.119  1.00 32.77 ? 454 LYS A NZ   1 
ATOM   229  N  N    . ALA A 1 30  ? -1.807  6.619   6.694   1.00 21.05 ? 455 ALA A N    1 
ATOM   230  C  CA   . ALA A 1 30  ? -1.345  5.531   5.821   1.00 18.04 ? 455 ALA A CA   1 
ATOM   231  C  C    . ALA A 1 30  ? -0.483  4.654   6.715   1.00 22.38 ? 455 ALA A C    1 
ATOM   232  O  O    . ALA A 1 30  ? 0.224   5.156   7.603   1.00 23.87 ? 455 ALA A O    1 
ATOM   233  C  CB   . ALA A 1 30  ? -0.525  6.052   4.675   1.00 20.74 ? 455 ALA A CB   1 
ATOM   234  N  N    . GLY A 1 31  ? -0.509  3.348   6.497   1.00 20.97 ? 456 GLY A N    1 
ATOM   235  C  CA   . GLY A 1 31  ? 0.237   2.495   7.410   1.00 21.15 ? 456 GLY A CA   1 
ATOM   236  C  C    . GLY A 1 31  ? 0.379   1.085   6.900   1.00 22.21 ? 456 GLY A C    1 
ATOM   237  O  O    . GLY A 1 31  ? -0.154  0.748   5.854   1.00 17.95 ? 456 GLY A O    1 
ATOM   238  N  N    . TYR A 1 32  ? 1.119   0.276   7.648   1.00 21.04 ? 457 TYR A N    1 
ATOM   239  C  CA   . TYR A 1 32  ? 1.267   -1.133  7.341   1.00 19.06 ? 457 TYR A CA   1 
ATOM   240  C  C    . TYR A 1 32  ? 1.378   -1.920  8.631   1.00 21.22 ? 457 TYR A C    1 
ATOM   241  O  O    . TYR A 1 32  ? 1.744   -1.384  9.699   1.00 18.87 ? 457 TYR A O    1 
ATOM   242  C  CB   . TYR A 1 32  ? 2.486   -1.410  6.420   1.00 17.99 ? 457 TYR A CB   1 
ATOM   243  C  CG   . TYR A 1 32  ? 3.865   -1.041  6.977   1.00 16.50 ? 457 TYR A CG   1 
ATOM   244  C  CD1  . TYR A 1 32  ? 4.409   -1.731  8.058   1.00 19.02 ? 457 TYR A CD1  1 
ATOM   245  C  CD2  . TYR A 1 32  ? 4.614   -0.018  6.408   1.00 19.98 ? 457 TYR A CD2  1 
ATOM   246  C  CE1  . TYR A 1 32  ? 5.671   -1.413  8.569   1.00 20.34 ? 457 TYR A CE1  1 
ATOM   247  C  CE2  . TYR A 1 32  ? 5.894   0.310   6.887   1.00 20.57 ? 457 TYR A CE2  1 
ATOM   248  C  CZ   . TYR A 1 32  ? 6.406   -0.400  7.983   1.00 19.73 ? 457 TYR A CZ   1 
ATOM   249  O  OH   . TYR A 1 32  ? 7.639   -0.110  8.518   1.00 22.81 ? 457 TYR A OH   1 
ATOM   250  N  N    . VAL A 1 33  ? 1.053   -3.199  8.535   1.00 17.85 ? 458 VAL A N    1 
ATOM   251  C  CA   . VAL A 1 33  ? 1.468   -4.148  9.556   1.00 19.14 ? 458 VAL A CA   1 
ATOM   252  C  C    . VAL A 1 33  ? 2.081   -5.308  8.788   1.00 20.95 ? 458 VAL A C    1 
ATOM   253  O  O    . VAL A 1 33  ? 1.631   -5.632  7.681   1.00 21.30 ? 458 VAL A O    1 
ATOM   254  C  CB   . VAL A 1 33  ? 0.278   -4.644  10.460  1.00 25.51 ? 458 VAL A CB   1 
ATOM   255  C  CG1  . VAL A 1 33  ? -0.487  -3.466  11.074  1.00 23.96 ? 458 VAL A CG1  1 
ATOM   256  C  CG2  . VAL A 1 33  ? -0.666  -5.539  9.685   1.00 29.96 ? 458 VAL A CG2  1 
ATOM   257  N  N    . THR A 1 34  ? 3.110   -5.938  9.342   1.00 21.34 ? 459 THR A N    1 
ATOM   258  C  CA   . THR A 1 34  ? 3.751   -7.009  8.589   1.00 21.25 ? 459 THR A CA   1 
ATOM   259  C  C    . THR A 1 34  ? 3.715   -8.329  9.328   1.00 23.10 ? 459 THR A C    1 
ATOM   260  O  O    . THR A 1 34  ? 3.453   -8.383  10.540  1.00 21.54 ? 459 THR A O    1 
ATOM   261  C  CB   . THR A 1 34  ? 5.234   -6.693  8.260   1.00 19.46 ? 459 THR A CB   1 
ATOM   262  O  OG1  . THR A 1 34  ? 6.060   -7.076  9.374   1.00 20.56 ? 459 THR A OG1  1 
ATOM   263  C  CG2  . THR A 1 34  ? 5.419   -5.211  7.964   1.00 18.69 ? 459 THR A CG2  1 
ATOM   264  N  N    . ASN A 1 35  ? 3.981   -9.398  8.584   1.00 23.63 ? 460 ASN A N    1 
ATOM   265  C  CA   . ASN A 1 35  ? 4.042   -10.726 9.190   1.00 23.70 ? 460 ASN A CA   1 
ATOM   266  C  C    . ASN A 1 35  ? 5.329   -10.981 9.979   1.00 26.02 ? 460 ASN A C    1 
ATOM   267  O  O    . ASN A 1 35  ? 5.551   -12.094 10.472  1.00 29.76 ? 460 ASN A O    1 
ATOM   268  C  CB   . ASN A 1 35  ? 3.837   -11.805 8.124   1.00 24.01 ? 460 ASN A CB   1 
ATOM   269  C  CG   . ASN A 1 35  ? 4.977   -11.878 7.152   1.00 29.61 ? 460 ASN A CG   1 
ATOM   270  O  OD1  . ASN A 1 35  ? 5.820   -10.984 7.084   1.00 25.57 ? 460 ASN A OD1  1 
ATOM   271  N  ND2  . ASN A 1 35  ? 5.009   -12.951 6.373   1.00 42.12 ? 460 ASN A ND2  1 
ATOM   272  N  N    . ARG A 1 36  ? 6.170   -9.961  10.125  1.00 22.60 ? 461 ARG A N    1 
ATOM   273  C  CA   . ARG A 1 36  ? 7.312   -10.079 11.020  1.00 22.02 ? 461 ARG A CA   1 
ATOM   274  C  C    . ARG A 1 36  ? 7.114   -9.205  12.257  1.00 24.92 ? 461 ARG A C    1 
ATOM   275  O  O    . ARG A 1 36  ? 8.051   -8.959  12.997  1.00 27.98 ? 461 ARG A O    1 
ATOM   276  C  CB   . ARG A 1 36  ? 8.631   -9.730  10.318  1.00 18.93 ? 461 ARG A CB   1 
ATOM   277  C  CG   . ARG A 1 36  ? 8.922   -10.623 9.117   1.00 18.91 ? 461 ARG A CG   1 
ATOM   278  C  CD   . ARG A 1 36  ? 10.234  -10.307 8.446   1.00 24.32 ? 461 ARG A CD   1 
ATOM   279  N  NE   . ARG A 1 36  ? 10.531  -11.289 7.406   1.00 24.42 ? 461 ARG A NE   1 
ATOM   280  C  CZ   . ARG A 1 36  ? 11.603  -11.249 6.622   1.00 24.83 ? 461 ARG A CZ   1 
ATOM   281  N  NH1  . ARG A 1 36  ? 12.481  -10.259 6.727   1.00 27.07 ? 461 ARG A NH1  1 
ATOM   282  N  NH2  . ARG A 1 36  ? 11.789  -12.192 5.707   1.00 25.18 ? 461 ARG A NH2  1 
ATOM   283  N  N    . GLY A 1 37  ? 5.889   -8.722  12.446  1.00 23.84 ? 462 GLY A N    1 
ATOM   284  C  CA   . GLY A 1 37  ? 5.514   -8.040  13.677  1.00 24.53 ? 462 GLY A CA   1 
ATOM   285  C  C    . GLY A 1 37  ? 5.820   -6.551  13.726  1.00 23.50 ? 462 GLY A C    1 
ATOM   286  O  O    . GLY A 1 37  ? 5.844   -5.964  14.810  1.00 24.33 ? 462 GLY A O    1 
ATOM   287  N  N    . ARG A 1 38  ? 6.052   -5.941  12.564  1.00 21.86 ? 463 ARG A N    1 
ATOM   288  C  CA   . ARG A 1 38  ? 6.361   -4.523  12.497  1.00 22.18 ? 463 ARG A CA   1 
ATOM   289  C  C    . ARG A 1 38  ? 5.117   -3.771  12.067  1.00 23.20 ? 463 ARG A C    1 
ATOM   290  O  O    . ARG A 1 38  ? 4.335   -4.278  11.266  1.00 24.26 ? 463 ARG A O    1 
ATOM   291  C  CB   . ARG A 1 38  ? 7.439   -4.257  11.434  1.00 26.14 ? 463 ARG A CB   1 
ATOM   292  C  CG   . ARG A 1 38  ? 8.755   -4.929  11.648  1.00 33.51 ? 463 ARG A CG   1 
ATOM   293  C  CD   . ARG A 1 38  ? 9.825   -4.134  10.912  1.00 34.52 ? 463 ARG A CD   1 
ATOM   294  N  NE   . ARG A 1 38  ? 9.972   -4.488  9.496   1.00 31.79 ? 463 ARG A NE   1 
ATOM   295  C  CZ   . ARG A 1 38  ? 10.608  -3.723  8.612   1.00 28.78 ? 463 ARG A CZ   1 
ATOM   296  N  NH1  . ARG A 1 38  ? 11.089  -2.545  8.990   1.00 26.16 ? 463 ARG A NH1  1 
ATOM   297  N  NH2  . ARG A 1 38  ? 10.754  -4.117  7.356   1.00 23.93 ? 463 ARG A NH2  1 
ATOM   298  N  N    . GLN A 1 39  ? 4.944   -2.554  12.578  1.00 18.28 ? 464 GLN A N    1 
ATOM   299  C  CA   . GLN A 1 39  ? 3.827   -1.698  12.165  1.00 20.16 ? 464 GLN A CA   1 
ATOM   300  C  C    . GLN A 1 39  ? 4.325   -0.278  12.036  1.00 20.07 ? 464 GLN A C    1 
ATOM   301  O  O    . GLN A 1 39  ? 5.244   0.129   12.737  1.00 21.46 ? 464 GLN A O    1 
ATOM   302  C  CB   . GLN A 1 39  ? 2.712   -1.699  13.226  1.00 27.07 ? 464 GLN A CB   1 
ATOM   303  C  CG   . GLN A 1 39  ? 2.205   -3.064  13.635  1.00 37.22 ? 464 GLN A CG   1 
ATOM   304  C  CD   . GLN A 1 39  ? 1.285   -3.004  14.856  1.00 39.34 ? 464 GLN A CD   1 
ATOM   305  O  OE1  . GLN A 1 39  ? 0.975   -4.032  15.449  1.00 49.58 ? 464 GLN A OE1  1 
ATOM   306  N  NE2  . GLN A 1 39  ? 0.860   -1.791  15.241  1.00 31.78 ? 464 GLN A NE2  1 
ATOM   307  N  N    . LYS A 1 40  ? 3.712   0.485   11.138  1.00 20.19 ? 465 LYS A N    1 
ATOM   308  C  CA   . LYS A 1 40  ? 4.014   1.902   11.040  1.00 19.22 ? 465 LYS A CA   1 
ATOM   309  C  C    . LYS A 1 40  ? 2.760   2.632   10.583  1.00 20.76 ? 465 LYS A C    1 
ATOM   310  O  O    . LYS A 1 40  ? 1.998   2.132   9.755   1.00 21.78 ? 465 LYS A O    1 
ATOM   311  C  CB   . LYS A 1 40  ? 5.159   2.152   10.044  1.00 19.78 ? 465 LYS A CB   1 
ATOM   312  C  CG   . LYS A 1 40  ? 5.453   3.622   9.790   1.00 23.22 ? 465 LYS A CG   1 
ATOM   313  C  CD   . LYS A 1 40  ? 6.664   3.841   8.879   1.00 26.42 ? 465 LYS A CD   1 
ATOM   314  C  CE   . LYS A 1 40  ? 7.965   3.600   9.655   1.00 29.69 ? 465 LYS A CE   1 
ATOM   315  N  NZ   . LYS A 1 40  ? 9.252   3.895   8.919   1.00 30.79 ? 465 LYS A NZ   1 
ATOM   316  N  N    . VAL A 1 41  ? 2.525   3.812   11.146  1.00 17.74 ? 466 VAL A N    1 
ATOM   317  C  CA   . VAL A 1 41  ? 1.427   4.642   10.652  1.00 20.96 ? 466 VAL A CA   1 
ATOM   318  C  C    . VAL A 1 41  ? 1.930   6.057   10.577  1.00 24.96 ? 466 VAL A C    1 
ATOM   319  O  O    . VAL A 1 41  ? 2.682   6.503   11.449  1.00 26.18 ? 466 VAL A O    1 
ATOM   320  C  CB   . VAL A 1 41  ? 0.220   4.602   11.609  1.00 25.63 ? 466 VAL A CB   1 
ATOM   321  C  CG1  . VAL A 1 41  ? -0.908  5.514   11.102  1.00 26.20 ? 466 VAL A CG1  1 
ATOM   322  C  CG2  . VAL A 1 41  ? -0.275  3.178   11.759  1.00 26.58 ? 466 VAL A CG2  1 
ATOM   323  N  N    . VAL A 1 42  ? 1.523   6.772   9.536   1.00 21.90 ? 467 VAL A N    1 
ATOM   324  C  CA   . VAL A 1 42  ? 1.881   8.174   9.427   1.00 21.14 ? 467 VAL A CA   1 
ATOM   325  C  C    . VAL A 1 42  ? 0.603   8.948   9.183   1.00 26.72 ? 467 VAL A C    1 
ATOM   326  O  O    . VAL A 1 42  ? -0.346  8.428   8.578   1.00 26.26 ? 467 VAL A O    1 
ATOM   327  C  CB   . VAL A 1 42  ? 2.925   8.436   8.321   1.00 24.45 ? 467 VAL A CB   1 
ATOM   328  C  CG1  . VAL A 1 42  ? 4.198   7.666   8.633   1.00 25.48 ? 467 VAL A CG1  1 
ATOM   329  C  CG2  . VAL A 1 42  ? 2.398   8.049   6.949   1.00 26.64 ? 467 VAL A CG2  1 
ATOM   330  N  N    . THR A 1 43  ? 0.574   10.179  9.681   1.00 25.96 ? 468 THR A N    1 
ATOM   331  C  CA   . THR A 1 43  ? -0.582  11.044  9.494   1.00 26.87 ? 468 THR A CA   1 
ATOM   332  C  C    . THR A 1 43  ? -0.286  12.063  8.396   1.00 32.23 ? 468 THR A C    1 
ATOM   333  O  O    . THR A 1 43  ? 0.790   12.651  8.350   1.00 30.13 ? 468 THR A O    1 
ATOM   334  C  CB   . THR A 1 43  ? -0.971  11.735  10.805  1.00 26.34 ? 468 THR A CB   1 
ATOM   335  O  OG1  . THR A 1 43  ? -1.273  10.745  11.795  1.00 28.34 ? 468 THR A OG1  1 
ATOM   336  C  CG2  . THR A 1 43  ? -2.191  12.609  10.590  1.00 33.43 ? 468 THR A CG2  1 
ATOM   337  N  N    . LEU A 1 44  ? -1.241  12.261  7.495   1.00 27.93 ? 469 LEU A N    1 
ATOM   338  C  CA   . LEU A 1 44  ? -1.009  13.109  6.340   1.00 32.47 ? 469 LEU A CA   1 
ATOM   339  C  C    . LEU A 1 44  ? -2.063  14.197  6.246   1.00 22.12 ? 469 LEU A C    1 
ATOM   340  O  O    . LEU A 1 44  ? -3.165  14.043  6.755   1.00 29.93 ? 469 LEU A O    1 
ATOM   341  C  CB   . LEU A 1 44  ? -1.026  12.271  5.061   1.00 37.48 ? 469 LEU A CB   1 
ATOM   342  C  CG   . LEU A 1 44  ? -0.023  11.115  5.079   1.00 42.31 ? 469 LEU A CG   1 
ATOM   343  C  CD1  . LEU A 1 44  ? -0.429  10.017  4.126   1.00 45.23 ? 469 LEU A CD1  1 
ATOM   344  C  CD2  . LEU A 1 44  ? 1.378   11.598  4.784   1.00 44.78 ? 469 LEU A CD2  1 
ATOM   345  N  N    . THR A 1 45  ? -1.707  15.285  5.568   1.00 30.78 ? 470 THR A N    1 
ATOM   346  C  CA   . THR A 1 45  ? -2.655  16.361  5.310   1.00 35.24 ? 470 THR A CA   1 
ATOM   347  C  C    . THR A 1 45  ? -2.923  16.478  3.813   1.00 37.18 ? 470 THR A C    1 
ATOM   348  O  O    . THR A 1 45  ? -2.136  15.986  2.994   1.00 37.40 ? 470 THR A O    1 
ATOM   349  C  CB   . THR A 1 45  ? -2.123  17.715  5.824   1.00 33.22 ? 470 THR A CB   1 
ATOM   350  O  OG1  . THR A 1 45  ? -0.881  18.010  5.175   1.00 34.29 ? 470 THR A OG1  1 
ATOM   351  C  CG2  . THR A 1 45  ? -1.925  17.684  7.321   1.00 32.62 ? 470 THR A CG2  1 
ATOM   352  N  N    . ASP A 1 46  ? -4.026  17.139  3.464   1.00 42.82 ? 471 ASP A N    1 
ATOM   353  C  CA   . ASP A 1 46  ? -4.379  17.375  2.067   1.00 43.56 ? 471 ASP A CA   1 
ATOM   354  C  C    . ASP A 1 46  ? -4.369  16.056  1.311   1.00 37.78 ? 471 ASP A C    1 
ATOM   355  O  O    . ASP A 1 46  ? -3.757  15.938  0.249   1.00 40.07 ? 471 ASP A O    1 
ATOM   356  C  CB   . ASP A 1 46  ? -3.381  18.353  1.429   1.00 48.77 ? 471 ASP A CB   1 
ATOM   357  C  CG   . ASP A 1 46  ? -3.811  18.823  0.043   1.00 51.71 ? 471 ASP A CG   1 
ATOM   358  O  OD1  . ASP A 1 46  ? -2.925  19.018  -0.815  1.00 54.60 ? 471 ASP A OD1  1 
ATOM   359  O  OD2  . ASP A 1 46  ? -5.024  19.012  -0.187  1.00 49.79 ? 471 ASP A OD2  1 
ATOM   360  N  N    . THR A 1 47  ? -5.030  15.053  1.872   1.00 34.52 ? 472 THR A N    1 
ATOM   361  C  CA   . THR A 1 47  ? -5.006  13.729  1.266   1.00 32.99 ? 472 THR A CA   1 
ATOM   362  C  C    . THR A 1 47  ? -6.416  13.162  1.111   1.00 32.51 ? 472 THR A C    1 
ATOM   363  O  O    . THR A 1 47  ? -7.402  13.752  1.546   1.00 33.26 ? 472 THR A O    1 
ATOM   364  C  CB   . THR A 1 47  ? -4.096  12.747  2.071   1.00 27.12 ? 472 THR A CB   1 
ATOM   365  O  OG1  . THR A 1 47  ? -3.815  11.587  1.279   1.00 30.55 ? 472 THR A OG1  1 
ATOM   366  C  CG2  . THR A 1 47  ? -4.759  12.338  3.353   1.00 28.97 ? 472 THR A CG2  1 
ATOM   367  N  N    . THR A 1 48  ? -6.500  12.011  0.468   1.00 29.80 ? 473 THR A N    1 
ATOM   368  C  CA   . THR A 1 48  ? -7.778  11.399  0.159   1.00 31.18 ? 473 THR A CA   1 
ATOM   369  C  C    . THR A 1 48  ? -7.648  9.923   0.465   1.00 30.64 ? 473 THR A C    1 
ATOM   370  O  O    . THR A 1 48  ? -6.553  9.437   0.727   1.00 29.09 ? 473 THR A O    1 
ATOM   371  C  CB   . THR A 1 48  ? -8.083  11.561  -1.332  1.00 32.43 ? 473 THR A CB   1 
ATOM   372  O  OG1  . THR A 1 48  ? -7.077  10.879  -2.094  1.00 27.73 ? 473 THR A OG1  1 
ATOM   373  C  CG2  . THR A 1 48  ? -8.082  13.046  -1.728  1.00 31.52 ? 473 THR A CG2  1 
ATOM   374  N  N    . ASN A 1 49  ? -8.759  9.203   0.461   1.00 28.49 ? 474 ASN A N    1 
ATOM   375  C  CA   . ASN A 1 49  ? -8.689  7.764   0.654   1.00 31.96 ? 474 ASN A CA   1 
ATOM   376  C  C    . ASN A 1 49  ? -7.741  7.132   -0.373  1.00 33.37 ? 474 ASN A C    1 
ATOM   377  O  O    . ASN A 1 49  ? -6.825  6.393   -0.004  1.00 31.25 ? 474 ASN A O    1 
ATOM   378  C  CB   . ASN A 1 49  ? -10.081 7.125   0.610   1.00 33.59 ? 474 ASN A CB   1 
ATOM   379  C  CG   . ASN A 1 49  ? -10.864 7.331   1.901   1.00 40.01 ? 474 ASN A CG   1 
ATOM   380  O  OD1  . ASN A 1 49  ? -10.405 6.975   2.994   1.00 37.77 ? 474 ASN A OD1  1 
ATOM   381  N  ND2  . ASN A 1 49  ? -12.057 7.901   1.779   1.00 45.37 ? 474 ASN A ND2  1 
ATOM   382  N  N    . GLN A 1 50  ? -7.934  7.447   -1.654  1.00 29.52 ? 475 GLN A N    1 
ATOM   383  C  CA   . GLN A 1 50  ? -7.061  6.931   -2.708  1.00 31.79 ? 475 GLN A CA   1 
ATOM   384  C  C    . GLN A 1 50  ? -5.596  7.270   -2.480  1.00 32.90 ? 475 GLN A C    1 
ATOM   385  O  O    . GLN A 1 50  ? -4.715  6.428   -2.682  1.00 31.24 ? 475 GLN A O    1 
ATOM   386  C  CB   . GLN A 1 50  ? -7.495  7.453   -4.091  1.00 34.99 ? 475 GLN A CB   1 
ATOM   387  C  CG   . GLN A 1 50  ? -8.764  6.833   -4.605  1.00 38.26 ? 475 GLN A CG   1 
ATOM   388  C  CD   . GLN A 1 50  ? -9.122  7.318   -6.007  1.00 42.47 ? 475 GLN A CD   1 
ATOM   389  O  OE1  . GLN A 1 50  ? -8.581  8.310   -6.494  1.00 46.68 ? 475 GLN A OE1  1 
ATOM   390  N  NE2  . GLN A 1 50  ? -10.023 6.608   -6.661  1.00 44.32 ? 475 GLN A NE2  1 
ATOM   391  N  N    . LYS A 1 51  ? -5.322  8.505   -2.073  1.00 33.49 ? 476 LYS A N    1 
ATOM   392  C  CA   . LYS A 1 51  ? -3.940  8.922   -1.891  1.00 32.14 ? 476 LYS A CA   1 
ATOM   393  C  C    . LYS A 1 51  ? -3.284  8.229   -0.690  1.00 28.97 ? 476 LYS A C    1 
ATOM   394  O  O    . LYS A 1 51  ? -2.095  7.877   -0.747  1.00 30.08 ? 476 LYS A O    1 
ATOM   395  C  CB   . LYS A 1 51  ? -3.832  10.441  -1.759  1.00 33.29 ? 476 LYS A CB   1 
ATOM   396  C  CG   . LYS A 1 51  ? -2.533  10.983  -2.312  1.00 38.99 ? 476 LYS A CG   1 
ATOM   397  C  CD   . LYS A 1 51  ? -2.441  12.488  -2.208  1.00 45.64 ? 476 LYS A CD   1 
ATOM   398  C  CE   . LYS A 1 51  ? -1.035  12.954  -2.581  1.00 53.79 ? 476 LYS A CE   1 
ATOM   399  N  NZ   . LYS A 1 51  ? -0.860  14.424  -2.426  1.00 59.06 ? 476 LYS A NZ   1 
ATOM   400  N  N    . THR A 1 52  ? -4.044  8.027   0.390   1.00 25.27 ? 477 THR A N    1 
ATOM   401  C  CA   . THR A 1 52  ? -3.500  7.317   1.551   1.00 21.73 ? 477 THR A CA   1 
ATOM   402  C  C    . THR A 1 52  ? -3.106  5.887   1.201   1.00 25.64 ? 477 THR A C    1 
ATOM   403  O  O    . THR A 1 52  ? -2.159  5.344   1.770   1.00 22.07 ? 477 THR A O    1 
ATOM   404  C  CB   . THR A 1 52  ? -4.445  7.290   2.783   1.00 26.36 ? 477 THR A CB   1 
ATOM   405  O  OG1  . THR A 1 52  ? -5.702  6.682   2.438   1.00 25.98 ? 477 THR A OG1  1 
ATOM   406  C  CG2  . THR A 1 52  ? -4.681  8.715   3.326   1.00 27.48 ? 477 THR A CG2  1 
ATOM   407  N  N    . GLU A 1 53  ? -3.836  5.276   0.276   1.00 20.22 ? 478 GLU A N    1 
ATOM   408  C  CA   . GLU A 1 53  ? -3.547  3.892   -0.103  1.00 23.23 ? 478 GLU A CA   1 
ATOM   409  C  C    . GLU A 1 53  ? -2.219  3.815   -0.842  1.00 25.46 ? 478 GLU A C    1 
ATOM   410  O  O    . GLU A 1 53  ? -1.430  2.911   -0.602  1.00 24.32 ? 478 GLU A O    1 
ATOM   411  C  CB   . GLU A 1 53  ? -4.670  3.337   -0.977  1.00 23.18 ? 478 GLU A CB   1 
ATOM   412  C  CG   . GLU A 1 53  ? -6.023  3.259   -0.255  1.00 22.07 ? 478 GLU A CG   1 
ATOM   413  C  CD   . GLU A 1 53  ? -6.206  1.995   0.564   1.00 21.20 ? 478 GLU A CD   1 
ATOM   414  O  OE1  . GLU A 1 53  ? -7.321  1.809   1.090   1.00 23.85 ? 478 GLU A OE1  1 
ATOM   415  O  OE2  . GLU A 1 53  ? -5.276  1.166   0.659   1.00 22.11 ? 478 GLU A OE2  1 
ATOM   416  N  N    . LEU A 1 54  ? -1.999  4.752   -1.762  1.00 21.56 ? 479 LEU A N    1 
ATOM   417  C  CA   . LEU A 1 54  ? -0.715  4.864   -2.440  1.00 22.15 ? 479 LEU A CA   1 
ATOM   418  C  C    . LEU A 1 54  ? 0.406   5.219   -1.479  1.00 23.90 ? 479 LEU A C    1 
ATOM   419  O  O    . LEU A 1 54  ? 1.500   4.680   -1.573  1.00 21.14 ? 479 LEU A O    1 
ATOM   420  C  CB   . LEU A 1 54  ? -0.783  5.903   -3.568  1.00 23.64 ? 479 LEU A CB   1 
ATOM   421  C  CG   . LEU A 1 54  ? -1.680  5.577   -4.762  1.00 21.88 ? 479 LEU A CG   1 
ATOM   422  C  CD1  . LEU A 1 54  ? -1.783  6.811   -5.665  1.00 24.25 ? 479 LEU A CD1  1 
ATOM   423  C  CD2  . LEU A 1 54  ? -1.090  4.391   -5.530  1.00 26.28 ? 479 LEU A CD2  1 
ATOM   424  N  N    . GLN A 1 55  ? 0.149   6.131   -0.554  1.00 22.21 ? 480 GLN A N    1 
ATOM   425  C  CA   . GLN A 1 55  ? 1.161   6.462   0.435   1.00 22.95 ? 480 GLN A CA   1 
ATOM   426  C  C    . GLN A 1 55  ? 1.564   5.272   1.319   1.00 20.98 ? 480 GLN A C    1 
ATOM   427  O  O    . GLN A 1 55  ? 2.739   5.131   1.683   1.00 24.92 ? 480 GLN A O    1 
ATOM   428  C  CB   . GLN A 1 55  ? 0.707   7.675   1.250   1.00 25.74 ? 480 GLN A CB   1 
ATOM   429  C  CG   . GLN A 1 55  ? 0.376   8.835   0.288   1.00 31.36 ? 480 GLN A CG   1 
ATOM   430  C  CD   . GLN A 1 55  ? -0.250  10.039  0.948   1.00 43.78 ? 480 GLN A CD   1 
ATOM   431  O  OE1  . GLN A 1 55  ? 0.253   11.159  0.827   1.00 49.51 ? 480 GLN A OE1  1 
ATOM   432  N  NE2  . GLN A 1 55  ? -1.374  9.827   1.620   1.00 43.36 ? 480 GLN A NE2  1 
ATOM   433  N  N    . ALA A 1 56  ? 0.600   4.412   1.632   1.00 19.73 ? 481 ALA A N    1 
ATOM   434  C  CA   . ALA A 1 56  ? 0.890   3.207   2.397   1.00 19.47 ? 481 ALA A CA   1 
ATOM   435  C  C    . ALA A 1 56  ? 1.807   2.254   1.634   1.00 21.00 ? 481 ALA A C    1 
ATOM   436  O  O    . ALA A 1 56  ? 2.716   1.645   2.214   1.00 19.66 ? 481 ALA A O    1 
ATOM   437  C  CB   . ALA A 1 56  ? -0.426  2.507   2.791   1.00 19.64 ? 481 ALA A CB   1 
ATOM   438  N  N    . ILE A 1 57  ? 1.569   2.112   0.336   1.00 20.94 ? 482 ILE A N    1 
ATOM   439  C  CA   . ILE A 1 57  ? 2.407   1.249   -0.494  1.00 20.45 ? 482 ILE A CA   1 
ATOM   440  C  C    . ILE A 1 57  ? 3.811   1.818   -0.585  1.00 23.73 ? 482 ILE A C    1 
ATOM   441  O  O    . ILE A 1 57  ? 4.798   1.079   -0.524  1.00 21.89 ? 482 ILE A O    1 
ATOM   442  C  CB   . ILE A 1 57  ? 1.777   1.043   -1.875  1.00 21.75 ? 482 ILE A CB   1 
ATOM   443  C  CG1  . ILE A 1 57  ? 0.570   0.124   -1.718  1.00 21.35 ? 482 ILE A CG1  1 
ATOM   444  C  CG2  . ILE A 1 57  ? 2.770   0.429   -2.841  1.00 22.25 ? 482 ILE A CG2  1 
ATOM   445  C  CD1  . ILE A 1 57  ? -0.375  0.101   -2.937  1.00 25.84 ? 482 ILE A CD1  1 
ATOM   446  N  N    . TYR A 1 58  ? 3.900   3.142   -0.684  1.00 22.34 ? 483 TYR A N    1 
ATOM   447  C  CA   . TYR A 1 58  ? 5.193   3.816   -0.661  1.00 24.73 ? 483 TYR A CA   1 
ATOM   448  C  C    . TYR A 1 58  ? 5.954   3.464   0.627   1.00 22.71 ? 483 TYR A C    1 
ATOM   449  O  O    . TYR A 1 58  ? 7.115   3.089   0.568   1.00 22.97 ? 483 TYR A O    1 
ATOM   450  C  CB   . TYR A 1 58  ? 5.027   5.340   -0.816  1.00 25.68 ? 483 TYR A CB   1 
ATOM   451  C  CG   . TYR A 1 58  ? 6.343   6.074   -0.935  1.00 26.40 ? 483 TYR A CG   1 
ATOM   452  C  CD1  . TYR A 1 58  ? 6.992   6.553   0.184   1.00 28.99 ? 483 TYR A CD1  1 
ATOM   453  C  CD2  . TYR A 1 58  ? 6.922   6.286   -2.172  1.00 32.40 ? 483 TYR A CD2  1 
ATOM   454  C  CE1  . TYR A 1 58  ? 8.209   7.218   0.072   1.00 32.52 ? 483 TYR A CE1  1 
ATOM   455  C  CE2  . TYR A 1 58  ? 8.125   6.948   -2.296  1.00 36.06 ? 483 TYR A CE2  1 
ATOM   456  C  CZ   . TYR A 1 58  ? 8.759   7.412   -1.175  1.00 31.45 ? 483 TYR A CZ   1 
ATOM   457  O  OH   . TYR A 1 58  ? 9.962   8.073   -1.306  1.00 34.41 ? 483 TYR A OH   1 
ATOM   458  N  N    . LEU A 1 59  ? 5.295   3.567   1.781   1.00 18.96 ? 484 LEU A N    1 
ATOM   459  C  CA   . LEU A 1 59  ? 5.929   3.254   3.050   1.00 20.85 ? 484 LEU A CA   1 
ATOM   460  C  C    . LEU A 1 59  ? 6.427   1.811   3.089   1.00 21.84 ? 484 LEU A C    1 
ATOM   461  O  O    . LEU A 1 59  ? 7.533   1.541   3.586   1.00 19.76 ? 484 LEU A O    1 
ATOM   462  C  CB   . LEU A 1 59  ? 4.961   3.460   4.215   1.00 22.69 ? 484 LEU A CB   1 
ATOM   463  C  CG   . LEU A 1 59  ? 4.563   4.874   4.637   1.00 30.77 ? 484 LEU A CG   1 
ATOM   464  C  CD1  . LEU A 1 59  ? 3.588   4.804   5.828   1.00 32.45 ? 484 LEU A CD1  1 
ATOM   465  C  CD2  . LEU A 1 59  ? 5.808   5.669   4.989   1.00 32.01 ? 484 LEU A CD2  1 
ATOM   466  N  N    . ALA A 1 60  ? 5.592   0.883   2.616   1.00 20.87 ? 485 ALA A N    1 
ATOM   467  C  CA   . ALA A 1 60  ? 5.985   -0.529  2.569   1.00 19.88 ? 485 ALA A CA   1 
ATOM   468  C  C    . ALA A 1 60  ? 7.225   -0.746  1.690   1.00 19.58 ? 485 ALA A C    1 
ATOM   469  O  O    . ALA A 1 60  ? 8.105   -1.509  2.056   1.00 19.48 ? 485 ALA A O    1 
ATOM   470  C  CB   . ALA A 1 60  ? 4.822   -1.400  2.081   1.00 20.07 ? 485 ALA A CB   1 
ATOM   471  N  N    . LEU A 1 61  ? 7.269   -0.127  0.509   1.00 18.50 ? 486 LEU A N    1 
ATOM   472  C  CA   . LEU A 1 61  ? 8.459   -0.187  -0.345  1.00 18.91 ? 486 LEU A CA   1 
ATOM   473  C  C    . LEU A 1 61  ? 9.698   0.430   0.319   1.00 20.24 ? 486 LEU A C    1 
ATOM   474  O  O    . LEU A 1 61  ? 10.812  -0.109  0.246   1.00 21.16 ? 486 LEU A O    1 
ATOM   475  C  CB   . LEU A 1 61  ? 8.168   0.501   -1.673  1.00 16.25 ? 486 LEU A CB   1 
ATOM   476  C  CG   . LEU A 1 61  ? 7.102   -0.267  -2.451  1.00 18.21 ? 486 LEU A CG   1 
ATOM   477  C  CD1  . LEU A 1 61  ? 6.627   0.586   -3.624  1.00 21.36 ? 486 LEU A CD1  1 
ATOM   478  C  CD2  . LEU A 1 61  ? 7.689   -1.584  -2.943  1.00 22.51 ? 486 LEU A CD2  1 
ATOM   479  N  N    . GLN A 1 62  ? 9.498   1.558   0.988   1.00 19.50 ? 487 GLN A N    1 
ATOM   480  C  CA   . GLN A 1 62  ? 10.593  2.245   1.650   1.00 19.90 ? 487 GLN A CA   1 
ATOM   481  C  C    . GLN A 1 62  ? 11.220  1.423   2.782   1.00 20.85 ? 487 GLN A C    1 
ATOM   482  O  O    . GLN A 1 62  ? 12.446  1.423   2.949   1.00 21.20 ? 487 GLN A O    1 
ATOM   483  C  CB   . GLN A 1 62  ? 10.095  3.594   2.165   1.00 22.48 ? 487 GLN A CB   1 
ATOM   484  C  CG   . GLN A 1 62  ? 11.014  4.285   3.132   1.00 27.23 ? 487 GLN A CG   1 
ATOM   485  C  CD   . GLN A 1 62  ? 10.362  5.509   3.750   1.00 32.97 ? 487 GLN A CD   1 
ATOM   486  O  OE1  . GLN A 1 62  ? 10.218  6.545   3.093   1.00 38.32 ? 487 GLN A OE1  1 
ATOM   487  N  NE2  . GLN A 1 62  ? 9.931   5.386   5.009   1.00 33.39 ? 487 GLN A NE2  1 
ATOM   488  N  N    . ASP A 1 63  ? 10.384  0.717   3.545   1.00 19.95 ? 488 ASP A N    1 
ATOM   489  C  CA   . ASP A 1 63  ? 10.831  0.044   4.758   1.00 18.26 ? 488 ASP A CA   1 
ATOM   490  C  C    . ASP A 1 63  ? 11.184  -1.422  4.587   1.00 21.59 ? 488 ASP A C    1 
ATOM   491  O  O    . ASP A 1 63  ? 11.750  -2.046  5.484   1.00 25.77 ? 488 ASP A O    1 
ATOM   492  C  CB   . ASP A 1 63  ? 9.785   0.193   5.848   1.00 23.11 ? 488 ASP A CB   1 
ATOM   493  C  CG   . ASP A 1 63  ? 9.688   1.620   6.358   1.00 28.89 ? 488 ASP A CG   1 
ATOM   494  O  OD1  . ASP A 1 63  ? 10.475  2.471   5.883   1.00 24.80 ? 488 ASP A OD1  1 
ATOM   495  O  OD2  . ASP A 1 63  ? 8.852   1.875   7.236   1.00 29.38 ? 488 ASP A OD2  1 
ATOM   496  N  N    . SER A 1 64  ? 10.863  -1.975  3.434   1.00 20.05 ? 489 SER A N    1 
ATOM   497  C  CA   . SER A 1 64  ? 11.112  -3.388  3.208   1.00 23.06 ? 489 SER A CA   1 
ATOM   498  C  C    . SER A 1 64  ? 12.481  -3.642  2.596   1.00 23.78 ? 489 SER A C    1 
ATOM   499  O  O    . SER A 1 64  ? 13.135  -2.733  2.058   1.00 19.04 ? 489 SER A O    1 
ATOM   500  C  CB   . SER A 1 64  ? 10.039  -3.959  2.277   1.00 18.48 ? 489 SER A CB   1 
ATOM   501  O  OG   . SER A 1 64  ? 9.972   -3.204  1.068   1.00 19.80 ? 489 SER A OG   1 
ATOM   502  N  N    . GLY A 1 65  ? 12.904  -4.902  2.648   1.00 20.08 ? 490 GLY A N    1 
ATOM   503  C  CA   . GLY A 1 65  ? 14.127  -5.310  1.977   1.00 22.12 ? 490 GLY A CA   1 
ATOM   504  C  C    . GLY A 1 65  ? 13.918  -5.475  0.475   1.00 25.17 ? 490 GLY A C    1 
ATOM   505  O  O    . GLY A 1 65  ? 12.862  -5.152  -0.070  1.00 23.80 ? 490 GLY A O    1 
ATOM   506  N  N    . LEU A 1 66  ? 14.940  -5.981  -0.203  1.00 22.80 ? 491 LEU A N    1 
ATOM   507  C  CA   . LEU A 1 66  ? 14.903  -6.103  -1.661  1.00 19.95 ? 491 LEU A CA   1 
ATOM   508  C  C    . LEU A 1 66  ? 13.830  -7.038  -2.238  1.00 22.23 ? 491 LEU A C    1 
ATOM   509  O  O    . LEU A 1 66  ? 13.469  -6.909  -3.404  1.00 22.23 ? 491 LEU A O    1 
ATOM   510  C  CB   . LEU A 1 66  ? 16.276  -6.502  -2.180  1.00 18.90 ? 491 LEU A CB   1 
ATOM   511  C  CG   . LEU A 1 66  ? 17.316  -5.396  -2.031  1.00 25.77 ? 491 LEU A CG   1 
ATOM   512  C  CD1  . LEU A 1 66  ? 18.701  -5.969  -2.225  1.00 24.46 ? 491 LEU A CD1  1 
ATOM   513  C  CD2  . LEU A 1 66  ? 17.054  -4.262  -3.032  1.00 27.15 ? 491 LEU A CD2  1 
ATOM   514  N  N    . GLU A 1 67  ? 13.353  -7.993  -1.443  1.00 21.10 ? 492 GLU A N    1 
ATOM   515  C  CA   . GLU A 1 67  ? 12.210  -8.811  -1.846  1.00 23.77 ? 492 GLU A CA   1 
ATOM   516  C  C    . GLU A 1 67  ? 11.058  -8.560  -0.885  1.00 24.32 ? 492 GLU A C    1 
ATOM   517  O  O    . GLU A 1 67  ? 11.255  -8.550  0.320   1.00 21.79 ? 492 GLU A O    1 
ATOM   518  C  CB   . GLU A 1 67  ? 12.580  -10.299 -1.853  1.00 24.63 ? 492 GLU A CB   1 
ATOM   519  C  CG   . GLU A 1 67  ? 13.634  -10.629 -2.891  1.00 26.04 ? 492 GLU A CG   1 
ATOM   520  C  CD   . GLU A 1 67  ? 13.980  -12.111 -2.970  1.00 35.28 ? 492 GLU A CD   1 
ATOM   521  O  OE1  . GLU A 1 67  ? 13.364  -12.918 -2.261  1.00 39.91 ? 492 GLU A OE1  1 
ATOM   522  O  OE2  . GLU A 1 67  ? 14.886  -12.464 -3.747  1.00 43.70 ? 492 GLU A OE2  1 
ATOM   523  N  N    . VAL A 1 68  ? 9.858   -8.335  -1.407  1.00 20.73 ? 493 VAL A N    1 
ATOM   524  C  CA   . VAL A 1 68  ? 8.754   -7.956  -0.537  1.00 21.12 ? 493 VAL A CA   1 
ATOM   525  C  C    . VAL A 1 68  ? 7.411   -8.362  -1.128  1.00 19.66 ? 493 VAL A C    1 
ATOM   526  O  O    . VAL A 1 68  ? 7.209   -8.303  -2.343  1.00 21.00 ? 493 VAL A O    1 
ATOM   527  C  CB   . VAL A 1 68  ? 8.784   -6.422  -0.211  1.00 18.74 ? 493 VAL A CB   1 
ATOM   528  C  CG1  . VAL A 1 68  ? 8.643   -5.577  -1.494  1.00 19.88 ? 493 VAL A CG1  1 
ATOM   529  C  CG2  . VAL A 1 68  ? 7.729   -6.074  0.849   1.00 20.91 ? 493 VAL A CG2  1 
ATOM   530  N  N    . ASN A 1 69  ? 6.514   -8.816  -0.257  1.00 18.37 ? 494 ASN A N    1 
ATOM   531  C  CA   . ASN A 1 69  ? 5.133   -9.090  -0.610  1.00 19.77 ? 494 ASN A CA   1 
ATOM   532  C  C    . ASN A 1 69  ? 4.302   -7.947  -0.061  1.00 20.41 ? 494 ASN A C    1 
ATOM   533  O  O    . ASN A 1 69  ? 4.452   -7.584  1.098   1.00 21.45 ? 494 ASN A O    1 
ATOM   534  C  CB   . ASN A 1 69  ? 4.680   -10.377 0.077   1.00 21.63 ? 494 ASN A CB   1 
ATOM   535  C  CG   . ASN A 1 69  ? 5.506   -11.583 -0.332  1.00 23.78 ? 494 ASN A CG   1 
ATOM   536  O  OD1  . ASN A 1 69  ? 6.060   -12.290 0.513   1.00 27.73 ? 494 ASN A OD1  1 
ATOM   537  N  ND2  . ASN A 1 69  ? 5.592   -11.822 -1.619  1.00 19.80 ? 494 ASN A ND2  1 
ATOM   538  N  N    . ILE A 1 70  ? 3.427   -7.379  -0.882  1.00 20.40 ? 495 ILE A N    1 
ATOM   539  C  CA   . ILE A 1 70  ? 2.572   -6.298  -0.412  1.00 19.36 ? 495 ILE A CA   1 
ATOM   540  C  C    . ILE A 1 70  ? 1.129   -6.623  -0.716  1.00 21.00 ? 495 ILE A C    1 
ATOM   541  O  O    . ILE A 1 70  ? 0.799   -6.976  -1.844  1.00 19.72 ? 495 ILE A O    1 
ATOM   542  C  CB   . ILE A 1 70  ? 2.980   -4.946  -1.058  1.00 22.19 ? 495 ILE A CB   1 
ATOM   543  C  CG1  . ILE A 1 70  ? 4.450   -4.646  -0.736  1.00 23.39 ? 495 ILE A CG1  1 
ATOM   544  C  CG2  . ILE A 1 70  ? 2.060   -3.821  -0.585  1.00 22.47 ? 495 ILE A CG2  1 
ATOM   545  C  CD1  . ILE A 1 70  ? 5.039   -3.495  -1.528  1.00 25.10 ? 495 ILE A CD1  1 
ATOM   546  N  N    . VAL A 1 71  ? 0.285   -6.544  0.305   1.00 20.78 ? 496 VAL A N    1 
ATOM   547  C  CA   . VAL A 1 71  ? -1.127  -6.920  0.184   1.00 20.78 ? 496 VAL A CA   1 
ATOM   548  C  C    . VAL A 1 71  ? -1.988  -5.715  0.465   1.00 20.45 ? 496 VAL A C    1 
ATOM   549  O  O    . VAL A 1 71  ? -1.973  -5.189  1.580   1.00 20.54 ? 496 VAL A O    1 
ATOM   550  C  CB   . VAL A 1 71  ? -1.492  -7.991  1.194   1.00 21.39 ? 496 VAL A CB   1 
ATOM   551  C  CG1  . VAL A 1 71  ? -2.989  -8.371  1.052   1.00 22.61 ? 496 VAL A CG1  1 
ATOM   552  C  CG2  . VAL A 1 71  ? -0.581  -9.199  1.015   1.00 22.07 ? 496 VAL A CG2  1 
ATOM   553  N  N    . THR A 1 72  ? -2.695  -5.274  -0.574  1.00 20.84 ? 497 THR A N    1 
ATOM   554  C  CA   . THR A 1 72  ? -3.562  -4.106  -0.504  1.00 19.81 ? 497 THR A CA   1 
ATOM   555  C  C    . THR A 1 72  ? -5.011  -4.532  -0.663  1.00 22.56 ? 497 THR A C    1 
ATOM   556  O  O    . THR A 1 72  ? -5.285  -5.571  -1.254  1.00 21.86 ? 497 THR A O    1 
ATOM   557  C  CB   . THR A 1 72  ? -3.193  -3.099  -1.609  1.00 22.30 ? 497 THR A CB   1 
ATOM   558  O  OG1  . THR A 1 72  ? -3.997  -1.922  -1.467  1.00 24.12 ? 497 THR A OG1  1 
ATOM   559  C  CG2  . THR A 1 72  ? -3.458  -3.708  -2.999  1.00 23.54 ? 497 THR A CG2  1 
ATOM   560  N  N    . ASP A 1 73  ? -5.940  -3.741  -0.132  1.00 20.02 ? 498 ASP A N    1 
ATOM   561  C  CA   . ASP A 1 73  ? -7.371  -3.966  -0.402  1.00 19.87 ? 498 ASP A CA   1 
ATOM   562  C  C    . ASP A 1 73  ? -7.965  -2.895  -1.336  1.00 22.21 ? 498 ASP A C    1 
ATOM   563  O  O    . ASP A 1 73  ? -9.173  -2.884  -1.621  1.00 22.91 ? 498 ASP A O    1 
ATOM   564  C  CB   . ASP A 1 73  ? -8.187  -4.151  0.888   1.00 20.47 ? 498 ASP A CB   1 
ATOM   565  C  CG   . ASP A 1 73  ? -8.208  -2.917  1.767   1.00 21.17 ? 498 ASP A CG   1 
ATOM   566  O  OD1  . ASP A 1 73  ? -8.472  -3.050  2.970   1.00 25.66 ? 498 ASP A OD1  1 
ATOM   567  O  OD2  . ASP A 1 73  ? -8.001  -1.819  1.248   1.00 20.74 ? 498 ASP A OD2  1 
ATOM   568  N  N    . SER A 1 74  ? -7.091  -2.030  -1.837  1.00 23.25 ? 499 SER A N    1 
ATOM   569  C  CA   . SER A 1 74  ? -7.501  -0.936  -2.707  1.00 25.11 ? 499 SER A CA   1 
ATOM   570  C  C    . SER A 1 74  ? -7.512  -1.337  -4.185  1.00 19.96 ? 499 SER A C    1 
ATOM   571  O  O    . SER A 1 74  ? -6.454  -1.575  -4.772  1.00 23.88 ? 499 SER A O    1 
ATOM   572  C  CB   . SER A 1 74  ? -6.565  0.265   -2.522  1.00 25.22 ? 499 SER A CB   1 
ATOM   573  O  OG   . SER A 1 74  ? -6.901  1.321   -3.420  1.00 25.43 ? 499 SER A OG   1 
ATOM   574  N  N    . GLN A 1 75  ? -8.705  -1.380  -4.778  1.00 23.89 ? 500 GLN A N    1 
ATOM   575  C  CA   . GLN A 1 75  ? -8.843  -1.580  -6.218  1.00 21.89 ? 500 GLN A CA   1 
ATOM   576  C  C    . GLN A 1 75  ? -8.065  -0.498  -6.971  1.00 19.31 ? 500 GLN A C    1 
ATOM   577  O  O    . GLN A 1 75  ? -7.390  -0.767  -7.959  1.00 20.27 ? 500 GLN A O    1 
ATOM   578  C  CB   . GLN A 1 75  ? -10.315 -1.520  -6.643  1.00 22.60 ? 500 GLN A CB   1 
ATOM   579  C  CG   . GLN A 1 75  ? -11.216 -2.599  -6.049  1.00 26.61 ? 500 GLN A CG   1 
ATOM   580  C  CD   . GLN A 1 75  ? -12.554 -2.661  -6.763  1.00 27.61 ? 500 GLN A CD   1 
ATOM   581  O  OE1  . GLN A 1 75  ? -12.647 -3.193  -7.875  1.00 26.44 ? 500 GLN A OE1  1 
ATOM   582  N  NE2  . GLN A 1 75  ? -13.594 -2.092  -6.146  1.00 29.47 ? 500 GLN A NE2  1 
ATOM   583  N  N    . TYR A 1 76  ? -8.198  0.745   -6.517  1.00 20.10 ? 501 TYR A N    1 
ATOM   584  C  CA   . TYR A 1 76  ? -7.557  1.860   -7.196  1.00 20.20 ? 501 TYR A CA   1 
ATOM   585  C  C    . TYR A 1 76  ? -6.043  1.752   -7.154  1.00 22.69 ? 501 TYR A C    1 
ATOM   586  O  O    . TYR A 1 76  ? -5.373  1.868   -8.185  1.00 23.49 ? 501 TYR A O    1 
ATOM   587  C  CB   . TYR A 1 76  ? -7.975  3.174   -6.547  1.00 23.08 ? 501 TYR A CB   1 
ATOM   588  C  CG   . TYR A 1 76  ? -7.082  4.323   -6.941  1.00 27.95 ? 501 TYR A CG   1 
ATOM   589  C  CD1  . TYR A 1 76  ? -7.189  4.923   -8.195  1.00 31.69 ? 501 TYR A CD1  1 
ATOM   590  C  CD2  . TYR A 1 76  ? -6.130  4.813   -6.060  1.00 24.34 ? 501 TYR A CD2  1 
ATOM   591  C  CE1  . TYR A 1 76  ? -6.379  5.970   -8.552  1.00 34.94 ? 501 TYR A CE1  1 
ATOM   592  C  CE2  . TYR A 1 76  ? -5.301  5.860   -6.418  1.00 26.01 ? 501 TYR A CE2  1 
ATOM   593  C  CZ   . TYR A 1 76  ? -5.435  6.438   -7.663  1.00 33.82 ? 501 TYR A CZ   1 
ATOM   594  O  OH   . TYR A 1 76  ? -4.624  7.486   -8.022  1.00 36.58 ? 501 TYR A OH   1 
ATOM   595  N  N    . ALA A 1 77  ? -5.493  1.528   -5.967  1.00 21.92 ? 502 ALA A N    1 
ATOM   596  C  CA   . ALA A 1 77  ? -4.043  1.491   -5.854  1.00 22.98 ? 502 ALA A CA   1 
ATOM   597  C  C    . ALA A 1 77  ? -3.462  0.387   -6.737  1.00 24.50 ? 502 ALA A C    1 
ATOM   598  O  O    . ALA A 1 77  ? -2.509  0.603   -7.462  1.00 23.57 ? 502 ALA A O    1 
ATOM   599  C  CB   . ALA A 1 77  ? -3.631  1.307   -4.394  1.00 27.40 ? 502 ALA A CB   1 
ATOM   600  N  N    . LEU A 1 78  ? -4.055  -0.799  -6.688  1.00 23.61 ? 503 LEU A N    1 
ATOM   601  C  CA   . LEU A 1 78  ? -3.570  -1.899  -7.515  1.00 25.43 ? 503 LEU A CA   1 
ATOM   602  C  C    . LEU A 1 78  ? -3.775  -1.630  -9.001  1.00 29.51 ? 503 LEU A C    1 
ATOM   603  O  O    . LEU A 1 78  ? -2.897  -1.909  -9.820  1.00 26.48 ? 503 LEU A O    1 
ATOM   604  C  CB   . LEU A 1 78  ? -4.263  -3.207  -7.140  1.00 29.17 ? 503 LEU A CB   1 
ATOM   605  C  CG   . LEU A 1 78  ? -3.909  -4.386  -8.045  1.00 40.18 ? 503 LEU A CG   1 
ATOM   606  C  CD1  . LEU A 1 78  ? -2.546  -4.935  -7.668  1.00 42.36 ? 503 LEU A CD1  1 
ATOM   607  C  CD2  . LEU A 1 78  ? -4.977  -5.471  -7.953  1.00 46.20 ? 503 LEU A CD2  1 
ATOM   608  N  N    . GLY A 1 79  ? -4.936  -1.093  -9.348  1.00 27.31 ? 504 GLY A N    1 
ATOM   609  C  CA   . GLY A 1 79  ? -5.221  -0.802  -10.739 1.00 25.63 ? 504 GLY A CA   1 
ATOM   610  C  C    . GLY A 1 79  ? -4.268  0.222   -11.316 1.00 27.96 ? 504 GLY A C    1 
ATOM   611  O  O    . GLY A 1 79  ? -3.672  0.008   -12.379 1.00 30.21 ? 504 GLY A O    1 
ATOM   612  N  N    . ILE A 1 80  ? -4.089  1.331   -10.607 1.00 27.79 ? 505 ILE A N    1 
ATOM   613  C  CA   . ILE A 1 80  ? -3.261  2.412   -11.133 1.00 30.38 ? 505 ILE A CA   1 
ATOM   614  C  C    . ILE A 1 80  ? -1.775  2.016   -11.249 1.00 30.64 ? 505 ILE A C    1 
ATOM   615  O  O    . ILE A 1 80  ? -1.099  2.365   -12.219 1.00 30.92 ? 505 ILE A O    1 
ATOM   616  C  CB   . ILE A 1 80  ? -3.458  3.716   -10.308 1.00 31.93 ? 505 ILE A CB   1 
ATOM   617  C  CG1  . ILE A 1 80  ? -3.232  4.954   -11.174 1.00 39.59 ? 505 ILE A CG1  1 
ATOM   618  C  CG2  . ILE A 1 80  ? -2.529  3.732   -9.106  1.00 34.33 ? 505 ILE A CG2  1 
ATOM   619  C  CD1  . ILE A 1 80  ? -1.795  5.110   -11.639 1.00 43.38 ? 505 ILE A CD1  1 
ATOM   620  N  N    . ILE A 1 81  ? -1.258  1.280   -10.272 1.00 27.24 ? 506 ILE A N    1 
ATOM   621  C  CA   . ILE A 1 81  ? 0.125   0.800   -10.320 1.00 29.80 ? 506 ILE A CA   1 
ATOM   622  C  C    . ILE A 1 81  ? 0.328   -0.236  -11.424 1.00 35.88 ? 506 ILE A C    1 
ATOM   623  O  O    . ILE A 1 81  ? 1.296   -0.178  -12.186 1.00 30.46 ? 506 ILE A O    1 
ATOM   624  C  CB   . ILE A 1 81  ? 0.567   0.204   -8.963  1.00 27.10 ? 506 ILE A CB   1 
ATOM   625  C  CG1  . ILE A 1 81  ? 0.744   1.315   -7.929  1.00 25.00 ? 506 ILE A CG1  1 
ATOM   626  C  CG2  . ILE A 1 81  ? 1.855   -0.586  -9.108  1.00 27.04 ? 506 ILE A CG2  1 
ATOM   627  C  CD1  . ILE A 1 81  ? 0.947   0.781   -6.501  1.00 26.95 ? 506 ILE A CD1  1 
ATOM   628  N  N    . THR A 1 82  ? -0.594  -1.189  -11.506 1.00 31.75 ? 79  THR A N    1 
ATOM   629  C  CA   . THR A 1 82  ? -0.586  -2.181  -12.578 1.00 32.71 ? 79  THR A CA   1 
ATOM   630  C  C    . THR A 1 82  ? -0.667  -1.517  -13.949 1.00 36.19 ? 79  THR A C    1 
ATOM   631  O  O    . THR A 1 82  ? 0.004   -1.939  -14.896 1.00 41.17 ? 79  THR A O    1 
ATOM   632  C  CB   . THR A 1 82  ? -1.740  -3.212  -12.410 1.00 41.52 ? 79  THR A CB   1 
ATOM   633  O  OG1  . THR A 1 82  ? -1.522  -3.978  -11.218 1.00 42.63 ? 79  THR A OG1  1 
ATOM   634  C  CG2  . THR A 1 82  ? -1.782  -4.159  -13.594 1.00 48.94 ? 79  THR A CG2  1 
ATOM   635  N  N    . GLN A 1 83  ? -1.466  -0.461  -14.057 1.00 34.96 ? 80  GLN A N    1 
ATOM   636  C  CA   . GLN A 1 83  ? -1.597  0.236   -15.331 1.00 36.72 ? 80  GLN A CA   1 
ATOM   637  C  C    . GLN A 1 83  ? -0.258  0.850   -15.738 1.00 38.48 ? 80  GLN A C    1 
ATOM   638  O  O    . GLN A 1 83  ? -0.107  1.355   -16.849 1.00 32.85 ? 80  GLN A O    1 
ATOM   639  C  CB   . GLN A 1 83  ? -2.645  1.334   -15.259 1.00 35.51 ? 80  GLN A CB   1 
ATOM   640  C  CG   . GLN A 1 83  ? -3.050  1.847   -16.626 1.00 45.39 ? 80  GLN A CG   1 
ATOM   641  C  CD   . GLN A 1 83  ? -3.436  3.305   -16.617 1.00 57.35 ? 80  GLN A CD   1 
ATOM   642  O  OE1  . GLN A 1 83  ? -3.181  4.022   -15.650 1.00 57.47 ? 80  GLN A OE1  1 
ATOM   643  N  NE2  . GLN A 1 83  ? -4.052  3.760   -17.706 1.00 65.58 ? 80  GLN A NE2  1 
ATOM   644  N  N    . TRP A 1 84  ? 0.719   0.798   -14.838 1.00 38.61 ? 81  TRP A N    1 
ATOM   645  C  CA   . TRP A 1 84  ? 2.045   1.362   -15.113 1.00 32.40 ? 81  TRP A CA   1 
ATOM   646  C  C    . TRP A 1 84  ? 3.015   0.298   -15.607 1.00 31.07 ? 81  TRP A C    1 
ATOM   647  O  O    . TRP A 1 84  ? 3.592   0.409   -16.696 1.00 35.43 ? 81  TRP A O    1 
ATOM   648  C  CB   . TRP A 1 84  ? 2.596   2.015   -13.858 1.00 32.50 ? 81  TRP A CB   1 
ATOM   649  C  CG   . TRP A 1 84  ? 3.376   3.278   -14.088 1.00 40.38 ? 81  TRP A CG   1 
ATOM   650  C  CD1  . TRP A 1 84  ? 2.963   4.549   -13.818 1.00 38.05 ? 81  TRP A CD1  1 
ATOM   651  C  CD2  . TRP A 1 84  ? 4.711   3.389   -14.609 1.00 39.73 ? 81  TRP A CD2  1 
ATOM   652  N  NE1  . TRP A 1 84  ? 3.951   5.447   -14.145 1.00 40.82 ? 81  TRP A NE1  1 
ATOM   653  C  CE2  . TRP A 1 84  ? 5.035   4.764   -14.633 1.00 39.52 ? 81  TRP A CE2  1 
ATOM   654  C  CE3  . TRP A 1 84  ? 5.658   2.464   -15.064 1.00 40.29 ? 81  TRP A CE3  1 
ATOM   655  C  CZ2  . TRP A 1 84  ? 6.262   5.237   -15.093 1.00 26.61 ? 81  TRP A CZ2  1 
ATOM   656  C  CZ3  . TRP A 1 84  ? 6.886   2.939   -15.527 1.00 43.55 ? 81  TRP A CZ3  1 
ATOM   657  C  CH2  . TRP A 1 84  ? 7.175   4.312   -15.531 1.00 36.70 ? 81  TRP A CH2  1 
ATOM   658  N  N    . ILE A 1 85  ? 3.182   -0.752  -14.819 1.00 30.40 ? 82  ILE A N    1 
ATOM   659  C  CA   . ILE A 1 85  ? 4.082   -1.833  -15.200 1.00 36.23 ? 82  ILE A CA   1 
ATOM   660  C  C    . ILE A 1 85  ? 3.747   -2.408  -16.590 1.00 42.49 ? 82  ILE A C    1 
ATOM   661  O  O    . ILE A 1 85  ? 4.640   -2.671  -17.392 1.00 39.55 ? 82  ILE A O    1 
ATOM   662  C  CB   . ILE A 1 85  ? 4.088   -2.934  -14.150 1.00 39.26 ? 82  ILE A CB   1 
ATOM   663  C  CG1  . ILE A 1 85  ? 4.502   -2.335  -12.805 1.00 34.83 ? 82  ILE A CG1  1 
ATOM   664  C  CG2  . ILE A 1 85  ? 5.048   -4.039  -14.551 1.00 42.20 ? 82  ILE A CG2  1 
ATOM   665  C  CD1  . ILE A 1 85  ? 3.617   -2.732  -11.656 1.00 33.44 ? 82  ILE A CD1  1 
ATOM   666  N  N    . HIS A 1 86  ? 2.466   -2.604  -16.877 1.00 42.77 ? 83  HIS A N    1 
ATOM   667  C  CA   . HIS A 1 86  ? 2.072   -3.101  -18.192 1.00 38.81 ? 83  HIS A CA   1 
ATOM   668  C  C    . HIS A 1 86  ? 2.316   -2.048  -19.267 1.00 35.78 ? 83  HIS A C    1 
ATOM   669  O  O    . HIS A 1 86  ? 2.698   -2.372  -20.396 1.00 41.61 ? 83  HIS A O    1 
ATOM   670  C  CB   . HIS A 1 86  ? 0.604   -3.514  -18.199 1.00 43.46 ? 83  HIS A CB   1 
ATOM   671  C  CG   . HIS A 1 86  ? 0.136   -4.037  -19.518 1.00 47.63 ? 83  HIS A CG   1 
ATOM   672  N  ND1  . HIS A 1 86  ? 0.307   -5.350  -19.903 1.00 50.20 ? 83  HIS A ND1  1 
ATOM   673  C  CD2  . HIS A 1 86  ? -0.495  -3.422  -20.547 1.00 47.26 ? 83  HIS A CD2  1 
ATOM   674  C  CE1  . HIS A 1 86  ? -0.209  -5.523  -21.105 1.00 48.74 ? 83  HIS A CE1  1 
ATOM   675  N  NE2  . HIS A 1 86  ? -0.700  -4.368  -21.521 1.00 47.79 ? 83  HIS A NE2  1 
ATOM   676  N  N    . ASN A 1 87  ? 2.092   -0.787  -18.917 1.00 25.43 ? 84  ASN A N    1 
ATOM   677  C  CA   . ASN A 1 87  ? 2.296   0.322   -19.836 1.00 24.48 ? 84  ASN A CA   1 
ATOM   678  C  C    . ASN A 1 87  ? 3.718   0.323   -20.362 1.00 40.86 ? 84  ASN A C    1 
ATOM   679  O  O    . ASN A 1 87  ? 3.950   0.350   -21.577 1.00 46.89 ? 84  ASN A O    1 
ATOM   680  C  CB   . ASN A 1 87  ? 1.978   1.623   -19.085 1.00 34.52 ? 84  ASN A CB   1 
ATOM   681  C  CG   . ASN A 1 87  ? 2.583   2.855   -19.730 1.00 49.11 ? 84  ASN A CG   1 
ATOM   682  O  OD1  . ASN A 1 87  ? 3.536   2.775   -20.512 1.00 57.78 ? 84  ASN A OD1  1 
ATOM   683  N  ND2  . ASN A 1 87  ? 2.060   4.016   -19.362 1.00 50.56 ? 84  ASN A ND2  1 
ATOM   684  N  N    . TRP A 1 88  ? 4.710   0.287   -19.484 1.00 35.88 ? 85  TRP A N    1 
ATOM   685  C  CA   . TRP A 1 88  ? 6.019   0.224   -20.097 1.00 30.97 ? 85  TRP A CA   1 
ATOM   686  C  C    . TRP A 1 88  ? 6.587   -1.127  -20.475 1.00 32.78 ? 85  TRP A C    1 
ATOM   687  O  O    . TRP A 1 88  ? 7.659   -1.195  -21.061 1.00 43.44 ? 85  TRP A O    1 
ATOM   688  C  CB   . TRP A 1 88  ? 7.022   1.279   -19.641 1.00 45.09 ? 85  TRP A CB   1 
ATOM   689  C  CG   . TRP A 1 88  ? 7.268   2.299   -20.733 1.00 55.39 ? 85  TRP A CG   1 
ATOM   690  C  CD1  . TRP A 1 88  ? 7.264   2.077   -22.086 1.00 62.04 ? 85  TRP A CD1  1 
ATOM   691  C  CD2  . TRP A 1 88  ? 7.509   3.698   -20.562 1.00 58.69 ? 85  TRP A CD2  1 
ATOM   692  N  NE1  . TRP A 1 88  ? 7.513   3.251   -22.762 1.00 62.50 ? 85  TRP A NE1  1 
ATOM   693  C  CE2  . TRP A 1 88  ? 7.661   4.261   -21.847 1.00 60.29 ? 85  TRP A CE2  1 
ATOM   694  C  CE3  . TRP A 1 88  ? 7.615   4.532   -19.447 1.00 52.11 ? 85  TRP A CE3  1 
ATOM   695  C  CZ2  . TRP A 1 88  ? 7.915   5.612   -22.039 1.00 51.72 ? 85  TRP A CZ2  1 
ATOM   696  C  CZ3  . TRP A 1 88  ? 7.865   5.873   -19.643 1.00 39.70 ? 85  TRP A CZ3  1 
ATOM   697  C  CH2  . TRP A 1 88  ? 8.016   6.399   -20.928 1.00 44.52 ? 85  TRP A CH2  1 
ATOM   698  N  N    . LYS A 1 89  ? 5.840   -2.192  -20.210 1.00 32.08 ? 86  LYS A N    1 
ATOM   699  C  CA   . LYS A 1 89  ? 6.153   -3.460  -20.849 1.00 32.52 ? 86  LYS A CA   1 
ATOM   700  C  C    . LYS A 1 89  ? 5.951   -3.339  -22.362 1.00 39.13 ? 86  LYS A C    1 
ATOM   701  O  O    . LYS A 1 89  ? 6.677   -3.960  -23.146 1.00 33.57 ? 86  LYS A O    1 
ATOM   702  C  CB   . LYS A 1 89  ? 5.274   -4.577  -20.317 1.00 33.28 ? 86  LYS A CB   1 
ATOM   703  C  CG   . LYS A 1 89  ? 5.524   -5.896  -21.011 1.00 36.43 ? 86  LYS A CG   1 
ATOM   704  C  CD   . LYS A 1 89  ? 4.625   -6.978  -20.455 1.00 43.83 ? 86  LYS A CD   1 
ATOM   705  C  CE   . LYS A 1 89  ? 5.340   -8.307  -20.495 1.00 49.80 ? 86  LYS A CE   1 
ATOM   706  N  NZ   . LYS A 1 89  ? 4.592   -9.335  -21.266 1.00 52.71 ? 86  LYS A NZ   1 
ATOM   707  N  N    . VAL A 1 101 ? -2.814  11.243  -14.428 1.00 59.18 ? 98  VAL A N    1 
ATOM   708  C  CA   . VAL A 1 101 ? -3.198  12.649  -14.326 1.00 60.90 ? 98  VAL A CA   1 
ATOM   709  C  C    . VAL A 1 101 ? -3.431  13.069  -12.872 1.00 57.30 ? 98  VAL A C    1 
ATOM   710  O  O    . VAL A 1 101 ? -3.183  14.216  -12.498 1.00 60.86 ? 98  VAL A O    1 
ATOM   711  C  CB   . VAL A 1 101 ? -4.458  12.951  -15.148 1.00 63.08 ? 98  VAL A CB   1 
ATOM   712  C  CG1  . VAL A 1 101 ? -4.858  14.408  -14.977 1.00 63.82 ? 98  VAL A CG1  1 
ATOM   713  C  CG2  . VAL A 1 101 ? -4.228  12.618  -16.615 1.00 63.64 ? 98  VAL A CG2  1 
ATOM   714  N  N    . LYS A 1 102 ? -3.898  12.130  -12.057 1.00 48.93 ? 99  LYS A N    1 
ATOM   715  C  CA   . LYS A 1 102 ? -4.201  12.397  -10.654 1.00 45.10 ? 99  LYS A CA   1 
ATOM   716  C  C    . LYS A 1 102 ? -3.317  11.536  -9.760  1.00 36.34 ? 99  LYS A C    1 
ATOM   717  O  O    . LYS A 1 102 ? -3.172  10.339  -10.000 1.00 41.91 ? 99  LYS A O    1 
ATOM   718  C  CB   . LYS A 1 102 ? -5.672  12.099  -10.373 1.00 46.06 ? 99  LYS A CB   1 
ATOM   719  C  CG   . LYS A 1 102 ? -6.078  12.213  -8.917  1.00 50.47 ? 99  LYS A CG   1 
ATOM   720  C  CD   . LYS A 1 102 ? -7.523  11.764  -8.731  1.00 55.18 ? 99  LYS A CD   1 
ATOM   721  C  CE   . LYS A 1 102 ? -7.697  10.313  -9.159  1.00 57.61 ? 99  LYS A CE   1 
ATOM   722  N  NZ   . LYS A 1 102 ? -9.036  9.771   -8.813  1.00 58.06 ? 99  LYS A NZ   1 
ATOM   723  N  N    . ASN A 1 103 ? -2.735  12.148  -8.732  1.00 30.13 ? 100 ASN A N    1 
ATOM   724  C  CA   . ASN A 1 103 ? -1.745  11.473  -7.891  1.00 33.97 ? 100 ASN A CA   1 
ATOM   725  C  C    . ASN A 1 103 ? -0.560  11.014  -8.721  1.00 39.76 ? 100 ASN A C    1 
ATOM   726  O  O    . ASN A 1 103 ? 0.107   10.033  -8.382  1.00 32.40 ? 100 ASN A O    1 
ATOM   727  C  CB   . ASN A 1 103 ? -2.361  10.275  -7.165  1.00 33.27 ? 100 ASN A CB   1 
ATOM   728  C  CG   . ASN A 1 103 ? -3.576  10.653  -6.351  1.00 29.97 ? 100 ASN A CG   1 
ATOM   729  O  OD1  . ASN A 1 103 ? -3.562  11.637  -5.602  1.00 32.19 ? 100 ASN A OD1  1 
ATOM   730  N  ND2  . ASN A 1 103 ? -4.637  9.881   -6.496  1.00 28.65 ? 100 ASN A ND2  1 
ATOM   731  N  N    . VAL A 1 104 ? -0.311  11.737  -9.810  1.00 42.74 ? 101 VAL A N    1 
ATOM   732  C  CA   . VAL A 1 104 ? 0.702   11.365  -10.790 1.00 48.92 ? 101 VAL A CA   1 
ATOM   733  C  C    . VAL A 1 104 ? 2.086   11.246  -10.181 1.00 43.40 ? 101 VAL A C    1 
ATOM   734  O  O    . VAL A 1 104 ? 2.776   10.249  -10.387 1.00 48.80 ? 101 VAL A O    1 
ATOM   735  C  CB   . VAL A 1 104 ? 0.762   12.378  -11.960 1.00 57.66 ? 101 VAL A CB   1 
ATOM   736  C  CG1  . VAL A 1 104 ? -0.478  12.276  -12.794 1.00 62.54 ? 101 VAL A CG1  1 
ATOM   737  C  CG2  . VAL A 1 104 ? 0.938   13.795  -11.436 1.00 59.56 ? 101 VAL A CG2  1 
ATOM   738  N  N    . ASP A 1 105 ? 2.495   12.268  -9.444  1.00 42.98 ? 102 ASP A N    1 
ATOM   739  C  CA   . ASP A 1 105 ? 3.801   12.267  -8.821  1.00 49.75 ? 102 ASP A CA   1 
ATOM   740  C  C    . ASP A 1 105 ? 3.962   11.012  -7.976  1.00 46.46 ? 102 ASP A C    1 
ATOM   741  O  O    . ASP A 1 105 ? 4.913   10.249  -8.157  1.00 43.46 ? 102 ASP A O    1 
ATOM   742  C  CB   . ASP A 1 105 ? 3.983   13.516  -7.958  1.00 59.24 ? 102 ASP A CB   1 
ATOM   743  C  CG   . ASP A 1 105 ? 4.274   14.759  -8.784  1.00 63.82 ? 102 ASP A CG   1 
ATOM   744  O  OD1  . ASP A 1 105 ? 4.242   14.665  -10.031 1.00 63.08 ? 102 ASP A OD1  1 
ATOM   745  O  OD2  . ASP A 1 105 ? 4.532   15.826  -8.185  1.00 64.29 ? 102 ASP A OD2  1 
ATOM   746  N  N    . LEU A 1 106 ? 3.004   10.793  -7.076  1.00 37.97 ? 517 LEU A N    1 
ATOM   747  C  CA   . LEU A 1 106 ? 3.078   9.700   -6.117  1.00 31.55 ? 517 LEU A CA   1 
ATOM   748  C  C    . LEU A 1 106 ? 3.147   8.317   -6.774  1.00 29.96 ? 517 LEU A C    1 
ATOM   749  O  O    . LEU A 1 106 ? 3.906   7.447   -6.325  1.00 33.06 ? 517 LEU A O    1 
ATOM   750  C  CB   . LEU A 1 106 ? 1.912   9.789   -5.139  1.00 32.82 ? 517 LEU A CB   1 
ATOM   751  C  CG   . LEU A 1 106 ? 1.831   8.746   -4.029  1.00 33.67 ? 517 LEU A CG   1 
ATOM   752  C  CD1  . LEU A 1 106 ? 3.092   8.753   -3.178  1.00 39.08 ? 517 LEU A CD1  1 
ATOM   753  C  CD2  . LEU A 1 106 ? 0.598   8.998   -3.180  1.00 31.86 ? 517 LEU A CD2  1 
ATOM   754  N  N    . VAL A 1 107 ? 2.363   8.113   -7.827  1.00 24.97 ? 518 VAL A N    1 
ATOM   755  C  CA   . VAL A 1 107 ? 2.428   6.869   -8.595  1.00 25.51 ? 518 VAL A CA   1 
ATOM   756  C  C    . VAL A 1 107 ? 3.814   6.635   -9.196  1.00 38.95 ? 518 VAL A C    1 
ATOM   757  O  O    . VAL A 1 107 ? 4.350   5.525   -9.127  1.00 32.08 ? 518 VAL A O    1 
ATOM   758  C  CB   . VAL A 1 107 ? 1.385   6.864   -9.724  1.00 31.19 ? 518 VAL A CB   1 
ATOM   759  C  CG1  . VAL A 1 107 ? 1.552   5.642   -10.612 1.00 31.27 ? 518 VAL A CG1  1 
ATOM   760  C  CG2  . VAL A 1 107 ? 0.010   6.886   -9.120  1.00 27.13 ? 518 VAL A CG2  1 
ATOM   761  N  N    . ASN A 1 108 ? 4.391   7.671   -9.799  1.00 41.11 ? 519 ASN A N    1 
ATOM   762  C  CA   . ASN A 1 108 ? 5.685   7.515   -10.455 1.00 40.40 ? 519 ASN A CA   1 
ATOM   763  C  C    . ASN A 1 108 ? 6.822   7.334   -9.433  1.00 37.09 ? 519 ASN A C    1 
ATOM   764  O  O    . ASN A 1 108 ? 7.795   6.641   -9.706  1.00 43.89 ? 519 ASN A O    1 
ATOM   765  C  CB   . ASN A 1 108 ? 5.960   8.653   -11.470 1.00 39.24 ? 519 ASN A CB   1 
ATOM   766  C  CG   . ASN A 1 108 ? 5.196   8.476   -12.782 1.00 43.45 ? 519 ASN A CG   1 
ATOM   767  O  OD1  . ASN A 1 108 ? 5.275   7.430   -13.434 1.00 39.35 ? 519 ASN A OD1  1 
ATOM   768  N  ND2  . ASN A 1 108 ? 4.453   9.507   -13.172 1.00 48.90 ? 519 ASN A ND2  1 
ATOM   769  N  N    . GLN A 1 109 ? 6.676   7.939   -8.255  1.00 35.85 ? 520 GLN A N    1 
ATOM   770  C  CA   . GLN A 1 109 ? 7.595   7.722   -7.145  1.00 37.86 ? 520 GLN A CA   1 
ATOM   771  C  C    . GLN A 1 109 ? 7.527   6.289   -6.616  1.00 35.18 ? 520 GLN A C    1 
ATOM   772  O  O    . GLN A 1 109 ? 8.527   5.718   -6.197  1.00 28.19 ? 520 GLN A O    1 
ATOM   773  C  CB   . GLN A 1 109 ? 7.315   8.695   -6.006  1.00 39.67 ? 520 GLN A CB   1 
ATOM   774  C  CG   . GLN A 1 109 ? 7.432   10.155  -6.397  1.00 49.64 ? 520 GLN A CG   1 
ATOM   775  C  CD   . GLN A 1 109 ? 7.178   11.091  -5.233  1.00 60.86 ? 520 GLN A CD   1 
ATOM   776  O  OE1  . GLN A 1 109 ? 6.950   10.652  -4.105  1.00 67.31 ? 520 GLN A OE1  1 
ATOM   777  N  NE2  . GLN A 1 109 ? 7.216   12.391  -5.502  1.00 64.06 ? 520 GLN A NE2  1 
ATOM   778  N  N    . ILE A 1 110 ? 6.333   5.717   -6.612  1.00 35.56 ? 521 ILE A N    1 
ATOM   779  C  CA   . ILE A 1 110 ? 6.185   4.310   -6.277  1.00 29.58 ? 521 ILE A CA   1 
ATOM   780  C  C    . ILE A 1 110 ? 6.869   3.457   -7.348  1.00 26.62 ? 521 ILE A C    1 
ATOM   781  O  O    . ILE A 1 110 ? 7.578   2.502   -7.034  1.00 27.23 ? 521 ILE A O    1 
ATOM   782  C  CB   . ILE A 1 110 ? 4.685   3.929   -6.148  1.00 22.92 ? 521 ILE A CB   1 
ATOM   783  C  CG1  . ILE A 1 110 ? 4.138   4.469   -4.840  1.00 22.17 ? 521 ILE A CG1  1 
ATOM   784  C  CG2  . ILE A 1 110 ? 4.496   2.433   -6.288  1.00 21.47 ? 521 ILE A CG2  1 
ATOM   785  C  CD1  . ILE A 1 110 ? 2.592   4.373   -4.736  1.00 23.22 ? 521 ILE A CD1  1 
ATOM   786  N  N    . ILE A 1 111 ? 6.677   3.810   -8.618  1.00 24.03 ? 522 ILE A N    1 
ATOM   787  C  CA   . ILE A 1 111 ? 7.314   3.041   -9.674  1.00 22.79 ? 522 ILE A CA   1 
ATOM   788  C  C    . ILE A 1 111 ? 8.828   3.156   -9.530  1.00 23.71 ? 522 ILE A C    1 
ATOM   789  O  O    . ILE A 1 111 ? 9.561   2.190   -9.759  1.00 24.95 ? 522 ILE A O    1 
ATOM   790  C  CB   . ILE A 1 111 ? 6.870   3.462   -11.088 1.00 23.49 ? 522 ILE A CB   1 
ATOM   791  C  CG1  . ILE A 1 111 ? 5.375   3.231   -11.232 1.00 30.76 ? 522 ILE A CG1  1 
ATOM   792  C  CG2  . ILE A 1 111 ? 7.600   2.635   -12.126 1.00 28.53 ? 522 ILE A CG2  1 
ATOM   793  C  CD1  . ILE A 1 111 ? 5.004   1.796   -11.103 1.00 29.14 ? 522 ILE A CD1  1 
ATOM   794  N  N    . GLU A 1 112 ? 9.280   4.336   -9.121  1.00 21.86 ? 523 GLU A N    1 
ATOM   795  C  CA   . GLU A 1 112 ? 10.719  4.578   -8.942  1.00 29.02 ? 523 GLU A CA   1 
ATOM   796  C  C    . GLU A 1 112 ? 11.323  3.687   -7.848  1.00 28.77 ? 523 GLU A C    1 
ATOM   797  O  O    . GLU A 1 112 ? 12.468  3.237   -7.963  1.00 25.69 ? 523 GLU A O    1 
ATOM   798  C  CB   . GLU A 1 112 ? 10.967  6.048   -8.614  1.00 36.26 ? 523 GLU A CB   1 
ATOM   799  C  CG   . GLU A 1 112 ? 12.395  6.403   -8.332  1.00 40.27 ? 523 GLU A CG   1 
ATOM   800  C  CD   . GLU A 1 112 ? 12.570  7.887   -8.092  1.00 48.53 ? 523 GLU A CD   1 
ATOM   801  O  OE1  . GLU A 1 112 ? 11.614  8.526   -7.598  1.00 47.03 ? 523 GLU A OE1  1 
ATOM   802  O  OE2  . GLU A 1 112 ? 13.657  8.416   -8.405  1.00 49.60 ? 523 GLU A OE2  1 
ATOM   803  N  N    . GLN A 1 113 ? 10.553  3.457   -6.786  1.00 25.73 ? 524 GLN A N    1 
ATOM   804  C  CA   . GLN A 1 113 ? 10.950  2.532   -5.727  1.00 23.48 ? 524 GLN A CA   1 
ATOM   805  C  C    . GLN A 1 113 ? 10.876  1.094   -6.228  1.00 21.24 ? 524 GLN A C    1 
ATOM   806  O  O    . GLN A 1 113 ? 11.751  0.279   -5.950  1.00 22.07 ? 524 GLN A O    1 
ATOM   807  C  CB   . GLN A 1 113 ? 9.977   2.622   -4.557  1.00 31.53 ? 524 GLN A CB   1 
ATOM   808  C  CG   . GLN A 1 113 ? 10.074  3.836   -3.664  1.00 35.66 ? 524 GLN A CG   1 
ATOM   809  C  CD   . GLN A 1 113 ? 8.900   3.878   -2.694  1.00 35.03 ? 524 GLN A CD   1 
ATOM   810  O  OE1  . GLN A 1 113 ? 7.735   3.870   -3.115  1.00 42.95 ? 524 GLN A OE1  1 
ATOM   811  N  NE2  . GLN A 1 113 ? 9.194   3.886   -1.396  1.00 31.79 ? 524 GLN A NE2  1 
ATOM   812  N  N    . LEU A 1 114 ? 9.786   0.764   -6.909  1.00 21.75 ? 525 LEU A N    1 
ATOM   813  C  CA   . LEU A 1 114 ? 9.572   -0.603  -7.368  1.00 20.55 ? 525 LEU A CA   1 
ATOM   814  C  C    . LEU A 1 114 ? 10.728  -1.153  -8.190  1.00 23.64 ? 525 LEU A C    1 
ATOM   815  O  O    . LEU A 1 114 ? 11.165  -2.280  -7.975  1.00 23.30 ? 525 LEU A O    1 
ATOM   816  C  CB   . LEU A 1 114 ? 8.286   -0.701  -8.215  1.00 23.42 ? 525 LEU A CB   1 
ATOM   817  C  CG   . LEU A 1 114 ? 6.938   -0.882  -7.523  1.00 25.41 ? 525 LEU A CG   1 
ATOM   818  C  CD1  . LEU A 1 114 ? 5.851   -0.884  -8.605  1.00 23.14 ? 525 LEU A CD1  1 
ATOM   819  C  CD2  . LEU A 1 114 ? 6.861   -2.162  -6.704  1.00 22.44 ? 525 LEU A CD2  1 
ATOM   820  N  N    . ILE A 1 115 ? 11.211  -0.379  -9.159  1.00 22.08 ? 526 ILE A N    1 
ATOM   821  C  CA   . ILE A 1 115 ? 12.214  -0.903  -10.067 1.00 26.19 ? 526 ILE A CA   1 
ATOM   822  C  C    . ILE A 1 115 ? 13.539  -1.221  -9.391  1.00 21.30 ? 526 ILE A C    1 
ATOM   823  O  O    . ILE A 1 115 ? 14.338  -2.006  -9.909  1.00 25.43 ? 526 ILE A O    1 
ATOM   824  C  CB   . ILE A 1 115 ? 12.441  0.006   -11.297 1.00 28.76 ? 526 ILE A CB   1 
ATOM   825  C  CG1  . ILE A 1 115 ? 12.865  1.417   -10.895 1.00 22.27 ? 526 ILE A CG1  1 
ATOM   826  C  CG2  . ILE A 1 115 ? 11.185  0.048   -12.151 1.00 31.05 ? 526 ILE A CG2  1 
ATOM   827  C  CD1  . ILE A 1 115 ? 13.222  2.299   -12.160 1.00 25.98 ? 526 ILE A CD1  1 
ATOM   828  N  N    . LYS A 1 116 ? 13.775  -0.619  -8.231  1.00 21.08 ? 527 LYS A N    1 
ATOM   829  C  CA   . LYS A 1 116 ? 15.022  -0.873  -7.506  1.00 22.37 ? 527 LYS A CA   1 
ATOM   830  C  C    . LYS A 1 116 ? 14.981  -2.156  -6.694  1.00 23.17 ? 527 LYS A C    1 
ATOM   831  O  O    . LYS A 1 116 ? 15.999  -2.617  -6.232  1.00 23.85 ? 527 LYS A O    1 
ATOM   832  C  CB   . LYS A 1 116 ? 15.390  0.332   -6.626  1.00 20.47 ? 527 LYS A CB   1 
ATOM   833  C  CG   . LYS A 1 116 ? 15.857  1.521   -7.458  1.00 25.16 ? 527 LYS A CG   1 
ATOM   834  C  CD   . LYS A 1 116 ? 16.310  2.677   -6.591  1.00 30.69 ? 527 LYS A CD   1 
ATOM   835  C  CE   . LYS A 1 116 ? 15.170  3.273   -5.791  1.00 35.24 ? 527 LYS A CE   1 
ATOM   836  N  NZ   . LYS A 1 116 ? 15.673  4.136   -4.676  1.00 36.25 ? 527 LYS A NZ   1 
ATOM   837  N  N    . LYS A 1 117 ? 13.797  -2.734  -6.522  1.00 19.48 ? 528 LYS A N    1 
ATOM   838  C  CA   . LYS A 1 117 ? 13.669  -3.958  -5.728  1.00 20.46 ? 528 LYS A CA   1 
ATOM   839  C  C    . LYS A 1 117 ? 14.181  -5.134  -6.540  1.00 20.56 ? 528 LYS A C    1 
ATOM   840  O  O    . LYS A 1 117 ? 14.278  -5.054  -7.759  1.00 24.58 ? 528 LYS A O    1 
ATOM   841  C  CB   . LYS A 1 117 ? 12.199  -4.210  -5.352  1.00 18.52 ? 528 LYS A CB   1 
ATOM   842  C  CG   . LYS A 1 117 ? 11.572  -3.199  -4.407  1.00 19.21 ? 528 LYS A CG   1 
ATOM   843  C  CD   . LYS A 1 117 ? 12.197  -3.305  -3.022  1.00 18.07 ? 528 LYS A CD   1 
ATOM   844  C  CE   . LYS A 1 117 ? 11.557  -2.315  -2.058  1.00 19.83 ? 528 LYS A CE   1 
ATOM   845  N  NZ   . LYS A 1 117 ? 12.121  -2.403  -0.677  1.00 20.17 ? 528 LYS A NZ   1 
ATOM   846  N  N    . GLU A 1 118 ? 14.520  -6.232  -5.879  1.00 21.07 ? 529 GLU A N    1 
ATOM   847  C  CA   . GLU A 1 118 ? 14.812  -7.463  -6.621  1.00 20.99 ? 529 GLU A CA   1 
ATOM   848  C  C    . GLU A 1 118 ? 13.542  -8.180  -7.057  1.00 21.25 ? 529 GLU A C    1 
ATOM   849  O  O    . GLU A 1 118 ? 13.419  -8.572  -8.225  1.00 24.77 ? 529 GLU A O    1 
ATOM   850  C  CB   . GLU A 1 118 ? 15.689  -8.408  -5.795  1.00 22.68 ? 529 GLU A CB   1 
ATOM   851  C  CG   . GLU A 1 118 ? 17.071  -7.879  -5.571  1.00 28.35 ? 529 GLU A CG   1 
ATOM   852  C  CD   . GLU A 1 118 ? 17.910  -8.825  -4.735  1.00 42.14 ? 529 GLU A CD   1 
ATOM   853  O  OE1  . GLU A 1 118 ? 17.344  -9.808  -4.199  1.00 50.20 ? 529 GLU A OE1  1 
ATOM   854  O  OE2  . GLU A 1 118 ? 19.131  -8.583  -4.606  1.00 44.94 ? 529 GLU A OE2  1 
ATOM   855  N  N    . LYS A 1 119 ? 12.593  -8.346  -6.137  1.00 22.85 ? 530 LYS A N    1 
ATOM   856  C  CA   . LYS A 1 119 ? 11.308  -8.981  -6.443  1.00 23.79 ? 530 LYS A CA   1 
ATOM   857  C  C    . LYS A 1 119 ? 10.203  -8.312  -5.661  1.00 22.86 ? 530 LYS A C    1 
ATOM   858  O  O    . LYS A 1 119 ? 10.377  -8.000  -4.471  1.00 22.33 ? 530 LYS A O    1 
ATOM   859  C  CB   . LYS A 1 119 ? 11.309  -10.463 -6.054  1.00 26.77 ? 530 LYS A CB   1 
ATOM   860  C  CG   . LYS A 1 119 ? 12.375  -11.307 -6.750  1.00 26.84 ? 530 LYS A CG   1 
ATOM   861  C  CD   . LYS A 1 119 ? 12.166  -12.789 -6.409  1.00 29.62 ? 530 LYS A CD   1 
ATOM   862  C  CE   . LYS A 1 119 ? 13.215  -13.665 -7.086  1.00 37.04 ? 530 LYS A CE   1 
ATOM   863  N  NZ   . LYS A 1 119 ? 13.030  -15.105 -6.735  1.00 42.31 ? 530 LYS A NZ   1 
ATOM   864  N  N    . VAL A 1 120 ? 9.060   -8.110  -6.310  1.00 19.78 ? 531 VAL A N    1 
ATOM   865  C  CA   . VAL A 1 120 ? 7.884   -7.601  -5.620  1.00 23.72 ? 531 VAL A CA   1 
ATOM   866  C  C    . VAL A 1 120 ? 6.631   -8.351  -6.039  1.00 23.59 ? 531 VAL A C    1 
ATOM   867  O  O    . VAL A 1 120 ? 6.328   -8.465  -7.230  1.00 25.14 ? 531 VAL A O    1 
ATOM   868  C  CB   . VAL A 1 120 ? 7.655   -6.100  -5.888  1.00 25.46 ? 531 VAL A CB   1 
ATOM   869  C  CG1  . VAL A 1 120 ? 6.408   -5.633  -5.169  1.00 19.37 ? 531 VAL A CG1  1 
ATOM   870  C  CG2  . VAL A 1 120 ? 8.871   -5.281  -5.451  1.00 23.86 ? 531 VAL A CG2  1 
ATOM   871  N  N    . TYR A 1 121 ? 5.914   -8.859  -5.048  1.00 19.52 ? 532 TYR A N    1 
ATOM   872  C  CA   . TYR A 1 121 ? 4.606   -9.445  -5.261  1.00 19.40 ? 532 TYR A CA   1 
ATOM   873  C  C    . TYR A 1 121 ? 3.597   -8.451  -4.714  1.00 21.54 ? 532 TYR A C    1 
ATOM   874  O  O    . TYR A 1 121 ? 3.680   -8.063  -3.545  1.00 22.28 ? 532 TYR A O    1 
ATOM   875  C  CB   . TYR A 1 121 ? 4.502   -10.775 -4.495  1.00 18.42 ? 532 TYR A CB   1 
ATOM   876  C  CG   . TYR A 1 121 ? 3.149   -11.396 -4.563  1.00 22.91 ? 532 TYR A CG   1 
ATOM   877  C  CD1  . TYR A 1 121 ? 2.642   -11.863 -5.771  1.00 24.05 ? 532 TYR A CD1  1 
ATOM   878  C  CD2  . TYR A 1 121 ? 2.372   -11.537 -3.418  1.00 27.23 ? 532 TYR A CD2  1 
ATOM   879  C  CE1  . TYR A 1 121 ? 1.376   -12.445 -5.834  1.00 30.64 ? 532 TYR A CE1  1 
ATOM   880  C  CE2  . TYR A 1 121 ? 1.109   -12.111 -3.482  1.00 25.88 ? 532 TYR A CE2  1 
ATOM   881  C  CZ   . TYR A 1 121 ? 0.630   -12.572 -4.679  1.00 32.16 ? 532 TYR A CZ   1 
ATOM   882  O  OH   . TYR A 1 121 ? -0.619  -13.147 -4.725  1.00 34.42 ? 532 TYR A OH   1 
ATOM   883  N  N    . LEU A 1 122 ? 2.662   -8.023  -5.554  1.00 21.11 ? 533 LEU A N    1 
ATOM   884  C  CA   . LEU A 1 122 ? 1.624   -7.094  -5.115  1.00 22.16 ? 533 LEU A CA   1 
ATOM   885  C  C    . LEU A 1 122 ? 0.280   -7.762  -5.334  1.00 23.10 ? 533 LEU A C    1 
ATOM   886  O  O    . LEU A 1 122 ? -0.040  -8.142  -6.458  1.00 30.03 ? 533 LEU A O    1 
ATOM   887  C  CB   . LEU A 1 122 ? 1.715   -5.797  -5.937  1.00 24.65 ? 533 LEU A CB   1 
ATOM   888  C  CG   . LEU A 1 122 ? 0.756   -4.654  -5.587  1.00 33.58 ? 533 LEU A CG   1 
ATOM   889  C  CD1  . LEU A 1 122 ? 1.009   -4.099  -4.194  1.00 33.16 ? 533 LEU A CD1  1 
ATOM   890  C  CD2  . LEU A 1 122 ? 0.914   -3.555  -6.621  1.00 39.39 ? 533 LEU A CD2  1 
ATOM   891  N  N    . ALA A 1 123 ? -0.496  -7.919  -4.269  1.00 23.01 ? 534 ALA A N    1 
ATOM   892  C  CA   . ALA A 1 123 ? -1.756  -8.647  -4.352  1.00 25.52 ? 534 ALA A CA   1 
ATOM   893  C  C    . ALA A 1 123 ? -2.889  -7.850  -3.735  1.00 25.34 ? 534 ALA A C    1 
ATOM   894  O  O    . ALA A 1 123 ? -2.673  -7.033  -2.825  1.00 23.50 ? 534 ALA A O    1 
ATOM   895  C  CB   . ALA A 1 123 ? -1.636  -9.978  -3.641  1.00 28.96 ? 534 ALA A CB   1 
ATOM   896  N  N    . TRP A 1 124 ? -4.100  -8.112  -4.223  1.00 23.57 ? 535 TRP A N    1 
ATOM   897  C  CA   . TRP A 1 124 ? -5.309  -7.497  -3.687  1.00 21.74 ? 535 TRP A CA   1 
ATOM   898  C  C    . TRP A 1 124 ? -6.116  -8.503  -2.914  1.00 24.93 ? 535 TRP A C    1 
ATOM   899  O  O    . TRP A 1 124 ? -6.237  -9.667  -3.317  1.00 27.29 ? 535 TRP A O    1 
ATOM   900  C  CB   . TRP A 1 124 ? -6.186  -6.974  -4.831  1.00 19.34 ? 535 TRP A CB   1 
ATOM   901  C  CG   . TRP A 1 124 ? -7.485  -6.390  -4.406  1.00 22.01 ? 535 TRP A CG   1 
ATOM   902  C  CD1  . TRP A 1 124 ? -7.720  -5.095  -4.045  1.00 24.52 ? 535 TRP A CD1  1 
ATOM   903  C  CD2  . TRP A 1 124 ? -8.750  -7.065  -4.331  1.00 23.69 ? 535 TRP A CD2  1 
ATOM   904  N  NE1  . TRP A 1 124 ? -9.046  -4.926  -3.737  1.00 28.24 ? 535 TRP A NE1  1 
ATOM   905  C  CE2  . TRP A 1 124 ? -9.701  -6.117  -3.907  1.00 23.83 ? 535 TRP A CE2  1 
ATOM   906  C  CE3  . TRP A 1 124 ? -9.169  -8.380  -4.584  1.00 24.80 ? 535 TRP A CE3  1 
ATOM   907  C  CZ2  . TRP A 1 124 ? -11.055 -6.435  -3.740  1.00 22.72 ? 535 TRP A CZ2  1 
ATOM   908  C  CZ3  . TRP A 1 124 ? -10.515 -8.693  -4.413  1.00 25.39 ? 535 TRP A CZ3  1 
ATOM   909  C  CH2  . TRP A 1 124 ? -11.437 -7.725  -3.991  1.00 26.36 ? 535 TRP A CH2  1 
ATOM   910  N  N    . VAL A 1 125 ? -6.683  -8.043  -1.807  1.00 21.08 ? 536 VAL A N    1 
ATOM   911  C  CA   . VAL A 1 125 ? -7.644  -8.831  -1.053  1.00 22.58 ? 536 VAL A CA   1 
ATOM   912  C  C    . VAL A 1 125 ? -8.819  -7.929  -0.730  1.00 25.62 ? 536 VAL A C    1 
ATOM   913  O  O    . VAL A 1 125 ? -8.667  -6.703  -0.689  1.00 22.51 ? 536 VAL A O    1 
ATOM   914  C  CB   . VAL A 1 125 ? -7.046  -9.367  0.234   1.00 25.58 ? 536 VAL A CB   1 
ATOM   915  C  CG1  . VAL A 1 125 ? -5.921  -10.352 -0.060  1.00 23.97 ? 536 VAL A CG1  1 
ATOM   916  C  CG2  . VAL A 1 125 ? -6.570  -8.216  1.144   1.00 25.48 ? 536 VAL A CG2  1 
ATOM   917  N  N    . PRO A 1 126 ? -10.003 -8.525  -0.532  1.00 26.03 ? 537 PRO A N    1 
ATOM   918  C  CA   . PRO A 1 126 ? -11.191 -7.717  -0.243  1.00 26.16 ? 537 PRO A CA   1 
ATOM   919  C  C    . PRO A 1 126 ? -11.118 -7.111  1.149   1.00 22.70 ? 537 PRO A C    1 
ATOM   920  O  O    . PRO A 1 126 ? -10.701 -7.766  2.099   1.00 22.58 ? 537 PRO A O    1 
ATOM   921  C  CB   . PRO A 1 126 ? -12.344 -8.728  -0.334  1.00 26.16 ? 537 PRO A CB   1 
ATOM   922  C  CG   . PRO A 1 126 ? -11.719 -10.065 -0.191  1.00 29.14 ? 537 PRO A CG   1 
ATOM   923  C  CD   . PRO A 1 126 ? -10.335 -9.940  -0.770  1.00 29.02 ? 537 PRO A CD   1 
ATOM   924  N  N    . ALA A 1 127 ? -11.532 -5.856  1.257   1.00 20.18 ? 538 ALA A N    1 
ATOM   925  C  CA   . ALA A 1 127 ? -11.606 -5.184  2.545   1.00 19.16 ? 538 ALA A CA   1 
ATOM   926  C  C    . ALA A 1 127 ? -12.688 -5.778  3.451   1.00 18.85 ? 538 ALA A C    1 
ATOM   927  O  O    . ALA A 1 127 ? -13.722 -6.259  2.978   1.00 22.79 ? 538 ALA A O    1 
ATOM   928  C  CB   . ALA A 1 127 ? -11.856 -3.691  2.334   1.00 19.78 ? 538 ALA A CB   1 
ATOM   929  N  N    . HIS A 1 128 ? -12.417 -5.761  4.753   1.00 20.70 ? 539 HIS A N    1 
ATOM   930  C  CA   . HIS A 1 128 ? -13.424 -6.088  5.754   1.00 25.53 ? 539 HIS A CA   1 
ATOM   931  C  C    . HIS A 1 128 ? -14.011 -7.487  5.587   1.00 25.04 ? 539 HIS A C    1 
ATOM   932  O  O    . HIS A 1 128 ? -15.212 -7.705  5.795   1.00 25.22 ? 539 HIS A O    1 
ATOM   933  C  CB   . HIS A 1 128 ? -14.500 -4.998  5.775   1.00 24.54 ? 539 HIS A CB   1 
ATOM   934  C  CG   . HIS A 1 128 ? -13.961 -3.665  6.182   1.00 24.80 ? 539 HIS A CG   1 
ATOM   935  N  ND1  . HIS A 1 128 ? -13.578 -3.394  7.484   1.00 25.85 ? 539 HIS A ND1  1 
ATOM   936  C  CD2  . HIS A 1 128 ? -13.635 -2.568  5.460   1.00 27.42 ? 539 HIS A CD2  1 
ATOM   937  C  CE1  . HIS A 1 128 ? -13.102 -2.168  7.552   1.00 27.53 ? 539 HIS A CE1  1 
ATOM   938  N  NE2  . HIS A 1 128 ? -13.106 -1.648  6.334   1.00 28.27 ? 539 HIS A NE2  1 
ATOM   939  N  N    . LYS A 1 129 ? -13.143 -8.434  5.247   1.00 23.96 ? 540 LYS A N    1 
ATOM   940  C  CA   . LYS A 1 129 ? -13.511 -9.843  5.157   1.00 27.23 ? 540 LYS A CA   1 
ATOM   941  C  C    . LYS A 1 129 ? -12.666 -10.721 6.069   1.00 31.27 ? 540 LYS A C    1 
ATOM   942  O  O    . LYS A 1 129 ? -12.479 -11.906 5.796   1.00 33.87 ? 540 LYS A O    1 
ATOM   943  C  CB   . LYS A 1 129 ? -13.407 -10.354 3.726   1.00 24.98 ? 540 LYS A CB   1 
ATOM   944  C  CG   . LYS A 1 129 ? -14.373 -9.669  2.787   1.00 31.98 ? 540 LYS A CG   1 
ATOM   945  C  CD   . LYS A 1 129 ? -14.770 -10.561 1.618   1.00 43.28 ? 540 LYS A CD   1 
ATOM   946  C  CE   . LYS A 1 129 ? -16.113 -10.106 1.045   1.00 46.53 ? 540 LYS A CE   1 
ATOM   947  N  NZ   . LYS A 1 129 ? -16.484 -10.813 -0.215  1.00 46.40 ? 540 LYS A NZ   1 
ATOM   948  N  N    . GLY A 1 130 ? -12.131 -10.126 7.129   1.00 27.81 ? 541 GLY A N    1 
ATOM   949  C  CA   . GLY A 1 130 ? -11.482 -10.892 8.175   1.00 34.02 ? 541 GLY A CA   1 
ATOM   950  C  C    . GLY A 1 130 ? -10.120 -11.458 7.831   1.00 36.03 ? 541 GLY A C    1 
ATOM   951  O  O    . GLY A 1 130 ? -9.659  -12.402 8.474   1.00 35.86 ? 541 GLY A O    1 
ATOM   952  N  N    . ILE A 1 131 ? -9.472  -10.900 6.814   1.00 33.56 ? 542 ILE A N    1 
ATOM   953  C  CA   . ILE A 1 131 ? -8.084  -11.242 6.559   1.00 34.18 ? 542 ILE A CA   1 
ATOM   954  C  C    . ILE A 1 131 ? -7.242  -10.578 7.649   1.00 34.16 ? 542 ILE A C    1 
ATOM   955  O  O    . ILE A 1 131 ? -7.247  -9.353  7.785   1.00 30.19 ? 542 ILE A O    1 
ATOM   956  C  CB   . ILE A 1 131 ? -7.649  -10.799 5.160   1.00 36.02 ? 542 ILE A CB   1 
ATOM   957  C  CG1  . ILE A 1 131 ? -8.415  -11.602 4.106   1.00 42.78 ? 542 ILE A CG1  1 
ATOM   958  C  CG2  . ILE A 1 131 ? -6.134  -10.950 5.005   1.00 30.84 ? 542 ILE A CG2  1 
ATOM   959  C  CD1  . ILE A 1 131 ? -8.271  -11.080 2.711   1.00 48.63 ? 542 ILE A CD1  1 
ATOM   960  N  N    . GLY A 1 132 ? -6.542  -11.394 8.435   1.00 35.11 ? 543 GLY A N    1 
ATOM   961  C  CA   . GLY A 1 132 ? -5.906  -10.952 9.665   1.00 35.11 ? 543 GLY A CA   1 
ATOM   962  C  C    . GLY A 1 132 ? -5.102  -9.674  9.577   1.00 33.55 ? 543 GLY A C    1 
ATOM   963  O  O    . GLY A 1 132 ? -5.403  -8.690  10.279  1.00 34.86 ? 543 GLY A O    1 
ATOM   964  N  N    . GLY A 1 133 ? -4.078  -9.694  8.725   1.00 29.77 ? 544 GLY A N    1 
ATOM   965  C  CA   . GLY A 1 133 ? -3.176  -8.564  8.563   1.00 26.42 ? 544 GLY A CA   1 
ATOM   966  C  C    . GLY A 1 133 ? -3.923  -7.335  8.079   1.00 24.80 ? 544 GLY A C    1 
ATOM   967  O  O    . GLY A 1 133 ? -3.703  -6.215  8.546   1.00 22.87 ? 544 GLY A O    1 
ATOM   968  N  N    . ASN A 1 134 ? -4.838  -7.561  7.152   1.00 23.73 ? 545 ASN A N    1 
ATOM   969  C  CA   . ASN A 1 134 ? -5.639  -6.477  6.590   1.00 24.99 ? 545 ASN A CA   1 
ATOM   970  C  C    . ASN A 1 134 ? -6.539  -5.796  7.626   1.00 24.07 ? 545 ASN A C    1 
ATOM   971  O  O    . ASN A 1 134 ? -6.617  -4.567  7.684   1.00 24.02 ? 545 ASN A O    1 
ATOM   972  C  CB   . ASN A 1 134 ? -6.455  -6.980  5.396   1.00 26.81 ? 545 ASN A CB   1 
ATOM   973  C  CG   . ASN A 1 134 ? -7.443  -5.948  4.893   1.00 24.48 ? 545 ASN A CG   1 
ATOM   974  O  OD1  . ASN A 1 134 ? -8.629  -5.994  5.231   1.00 24.30 ? 545 ASN A OD1  1 
ATOM   975  N  ND2  . ASN A 1 134 ? -6.962  -5.005  4.104   1.00 21.30 ? 545 ASN A ND2  1 
ATOM   976  N  N    . GLU A 1 135 ? -7.216  -6.587  8.451   1.00 23.13 ? 546 GLU A N    1 
ATOM   977  C  CA   . GLU A 1 135 ? -8.040  -6.008  9.510   1.00 25.68 ? 546 GLU A CA   1 
ATOM   978  C  C    . GLU A 1 135 ? -7.203  -5.200  10.505  1.00 21.98 ? 546 GLU A C    1 
ATOM   979  O  O    . GLU A 1 135 ? -7.627  -4.122  10.942  1.00 25.16 ? 546 GLU A O    1 
ATOM   980  C  CB   . GLU A 1 135 ? -8.881  -7.085  10.208  1.00 30.74 ? 546 GLU A CB   1 
ATOM   981  C  CG   . GLU A 1 135 ? -9.845  -7.818  9.250   1.00 31.92 ? 546 GLU A CG   1 
ATOM   982  C  CD   . GLU A 1 135 ? -11.009 -6.956  8.719   1.00 38.61 ? 546 GLU A CD   1 
ATOM   983  O  OE1  . GLU A 1 135 ? -10.929 -5.703  8.717   1.00 34.59 ? 546 GLU A OE1  1 
ATOM   984  O  OE2  . GLU A 1 135 ? -12.023 -7.550  8.300   1.00 37.53 ? 546 GLU A OE2  1 
ATOM   985  N  N    . GLN A 1 136 ? -6.014  -5.701  10.848  1.00 22.33 ? 547 GLN A N    1 
ATOM   986  C  CA   . GLN A 1 136 ? -5.161  -5.007  11.802  1.00 24.50 ? 547 GLN A CA   1 
ATOM   987  C  C    . GLN A 1 136 ? -4.744  -3.630  11.303  1.00 25.42 ? 547 GLN A C    1 
ATOM   988  O  O    . GLN A 1 136 ? -4.855  -2.633  12.037  1.00 22.73 ? 547 GLN A O    1 
ATOM   989  C  CB   . GLN A 1 136 ? -3.930  -5.843  12.114  1.00 26.82 ? 547 GLN A CB   1 
ATOM   990  C  CG   . GLN A 1 136 ? -4.223  -7.128  12.867  1.00 39.54 ? 547 GLN A CG   1 
ATOM   991  C  CD   . GLN A 1 136 ? -2.968  -7.941  13.108  1.00 51.31 ? 547 GLN A CD   1 
ATOM   992  O  OE1  . GLN A 1 136 ? -2.941  -9.151  12.872  1.00 57.72 ? 547 GLN A OE1  1 
ATOM   993  N  NE2  . GLN A 1 136 ? -1.913  -7.277  13.574  1.00 47.54 ? 547 GLN A NE2  1 
ATOM   994  N  N    . VAL A 1 137 ? -4.259  -3.568  10.062  1.00 23.41 ? 548 VAL A N    1 
ATOM   995  C  CA   . VAL A 1 137 ? -3.836  -2.285  9.526   1.00 20.27 ? 548 VAL A CA   1 
ATOM   996  C  C    . VAL A 1 137 ? -5.046  -1.364  9.327   1.00 23.66 ? 548 VAL A C    1 
ATOM   997  O  O    . VAL A 1 137 ? -4.949  -0.161  9.576   1.00 21.15 ? 548 VAL A O    1 
ATOM   998  C  CB   . VAL A 1 137 ? -2.984  -2.414  8.238   1.00 19.73 ? 548 VAL A CB   1 
ATOM   999  C  CG1  . VAL A 1 137 ? -3.834  -2.948  7.043   1.00 22.10 ? 548 VAL A CG1  1 
ATOM   1000 C  CG2  . VAL A 1 137 ? -2.387  -1.051  7.869   1.00 24.37 ? 548 VAL A CG2  1 
ATOM   1001 N  N    . ASP A 1 138 ? -6.192  -1.916  8.927   1.00 20.20 ? 549 ASP A N    1 
ATOM   1002 C  CA   . ASP A 1 138 ? -7.377  -1.072  8.795   1.00 23.57 ? 549 ASP A CA   1 
ATOM   1003 C  C    . ASP A 1 138 ? -7.720  -0.399  10.137  1.00 22.58 ? 549 ASP A C    1 
ATOM   1004 O  O    . ASP A 1 138 ? -8.032  0.797   10.192  1.00 23.74 ? 549 ASP A O    1 
ATOM   1005 C  CB   . ASP A 1 138 ? -8.591  -1.854  8.272   1.00 17.75 ? 549 ASP A CB   1 
ATOM   1006 C  CG   . ASP A 1 138 ? -9.866  -1.044  8.365   1.00 21.42 ? 549 ASP A CG   1 
ATOM   1007 O  OD1  . ASP A 1 138 ? -10.581 -1.156  9.385   1.00 26.33 ? 549 ASP A OD1  1 
ATOM   1008 O  OD2  . ASP A 1 138 ? -10.112 -0.252  7.429   1.00 21.75 ? 549 ASP A OD2  1 
ATOM   1009 N  N    . LYS A 1 139 ? -7.650  -1.161  11.222  1.00 22.28 ? 550 LYS A N    1 
ATOM   1010 C  CA   . LYS A 1 139 ? -7.934  -0.616  12.544  1.00 26.98 ? 550 LYS A CA   1 
ATOM   1011 C  C    . LYS A 1 139 ? -6.988  0.540   12.887  1.00 30.16 ? 550 LYS A C    1 
ATOM   1012 O  O    . LYS A 1 139 ? -7.415  1.564   13.428  1.00 31.86 ? 550 LYS A O    1 
ATOM   1013 C  CB   . LYS A 1 139 ? -7.816  -1.714  13.597  1.00 30.97 ? 550 LYS A CB   1 
ATOM   1014 C  CG   . LYS A 1 139 ? -8.264  -1.300  14.993  1.00 43.57 ? 550 LYS A CG   1 
ATOM   1015 C  CD   . LYS A 1 139 ? -8.355  -2.511  15.911  1.00 53.19 ? 550 LYS A CD   1 
ATOM   1016 C  CE   . LYS A 1 139 ? -8.950  -2.152  17.268  1.00 62.02 ? 550 LYS A CE   1 
ATOM   1017 N  NZ   . LYS A 1 139 ? -8.059  -1.259  18.057  1.00 65.67 ? 550 LYS A NZ   1 
ATOM   1018 N  N    . LEU A 1 140 ? -5.708  0.375   12.565  1.00 22.74 ? 551 LEU A N    1 
ATOM   1019 C  CA   . LEU A 1 140 ? -4.705  1.413   12.832  1.00 25.31 ? 551 LEU A CA   1 
ATOM   1020 C  C    . LEU A 1 140 ? -4.946  2.698   12.050  1.00 26.03 ? 551 LEU A C    1 
ATOM   1021 O  O    . LEU A 1 140 ? -4.868  3.790   12.612  1.00 28.72 ? 551 LEU A O    1 
ATOM   1022 C  CB   . LEU A 1 140 ? -3.306  0.901   12.490  1.00 25.87 ? 551 LEU A CB   1 
ATOM   1023 C  CG   . LEU A 1 140 ? -2.684  -0.163  13.398  1.00 30.09 ? 551 LEU A CG   1 
ATOM   1024 C  CD1  . LEU A 1 140 ? -1.359  -0.625  12.806  1.00 32.43 ? 551 LEU A CD1  1 
ATOM   1025 C  CD2  . LEU A 1 140 ? -2.477  0.370   14.823  1.00 35.39 ? 551 LEU A CD2  1 
ATOM   1026 N  N    . VAL A 1 141 ? -5.194  2.594   10.746  1.00 21.99 ? 552 VAL A N    1 
ATOM   1027 C  CA   . VAL A 1 141 ? -5.277  3.817   9.958   1.00 23.28 ? 552 VAL A CA   1 
ATOM   1028 C  C    . VAL A 1 141 ? -6.624  4.527   10.110  1.00 22.51 ? 552 VAL A C    1 
ATOM   1029 O  O    . VAL A 1 141 ? -6.729  5.723   9.847   1.00 27.65 ? 552 VAL A O    1 
ATOM   1030 C  CB   . VAL A 1 141 ? -4.929  3.611   8.473   1.00 26.90 ? 552 VAL A CB   1 
ATOM   1031 C  CG1  . VAL A 1 141 ? -3.557  2.950   8.335   1.00 25.50 ? 552 VAL A CG1  1 
ATOM   1032 C  CG2  . VAL A 1 141 ? -6.038  2.805   7.752   1.00 21.64 ? 552 VAL A CG2  1 
ATOM   1033 N  N    . SER A 1 142 ? -7.660  3.807   10.520  1.00 28.86 ? 553 SER A N    1 
ATOM   1034 C  CA   . SER A 1 142 ? -8.972  4.432   10.546  1.00 32.49 ? 553 SER A CA   1 
ATOM   1035 C  C    . SER A 1 142 ? -9.236  5.088   11.896  1.00 34.17 ? 553 SER A C    1 
ATOM   1036 O  O    . SER A 1 142 ? -10.162 5.882   12.040  1.00 36.82 ? 553 SER A O    1 
ATOM   1037 C  CB   . SER A 1 142 ? -10.068 3.416   10.201  1.00 32.16 ? 553 SER A CB   1 
ATOM   1038 O  OG   . SER A 1 142 ? -10.139 2.426   11.205  1.00 35.25 ? 553 SER A OG   1 
ATOM   1039 N  N    . ALA A 1 143 ? -8.403  4.766   12.880  1.00 33.51 ? 554 ALA A N    1 
ATOM   1040 C  CA   . ALA A 1 143 ? -8.564  5.319   14.218  1.00 36.76 ? 554 ALA A CA   1 
ATOM   1041 C  C    . ALA A 1 143 ? -8.380  6.829   14.188  1.00 40.45 ? 554 ALA A C    1 
ATOM   1042 O  O    . ALA A 1 143 ? -7.365  7.332   13.718  1.00 40.76 ? 554 ALA A O    1 
ATOM   1043 C  CB   . ALA A 1 143 ? -7.589  4.680   15.172  1.00 33.65 ? 554 ALA A CB   1 
ATOM   1044 N  N    . GLY A 1 144 ? -9.379  7.553   14.676  1.00 43.75 ? 555 GLY A N    1 
ATOM   1045 C  CA   . GLY A 1 144 ? -9.316  9.000   14.704  1.00 44.13 ? 555 GLY A CA   1 
ATOM   1046 C  C    . GLY A 1 144 ? -9.527  9.625   13.342  1.00 45.70 ? 555 GLY A C    1 
ATOM   1047 O  O    . GLY A 1 144 ? -9.425  10.842  13.195  1.00 51.88 ? 555 GLY A O    1 
ATOM   1048 N  N    . ILE A 1 145 ? -9.822  8.795   12.342  1.00 40.70 ? 556 ILE A N    1 
ATOM   1049 C  CA   . ILE A 1 145 ? -10.059 9.277   10.985  1.00 38.81 ? 556 ILE A CA   1 
ATOM   1050 C  C    . ILE A 1 145 ? -11.458 8.898   10.508  1.00 47.74 ? 556 ILE A C    1 
ATOM   1051 O  O    . ILE A 1 145 ? -12.225 9.750   10.063  1.00 47.73 ? 556 ILE A O    1 
ATOM   1052 C  CB   . ILE A 1 145 ? -9.032  8.698   9.996   1.00 37.70 ? 556 ILE A CB   1 
ATOM   1053 C  CG1  . ILE A 1 145 ? -7.606  9.069   10.430  1.00 36.16 ? 556 ILE A CG1  1 
ATOM   1054 C  CG2  . ILE A 1 145 ? -9.305  9.197   8.592   1.00 36.09 ? 556 ILE A CG2  1 
ATOM   1055 C  CD1  . ILE A 1 145 ? -7.250  10.518  10.163  1.00 41.06 ? 556 ILE A CD1  1 
ATOM   1056 N  N    . ARG A 1 146 ? -11.777 7.611   10.595  1.00 53.08 ? 557 ARG A N    1 
ATOM   1057 C  CA   . ARG A 1 146 ? -13.075 7.113   10.159  1.00 57.05 ? 557 ARG A CA   1 
ATOM   1058 C  C    . ARG A 1 146 ? -14.049 7.059   11.327  1.00 60.94 ? 557 ARG A C    1 
ATOM   1059 O  O    . ARG A 1 146 ? -13.786 6.408   12.337  1.00 57.62 ? 557 ARG A O    1 
ATOM   1060 C  CB   . ARG A 1 146 ? -12.936 5.728   9.523   1.00 52.18 ? 557 ARG A CB   1 
ATOM   1061 C  CG   . ARG A 1 146 ? -14.231 5.181   8.930   1.00 46.14 ? 557 ARG A CG   1 
ATOM   1062 C  CD   . ARG A 1 146 ? -14.012 3.805   8.296   1.00 40.34 ? 557 ARG A CD   1 
ATOM   1063 N  NE   . ARG A 1 146 ? -13.635 2.797   9.282   1.00 40.91 ? 557 ARG A NE   1 
ATOM   1064 C  CZ   . ARG A 1 146 ? -12.872 1.736   9.022   1.00 37.29 ? 557 ARG A CZ   1 
ATOM   1065 N  NH1  . ARG A 1 146 ? -12.382 1.541   7.802   1.00 29.76 ? 557 ARG A NH1  1 
ATOM   1066 N  NH2  . ARG A 1 146 ? -12.583 0.873   9.991   1.00 37.57 ? 557 ARG A NH2  1 
ATOM   1067 N  N    . LYS A 1 147 ? -15.174 7.753   11.181  1.00 67.80 ? 558 LYS A N    1 
ATOM   1068 C  CA   . LYS A 1 147 ? -16.196 7.791   12.220  1.00 73.24 ? 558 LYS A CA   1 
ATOM   1069 C  C    . LYS A 1 147 ? -16.758 6.399   12.490  1.00 72.53 ? 558 LYS A C    1 
ATOM   1070 O  O    . LYS A 1 147 ? -16.514 5.814   13.547  1.00 74.50 ? 558 LYS A O    1 
ATOM   1071 C  CB   . LYS A 1 147 ? -17.321 8.756   11.830  1.00 77.13 ? 558 LYS A CB   1 
ATOM   1072 C  CG   . LYS A 1 147 ? -18.328 9.017   12.939  1.00 79.78 ? 558 LYS A CG   1 
ATOM   1073 C  CD   . LYS A 1 147 ? -19.117 10.287  12.668  1.00 81.74 ? 558 LYS A CD   1 
ATOM   1074 C  CE   . LYS A 1 147 ? -19.613 10.332  11.232  1.00 82.76 ? 558 LYS A CE   1 
ATOM   1075 N  NZ   . LYS A 1 147 ? -20.203 11.657  10.890  1.00 81.86 ? 558 LYS A NZ   1 
ATOM   1076 N  N    . VAL A 1 148 ? -17.507 5.873   11.527  1.00 69.76 ? 559 VAL A N    1 
ATOM   1077 C  CA   . VAL A 1 148 ? -18.090 4.545   11.654  1.00 67.94 ? 559 VAL A CA   1 
ATOM   1078 C  C    . VAL A 1 148 ? -17.892 3.762   10.355  1.00 64.93 ? 559 VAL A C    1 
ATOM   1079 O  O    . VAL A 1 148 ? -17.852 4.345   9.274   1.00 65.75 ? 559 VAL A O    1 
ATOM   1080 C  CB   . VAL A 1 148 ? -19.589 4.620   12.023  1.00 69.04 ? 559 VAL A CB   1 
ATOM   1081 C  CG1  . VAL A 1 148 ? -19.771 5.292   13.379  1.00 67.80 ? 559 VAL A CG1  1 
ATOM   1082 C  CG2  . VAL A 1 148 ? -20.362 5.372   10.950  1.00 69.61 ? 559 VAL A CG2  1 
HETATM 1083 MN MN   . MN  B 2 .   ? -8.200  0.179   1.955   1.00 22.09 ? 1   MN  A MN   1 
HETATM 1084 MN MN   . MN  C 2 .   ? -9.565  0.085   5.405   1.00 22.26 ? 2   MN  A MN   1 
HETATM 1085 S  S    . SO4 D 3 .   ? 15.211  -10.247 4.301   1.00 55.06 ? 3   SO4 A S    1 
HETATM 1086 O  O1   . SO4 D 3 .   ? 16.316  -10.898 3.606   1.00 54.58 ? 3   SO4 A O1   1 
HETATM 1087 O  O2   . SO4 D 3 .   ? 15.265  -8.803  4.060   1.00 54.63 ? 3   SO4 A O2   1 
HETATM 1088 O  O3   . SO4 D 3 .   ? 13.958  -10.788 3.807   1.00 43.10 ? 3   SO4 A O3   1 
HETATM 1089 O  O4   . SO4 D 3 .   ? 15.320  -10.513 5.730   1.00 56.30 ? 3   SO4 A O4   1 
HETATM 1090 C  C01  . P1Y E 4 .   ? -16.877 -1.222  3.529   1.00 23.52 ? 700 P1Y A C01  1 
HETATM 1091 C  C02  . P1Y E 4 .   ? -17.418 -2.441  3.894   1.00 22.05 ? 700 P1Y A C02  1 
HETATM 1092 C  C03  . P1Y E 4 .   ? -17.017 -3.643  3.313   1.00 24.17 ? 700 P1Y A C03  1 
HETATM 1093 C  C04  . P1Y E 4 .   ? -16.025 -3.630  2.328   1.00 22.69 ? 700 P1Y A C04  1 
HETATM 1094 C  C05  . P1Y E 4 .   ? -15.487 -2.412  1.926   1.00 22.65 ? 700 P1Y A C05  1 
HETATM 1095 C  C06  . P1Y E 4 .   ? -15.906 -1.212  2.525   1.00 18.70 ? 700 P1Y A C06  1 
HETATM 1096 C  C07  . P1Y E 4 .   ? -15.310 0.095   2.082   1.00 19.12 ? 700 P1Y A C07  1 
HETATM 1097 C  C08  . P1Y E 4 .   ? -13.833 0.183   2.344   1.00 19.19 ? 700 P1Y A C08  1 
HETATM 1098 N  N09  . P1Y E 4 .   ? -13.043 0.250   1.263   1.00 22.20 ? 700 P1Y A N09  1 
HETATM 1099 C  C10  . P1Y E 4 .   ? -11.710 0.328   1.517   1.00 26.20 ? 700 P1Y A C10  1 
HETATM 1100 C  C11  . P1Y E 4 .   ? -11.183 0.355   2.787   1.00 24.01 ? 700 P1Y A C11  1 
HETATM 1101 C  C12  . P1Y E 4 .   ? -12.113 0.274   3.796   1.00 21.46 ? 700 P1Y A C12  1 
HETATM 1102 N  N13  . P1Y E 4 .   ? -13.450 0.188   3.623   1.00 23.43 ? 700 P1Y A N13  1 
HETATM 1103 O  O14  . P1Y E 4 .   ? -9.851  0.410   3.055   1.00 22.36 ? 700 P1Y A O14  1 
HETATM 1104 O  O15  . P1Y E 4 .   ? -11.719 0.290   5.085   1.00 22.36 ? 700 P1Y A O15  1 
HETATM 1105 C  C16  . P1Y E 4 .   ? -10.854 0.416   0.316   1.00 23.81 ? 700 P1Y A C16  1 
HETATM 1106 O  O17  . P1Y E 4 .   ? -11.602 0.337   -0.798  1.00 28.01 ? 700 P1Y A O17  1 
HETATM 1107 O  O18  . P1Y E 4 .   ? -9.647  0.575   0.291   1.00 22.77 ? 700 P1Y A O18  1 
HETATM 1108 BR BR19 . P1Y E 4 .   ? -18.774 -2.494  5.222   1.00 41.85 ? 700 P1Y A BR19 1 
HETATM 1109 O  O20  . P1Y E 4 .   ? -17.610 -4.784  3.788   1.00 27.42 ? 700 P1Y A O20  1 
HETATM 1110 C  C21  . P1Y E 4 .   ? -17.271 -6.018  3.158   1.00 24.53 ? 700 P1Y A C21  1 
HETATM 1111 O  O    . HOH F 5 .   ? -10.163 -8.418  4.818   1.00 24.46 ? 4   HOH A O    1 
HETATM 1112 O  O    . HOH F 5 .   ? 18.404  -1.902  -5.485  0.50 23.42 ? 5   HOH A O    1 
HETATM 1113 O  O    . HOH F 5 .   ? 11.635  -9.151  3.020   1.00 22.31 ? 6   HOH A O    1 
HETATM 1114 O  O    . HOH F 5 .   ? -4.006  -4.829  3.618   1.00 23.62 ? 7   HOH A O    1 
HETATM 1115 O  O    . HOH F 5 .   ? -4.914  -1.434  1.162   1.00 27.71 ? 8   HOH A O    1 
HETATM 1116 O  O    . HOH F 5 .   ? -10.386 -4.368  6.398   1.00 25.52 ? 9   HOH A O    1 
HETATM 1117 O  O    . HOH F 5 .   ? 11.883  -8.461  -12.741 1.00 32.33 ? 10  HOH A O    1 
HETATM 1118 O  O    . HOH F 5 .   ? 11.580  -6.917  4.324   1.00 23.69 ? 11  HOH A O    1 
HETATM 1119 O  O    . HOH F 5 .   ? 2.316   -9.213  -8.142  1.00 26.92 ? 12  HOH A O    1 
HETATM 1120 O  O    . HOH F 5 .   ? 14.650  -9.168  0.990   1.00 29.02 ? 13  HOH A O    1 
HETATM 1121 O  O    . HOH F 5 .   ? 9.049   -13.709 6.712   1.00 43.70 ? 14  HOH A O    1 
HETATM 1122 O  O    . HOH F 5 .   ? 14.579  4.117   -9.697  1.00 28.01 ? 15  HOH A O    1 
HETATM 1123 O  O    . HOH F 5 .   ? 9.341   -8.983  -9.138  1.00 23.56 ? 16  HOH A O    1 
HETATM 1124 O  O    . HOH F 5 .   ? 17.219  -6.916  1.359   1.00 29.04 ? 17  HOH A O    1 
HETATM 1125 O  O    . HOH F 5 .   ? -9.122  2.184   -2.020  1.00 29.35 ? 18  HOH A O    1 
HETATM 1126 O  O    . HOH F 5 .   ? 1.546   -13.015 5.812   1.00 39.86 ? 19  HOH A O    1 
HETATM 1127 O  O    . HOH F 5 .   ? 14.839  -1.673  -0.774  1.00 26.51 ? 20  HOH A O    1 
HETATM 1128 O  O    . HOH F 5 .   ? -3.788  5.247   14.516  1.00 33.16 ? 21  HOH A O    1 
HETATM 1129 O  O    . HOH F 5 .   ? -14.916 -6.349  0.501   1.00 21.79 ? 22  HOH A O    1 
HETATM 1130 O  O    . HOH F 5 .   ? -15.108 -0.850  -4.095  1.00 31.83 ? 23  HOH A O    1 
HETATM 1131 O  O    . HOH F 5 .   ? 21.874  -4.011  -3.117  1.00 33.42 ? 24  HOH A O    1 
HETATM 1132 O  O    . HOH F 5 .   ? 20.069  -3.913  -5.242  1.00 28.65 ? 25  HOH A O    1 
HETATM 1133 O  O    . HOH F 5 .   ? -2.821  0.490   -0.323  1.00 33.57 ? 26  HOH A O    1 
HETATM 1134 O  O    . HOH F 5 .   ? -10.347 9.179   -2.441  1.00 32.94 ? 27  HOH A O    1 
HETATM 1135 O  O    . HOH F 5 .   ? 0.829   -9.227  -22.674 1.00 56.84 ? 28  HOH A O    1 
HETATM 1136 O  O    . HOH F 5 .   ? 16.990  -2.427  0.775   1.00 39.01 ? 29  HOH A O    1 
HETATM 1137 O  O    . HOH F 5 .   ? 7.864   -0.506  11.361  1.00 25.12 ? 30  HOH A O    1 
HETATM 1138 O  O    . HOH F 5 .   ? -10.782 -3.683  10.708  1.00 39.68 ? 31  HOH A O    1 
HETATM 1139 O  O    . HOH F 5 .   ? 13.227  0.590   -3.548  1.00 26.25 ? 32  HOH A O    1 
HETATM 1140 O  O    . HOH F 5 .   ? 7.404   -17.497 3.298   1.00 42.89 ? 33  HOH A O    1 
HETATM 1141 O  O    . HOH F 5 .   ? 15.383  -0.881  -3.133  1.00 31.66 ? 34  HOH A O    1 
HETATM 1142 O  O    . HOH F 5 .   ? 11.829  -10.890 -13.653 1.00 43.35 ? 35  HOH A O    1 
HETATM 1143 O  O    . HOH F 5 .   ? -1.537  -4.927  14.826  1.00 41.62 ? 36  HOH A O    1 
HETATM 1144 O  O    . HOH F 5 .   ? -14.062 -5.610  9.227   1.00 35.70 ? 37  HOH A O    1 
HETATM 1145 O  O    . HOH F 5 .   ? -8.059  -12.006 -3.552  1.00 50.09 ? 38  HOH A O    1 
HETATM 1146 O  O    . HOH F 5 .   ? 12.793  -1.849  -18.980 1.00 45.27 ? 39  HOH A O    1 
HETATM 1147 O  O    . HOH F 5 .   ? 6.068   -13.910 4.039   1.00 59.29 ? 40  HOH A O    1 
HETATM 1148 O  O    . HOH F 5 .   ? -6.807  11.340  -4.829  1.00 36.46 ? 41  HOH A O    1 
HETATM 1149 O  O    . HOH F 5 .   ? -8.933  4.021   1.618   1.00 34.14 ? 42  HOH A O    1 
HETATM 1150 O  O    . HOH F 5 .   ? 20.329  -6.466  -6.083  1.00 43.69 ? 43  HOH A O    1 
HETATM 1151 O  O    . HOH F 5 .   ? 7.608   -15.270 -6.283  1.00 36.81 ? 44  HOH A O    1 
HETATM 1152 O  O    . HOH F 5 .   ? 5.378   -21.551 -9.480  1.00 52.14 ? 45  HOH A O    1 
HETATM 1153 O  O    . HOH F 5 .   ? 7.390   -0.431  -26.353 1.00 35.30 ? 46  HOH A O    1 
HETATM 1154 O  O    . HOH F 5 .   ? -0.498  4.173   -14.363 1.00 52.54 ? 47  HOH A O    1 
HETATM 1155 O  O    . HOH F 5 .   ? 14.812  -16.665 -8.542  1.00 51.19 ? 48  HOH A O    1 
HETATM 1156 O  O    . HOH F 5 .   ? -10.987 4.669   -5.112  1.00 42.30 ? 49  HOH A O    1 
HETATM 1157 O  O    . HOH F 5 .   ? 14.105  -3.798  -18.328 1.00 32.00 ? 50  HOH A O    1 
HETATM 1158 O  O    . HOH F 5 .   ? 11.846  -16.861 -2.383  1.00 51.38 ? 51  HOH A O    1 
HETATM 1159 O  O    . HOH F 5 .   ? -4.714  9.520   -13.260 1.00 59.28 ? 52  HOH A O    1 
HETATM 1160 O  O    . HOH F 5 .   ? 9.396   -17.689 -3.803  1.00 41.17 ? 53  HOH A O    1 
HETATM 1161 O  O    . HOH F 5 .   ? 15.366  6.964   -9.619  1.00 38.85 ? 54  HOH A O    1 
HETATM 1162 O  O    . HOH F 5 .   ? 13.631  -15.177 -3.807  1.00 45.70 ? 55  HOH A O    1 
HETATM 1163 O  O    . HOH F 5 .   ? -5.502  18.365  5.212   1.00 40.36 ? 56  HOH A O    1 
HETATM 1164 O  O    . HOH F 5 .   ? -3.374  -12.020 7.508   1.00 42.91 ? 57  HOH A O    1 
HETATM 1165 O  O    . HOH F 5 .   ? 6.681   2.329   -25.761 0.50 43.04 ? 58  HOH A O    1 
HETATM 1166 O  O    . HOH F 5 .   ? 4.305   -6.872  -14.054 1.00 33.03 ? 59  HOH A O    1 
HETATM 1167 O  O    . HOH F 5 .   ? -7.680  -3.047  -9.190  1.00 40.73 ? 60  HOH A O    1 
HETATM 1168 O  O    . HOH F 5 .   ? 4.310   -18.323 -0.041  1.00 45.07 ? 61  HOH A O    1 
HETATM 1169 O  O    . HOH F 5 .   ? 21.047  -2.856  -0.914  0.50 37.04 ? 62  HOH A O    1 
HETATM 1170 O  O    . HOH F 5 .   ? 7.989   -7.374  -18.713 1.00 45.78 ? 63  HOH A O    1 
HETATM 1171 O  O    . HOH F 5 .   ? 4.646   -18.646 -3.011  1.00 36.76 ? 64  HOH A O    1 
HETATM 1172 O  O    . HOH F 5 .   ? 12.800  -0.568  8.059   1.00 41.87 ? 65  HOH A O    1 
HETATM 1173 O  O    . HOH F 5 .   ? 4.839   -6.695  -16.686 1.00 40.73 ? 66  HOH A O    1 
HETATM 1174 O  O    . HOH F 5 .   ? -11.598 3.888   5.106   1.00 41.59 ? 67  HOH A O    1 
HETATM 1175 O  O    . HOH F 5 .   ? 12.325  -7.703  8.470   1.00 42.03 ? 68  HOH A O    1 
HETATM 1176 O  O    . HOH F 5 .   ? 13.332  2.807   6.158   1.00 40.53 ? 69  HOH A O    1 
HETATM 1177 O  O    . HOH F 5 .   ? -0.090  -7.320  -9.102  1.00 41.04 ? 70  HOH A O    1 
HETATM 1178 O  O    . HOH F 5 .   ? 8.245   8.579   3.760   1.00 52.53 ? 71  HOH A O    1 
HETATM 1179 O  O    . HOH F 5 .   ? 16.014  -11.931 -5.785  1.00 51.97 ? 72  HOH A O    1 
HETATM 1180 O  O    . HOH F 5 .   ? 11.909  4.710   -0.879  1.00 50.24 ? 73  HOH A O    1 
HETATM 1181 O  O    . HOH F 5 .   ? 0.988   15.325  4.244   1.00 41.86 ? 74  HOH A O    1 
HETATM 1182 O  O    . HOH F 5 .   ? 14.515  -0.642  3.200   1.00 41.67 ? 75  HOH A O    1 
HETATM 1183 O  O    . HOH F 5 .   ? -4.171  -9.536  -6.840  1.00 43.14 ? 76  HOH A O    1 
HETATM 1184 O  O    . HOH F 5 .   ? 6.770   -12.644 -13.186 1.00 51.04 ? 77  HOH A O    1 
HETATM 1185 O  O    . HOH F 5 .   ? -1.281  -10.834 -7.684  1.00 51.29 ? 78  HOH A O    1 
HETATM 1186 O  O    . HOH F 5 .   ? -2.437  11.682  13.988  1.00 42.14 ? 103 HOH A O    1 
HETATM 1187 O  O    . HOH F 5 .   ? 15.170  -8.270  -10.166 1.00 43.45 ? 104 HOH A O    1 
HETATM 1188 O  O    . HOH F 5 .   ? -0.864  -15.020 -6.701  1.00 50.65 ? 105 HOH A O    1 
HETATM 1189 O  O    . HOH F 5 .   ? -14.727 2.051   5.358   1.00 47.40 ? 106 HOH A O    1 
HETATM 1190 O  O    . HOH F 5 .   ? -10.135 13.478  1.664   1.00 39.09 ? 107 HOH A O    1 
HETATM 1191 O  O    . HOH F 5 .   ? 10.601  -1.106  11.371  1.00 48.08 ? 108 HOH A O    1 
HETATM 1192 O  O    . HOH F 5 .   ? 3.360   -9.523  -13.785 1.00 49.34 ? 109 HOH A O    1 
HETATM 1193 O  O    . HOH F 5 .   ? 22.371  -6.717  -2.307  1.00 56.14 ? 110 HOH A O    1 
HETATM 1194 O  O    . HOH F 5 .   ? 10.753  7.416   -5.109  1.00 40.20 ? 111 HOH A O    1 
HETATM 1195 O  O    . HOH F 5 .   ? -5.740  -4.569  -11.168 1.00 53.14 ? 112 HOH A O    1 
HETATM 1196 O  O    . HOH F 5 .   ? -5.674  1.333   17.009  1.00 56.21 ? 113 HOH A O    1 
HETATM 1197 O  O    . HOH F 5 .   ? 6.875   -4.871  -17.106 1.00 47.00 ? 114 HOH A O    1 
HETATM 1198 O  O    . HOH F 5 .   ? 0.490   -17.137 -6.471  1.00 56.93 ? 115 HOH A O    1 
HETATM 1199 O  O    . HOH F 5 .   ? 12.051  -9.513  -10.324 1.00 39.31 ? 116 HOH A O    1 
HETATM 1200 O  O    . HOH F 5 .   ? -0.207  -10.099 -9.996  1.00 59.43 ? 117 HOH A O    1 
HETATM 1201 O  O    . HOH F 5 .   ? 7.339   -3.972  -25.581 1.00 51.35 ? 118 HOH A O    1 
HETATM 1202 O  O    . HOH F 5 .   ? -10.271 2.017   14.418  1.00 45.05 ? 119 HOH A O    1 
HETATM 1203 O  O    . HOH F 5 .   ? -2.872  6.044   -18.856 1.00 57.63 ? 120 HOH A O    1 
HETATM 1204 O  O    . HOH F 5 .   ? 13.049  -1.027  12.421  1.00 43.79 ? 121 HOH A O    1 
HETATM 1205 O  O    . HOH F 5 .   ? 4.397   -0.287  -24.192 1.00 32.17 ? 122 HOH A O    1 
HETATM 1206 O  O    . HOH F 5 .   ? -9.282  4.516   -1.132  1.00 51.62 ? 123 HOH A O    1 
HETATM 1207 O  O    . HOH F 5 .   ? 9.647   -6.399  -26.335 1.00 45.71 ? 124 HOH A O    1 
HETATM 1208 O  O    . HOH F 5 .   ? 9.776   -7.227  -20.608 1.00 54.83 ? 125 HOH A O    1 
HETATM 1209 O  O    . HOH F 5 .   ? 3.536   9.818   -16.529 1.00 40.69 ? 126 HOH A O    1 
HETATM 1210 O  O    . HOH F 5 .   ? 4.921   7.457   -17.656 1.00 40.17 ? 127 HOH A O    1 
HETATM 1211 O  O    . HOH F 5 .   ? 0.868   12.936  -6.491  1.00 41.51 ? 128 HOH A O    1 
HETATM 1212 O  O    . HOH F 5 .   ? 10.495  -10.208 13.072  1.00 34.94 ? 129 HOH A O    1 
HETATM 1213 O  O    . HOH F 5 .   ? -4.521  9.507   16.325  1.00 62.58 ? 130 HOH A O    1 
HETATM 1214 O  O    . HOH F 5 .   ? 4.850   2.820   -18.667 1.00 35.94 ? 131 HOH A O    1 
HETATM 1215 O  O    . HOH F 5 .   ? 4.208   8.141   2.371   1.00 64.28 ? 132 HOH A O    1 
HETATM 1216 O  O    . HOH F 5 .   ? 1.634   15.308  8.600   1.00 60.36 ? 133 HOH A O    1 
HETATM 1217 O  O    . HOH F 5 .   ? -3.073  -12.395 -6.673  1.00 62.35 ? 134 HOH A O    1 
HETATM 1218 O  O    . HOH F 5 .   ? 1.118   -9.965  -12.358 1.00 68.52 ? 135 HOH A O    1 
HETATM 1219 O  O    . HOH F 5 .   ? 6.108   10.435  -0.131  1.00 55.72 ? 136 HOH A O    1 
HETATM 1220 O  O    . HOH F 5 .   ? 5.361   -9.287  -17.544 1.00 50.81 ? 137 HOH A O    1 
HETATM 1221 O  O    . HOH F 5 .   ? 5.284   4.061   -27.674 1.00 44.38 ? 138 HOH A O    1 
HETATM 1222 O  O    . HOH F 5 .   ? -0.229  3.112   -19.509 1.00 39.15 ? 139 HOH A O    1 
HETATM 1223 O  O    . HOH F 5 .   ? 10.454  -3.944  -20.345 1.00 40.57 ? 140 HOH A O    1 
HETATM 1224 O  O    . HOH F 5 .   ? 8.883   -5.062  -19.064 1.00 45.51 ? 141 HOH A O    1 
HETATM 1225 O  O    . HOH F 5 .   ? 0.777   -0.877  -17.079 1.00 66.20 ? 142 HOH A O    1 
HETATM 1226 O  O    . HOH F 5 .   ? 13.657  -12.382 0.966   1.00 45.73 ? 143 HOH A O    1 
HETATM 1227 O  O    . HOH F 5 .   ? 17.169  -9.873  -0.404  1.00 53.44 ? 144 HOH A O    1 
HETATM 1228 O  O    . HOH F 5 .   ? 19.049  -8.691  0.741   1.00 48.01 ? 145 HOH A O    1 
HETATM 1229 O  O    . HOH F 5 .   ? -5.309  13.533  -4.230  1.00 53.93 ? 146 HOH A O    1 
HETATM 1230 O  O    . HOH F 5 .   ? -1.195  -6.548  -11.369 1.00 54.66 ? 147 HOH A O    1 
HETATM 1231 O  O    . HOH F 5 .   ? 4.393   -15.859 1.451   1.00 56.26 ? 148 HOH A O    1 
HETATM 1232 O  O    . HOH F 5 .   ? 5.629   -21.334 -3.504  1.00 46.06 ? 149 HOH A O    1 
HETATM 1233 O  O    . HOH F 5 .   ? -11.281 6.415   -2.678  1.00 54.39 ? 150 HOH A O    1 
HETATM 1234 O  O    . HOH F 5 .   ? -9.251  10.741  -4.907  1.00 51.38 ? 151 HOH A O    1 
HETATM 1235 O  O    . HOH F 5 .   ? 14.358  -14.782 4.039   0.50 30.72 ? 152 HOH A O    1 
HETATM 1236 O  O    . HOH F 5 .   ? -3.836  3.496   16.734  1.00 56.59 ? 153 HOH A O    1 
HETATM 1237 O  O    . HOH F 5 .   ? -9.446  2.293   5.668   1.00 23.25 ? 562 HOH A O    1 
HETATM 1238 O  O    . HOH F 5 .   ? -9.790  -2.051  4.881   1.00 20.83 ? 563 HOH A O    1 
HETATM 1239 O  O    . HOH F 5 .   ? 9.061   -6.968  14.387  1.00 24.46 ? 564 HOH A O    1 
HETATM 1240 O  O    . HOH F 5 .   ? 6.572   -15.349 -9.297  1.00 50.54 ? 565 HOH A O    1 
HETATM 1241 O  O    . HOH F 5 .   ? 15.510  7.023   -3.916  1.00 56.51 ? 566 HOH A O    1 
HETATM 1242 O  O    . HOH F 5 .   ? 12.331  1.861   -1.608  1.00 50.69 ? 567 HOH A O    1 
HETATM 1243 O  O    . HOH F 5 .   ? 9.652   -0.037  -28.157 1.00 47.42 ? 568 HOH A O    1 
HETATM 1244 O  O    . HOH F 5 .   ? 11.558  -5.939  13.166  1.00 45.11 ? 569 HOH A O    1 
HETATM 1245 O  O    . HOH F 5 .   ? -14.864 0.165   -1.232  1.00 31.57 ? 570 HOH A O    1 
HETATM 1246 O  O    . HOH F 5 .   ? 0.844   -4.453  -15.560 1.00 42.24 ? 571 HOH A O    1 
HETATM 1247 O  O    . HOH F 5 .   ? 1.229   -7.659  -20.505 1.00 54.14 ? 572 HOH A O    1 
HETATM 1248 O  O    . HOH F 5 .   ? -6.257  -5.142  15.671  1.00 47.97 ? 573 HOH A O    1 
HETATM 1249 O  O    . HOH F 5 .   ? -17.432 2.388   5.482   1.00 44.83 ? 574 HOH A O    1 
HETATM 1250 O  O    . HOH F 5 .   ? 13.192  3.740   -2.997  1.00 41.38 ? 575 HOH A O    1 
HETATM 1251 O  O    . HOH F 5 .   ? 1.750   -5.625  -13.578 1.00 39.91 ? 576 HOH A O    1 
HETATM 1252 O  O    . HOH F 5 .   ? -11.192 10.907  0.618   1.00 41.51 ? 577 HOH A O    1 
HETATM 1253 O  O    . HOH F 5 .   ? -7.831  -6.734  13.958  1.00 43.65 ? 578 HOH A O    1 
HETATM 1254 O  O    . HOH F 5 .   ? 3.134   -5.520  15.791  1.00 45.38 ? 579 HOH A O    1 
HETATM 1255 O  O    . HOH F 5 .   ? -5.318  -1.252  16.702  1.00 49.19 ? 580 HOH A O    1 
HETATM 1256 O  O    . HOH F 5 .   ? 12.928  5.807   -4.645  1.00 52.17 ? 581 HOH A O    1 
HETATM 1257 O  O    . HOH F 5 .   ? -2.057  -8.635  -8.360  1.00 59.45 ? 582 HOH A O    1 
HETATM 1258 O  O    . HOH F 5 .   ? 21.065  -5.368  0.858   1.00 51.84 ? 583 HOH A O    1 
HETATM 1259 O  O    . HOH F 5 .   ? 17.930  -4.701  1.887   1.00 42.20 ? 584 HOH A O    1 
HETATM 1260 O  O    . HOH F 5 .   ? 12.291  -7.870  11.404  1.00 50.24 ? 585 HOH A O    1 
HETATM 1261 O  O    . HOH F 5 .   ? -15.007 11.241  5.730   1.00 47.96 ? 586 HOH A O    1 
HETATM 1262 O  O    . HOH F 5 .   ? 14.243  -6.478  5.599   1.00 36.96 ? 587 HOH A O    1 
HETATM 1263 O  O    . HOH F 5 .   ? -4.811  -2.970  14.784  1.00 38.28 ? 588 HOH A O    1 
# 
loop_
_pdbx_poly_seq_scheme.asym_id 
_pdbx_poly_seq_scheme.entity_id 
_pdbx_poly_seq_scheme.seq_id 
_pdbx_poly_seq_scheme.mon_id 
_pdbx_poly_seq_scheme.ndb_seq_num 
_pdbx_poly_seq_scheme.pdb_seq_num 
_pdbx_poly_seq_scheme.auth_seq_num 
_pdbx_poly_seq_scheme.pdb_mon_id 
_pdbx_poly_seq_scheme.auth_mon_id 
_pdbx_poly_seq_scheme.pdb_strand_id 
_pdbx_poly_seq_scheme.pdb_ins_code 
_pdbx_poly_seq_scheme.hetero 
A 1 1   MET 1   426 426 MET MET A . n 
A 1 2   TYR 2   427 427 TYR TYR A . n 
A 1 3   GLN 3   428 428 GLN GLN A . n 
A 1 4   LEU 4   429 429 LEU LEU A . n 
A 1 5   GLU 5   430 430 GLU GLU A . n 
A 1 6   LYS 6   431 431 LYS LYS A . n 
A 1 7   GLU 7   432 432 GLU GLU A . n 
A 1 8   PRO 8   433 433 PRO PRO A . n 
A 1 9   ILE 9   434 434 ILE ILE A . n 
A 1 10  VAL 10  435 435 VAL VAL A . n 
A 1 11  GLY 11  436 436 GLY GLY A . n 
A 1 12  ALA 12  437 437 ALA ALA A . n 
A 1 13  GLU 13  438 438 GLU GLU A . n 
A 1 14  THR 14  439 439 THR THR A . n 
A 1 15  PHE 15  440 440 PHE PHE A . n 
A 1 16  TYR 16  441 441 TYR TYR A . n 
A 1 17  VAL 17  442 442 VAL VAL A . n 
A 1 18  ASP 18  443 443 ASP ASP A . n 
A 1 19  GLY 19  444 444 GLY GLY A . n 
A 1 20  ALA 20  445 445 ALA ALA A . n 
A 1 21  ALA 21  446 446 ALA ALA A . n 
A 1 22  ASN 22  447 447 ASN ASN A . n 
A 1 23  ARG 23  448 448 ARG ARG A . n 
A 1 24  GLU 24  449 449 GLU GLU A . n 
A 1 25  THR 25  450 450 THR THR A . n 
A 1 26  LYS 26  451 451 LYS LYS A . n 
A 1 27  LEU 27  452 452 LEU LEU A . n 
A 1 28  GLY 28  453 453 GLY GLY A . n 
A 1 29  LYS 29  454 454 LYS LYS A . n 
A 1 30  ALA 30  455 455 ALA ALA A . n 
A 1 31  GLY 31  456 456 GLY GLY A . n 
A 1 32  TYR 32  457 457 TYR TYR A . n 
A 1 33  VAL 33  458 458 VAL VAL A . n 
A 1 34  THR 34  459 459 THR THR A . n 
A 1 35  ASN 35  460 460 ASN ASN A . n 
A 1 36  ARG 36  461 461 ARG ARG A . n 
A 1 37  GLY 37  462 462 GLY GLY A . n 
A 1 38  ARG 38  463 463 ARG ARG A . n 
A 1 39  GLN 39  464 464 GLN GLN A . n 
A 1 40  LYS 40  465 465 LYS LYS A . n 
A 1 41  VAL 41  466 466 VAL VAL A . n 
A 1 42  VAL 42  467 467 VAL VAL A . n 
A 1 43  THR 43  468 468 THR THR A . n 
A 1 44  LEU 44  469 469 LEU LEU A . n 
A 1 45  THR 45  470 470 THR THR A . n 
A 1 46  ASP 46  471 471 ASP ASP A . n 
A 1 47  THR 47  472 472 THR THR A . n 
A 1 48  THR 48  473 473 THR THR A . n 
A 1 49  ASN 49  474 474 ASN ASN A . n 
A 1 50  GLN 50  475 475 GLN GLN A . n 
A 1 51  LYS 51  476 476 LYS LYS A . n 
A 1 52  THR 52  477 477 THR THR A . n 
A 1 53  GLU 53  478 478 GLU GLU A . n 
A 1 54  LEU 54  479 479 LEU LEU A . n 
A 1 55  GLN 55  480 480 GLN GLN A . n 
A 1 56  ALA 56  481 481 ALA ALA A . n 
A 1 57  ILE 57  482 482 ILE ILE A . n 
A 1 58  TYR 58  483 483 TYR TYR A . n 
A 1 59  LEU 59  484 484 LEU LEU A . n 
A 1 60  ALA 60  485 485 ALA ALA A . n 
A 1 61  LEU 61  486 486 LEU LEU A . n 
A 1 62  GLN 62  487 487 GLN GLN A . n 
A 1 63  ASP 63  488 488 ASP ASP A . n 
A 1 64  SER 64  489 489 SER SER A . n 
A 1 65  GLY 65  490 490 GLY GLY A . n 
A 1 66  LEU 66  491 491 LEU LEU A . n 
A 1 67  GLU 67  492 492 GLU GLU A . n 
A 1 68  VAL 68  493 493 VAL VAL A . n 
A 1 69  ASN 69  494 494 ASN ASN A . n 
A 1 70  ILE 70  495 495 ILE ILE A . n 
A 1 71  VAL 71  496 496 VAL VAL A . n 
A 1 72  THR 72  497 497 THR THR A . n 
A 1 73  ASP 73  498 498 ASP ASP A . n 
A 1 74  SER 74  499 499 SER SER A . n 
A 1 75  GLN 75  500 500 GLN GLN A . n 
A 1 76  TYR 76  501 501 TYR TYR A . n 
A 1 77  ALA 77  502 502 ALA ALA A . n 
A 1 78  LEU 78  503 503 LEU LEU A . n 
A 1 79  GLY 79  504 504 GLY GLY A . n 
A 1 80  ILE 80  505 505 ILE ILE A . n 
A 1 81  ILE 81  506 506 ILE ILE A . n 
A 1 82  THR 82  79  79  THR THR A . n 
A 1 83  GLN 83  80  80  GLN GLN A . n 
A 1 84  TRP 84  81  81  TRP TRP A . n 
A 1 85  ILE 85  82  82  ILE ILE A . n 
A 1 86  HIS 86  83  83  HIS HIS A . n 
A 1 87  ASN 87  84  84  ASN ASN A . n 
A 1 88  TRP 88  85  85  TRP TRP A . n 
A 1 89  LYS 89  86  86  LYS LYS A . n 
A 1 90  LYS 90  87  ?   ?   ?   A . n 
A 1 91  ARG 91  88  ?   ?   ?   A . n 
A 1 92  GLY 92  89  ?   ?   ?   A . n 
A 1 93  TRP 93  90  ?   ?   ?   A . n 
A 1 94  LYS 94  91  ?   ?   ?   A . n 
A 1 95  THR 95  92  ?   ?   ?   A . n 
A 1 96  ALA 96  93  ?   ?   ?   A . n 
A 1 97  ASP 97  94  ?   ?   ?   A . n 
A 1 98  LYS 98  95  ?   ?   ?   A . n 
A 1 99  LYS 99  96  ?   ?   ?   A . n 
A 1 100 PRO 100 97  ?   ?   ?   A . n 
A 1 101 VAL 101 98  98  VAL VAL A . n 
A 1 102 LYS 102 99  99  LYS LYS A . n 
A 1 103 ASN 103 100 100 ASN ASN A . n 
A 1 104 VAL 104 101 101 VAL VAL A . n 
A 1 105 ASP 105 102 102 ASP ASP A . n 
A 1 106 LEU 106 517 517 LEU LEU A . n 
A 1 107 VAL 107 518 518 VAL VAL A . n 
A 1 108 ASN 108 519 519 ASN ASN A . n 
A 1 109 GLN 109 520 520 GLN GLN A . n 
A 1 110 ILE 110 521 521 ILE ILE A . n 
A 1 111 ILE 111 522 522 ILE ILE A . n 
A 1 112 GLU 112 523 523 GLU GLU A . n 
A 1 113 GLN 113 524 524 GLN GLN A . n 
A 1 114 LEU 114 525 525 LEU LEU A . n 
A 1 115 ILE 115 526 526 ILE ILE A . n 
A 1 116 LYS 116 527 527 LYS LYS A . n 
A 1 117 LYS 117 528 528 LYS LYS A . n 
A 1 118 GLU 118 529 529 GLU GLU A . n 
A 1 119 LYS 119 530 530 LYS LYS A . n 
A 1 120 VAL 120 531 531 VAL VAL A . n 
A 1 121 TYR 121 532 532 TYR TYR A . n 
A 1 122 LEU 122 533 533 LEU LEU A . n 
A 1 123 ALA 123 534 534 ALA ALA A . n 
A 1 124 TRP 124 535 535 TRP TRP A . n 
A 1 125 VAL 125 536 536 VAL VAL A . n 
A 1 126 PRO 126 537 537 PRO PRO A . n 
A 1 127 ALA 127 538 538 ALA ALA A . n 
A 1 128 HIS 128 539 539 HIS HIS A . n 
A 1 129 LYS 129 540 540 LYS LYS A . n 
A 1 130 GLY 130 541 541 GLY GLY A . n 
A 1 131 ILE 131 542 542 ILE ILE A . n 
A 1 132 GLY 132 543 543 GLY GLY A . n 
A 1 133 GLY 133 544 544 GLY GLY A . n 
A 1 134 ASN 134 545 545 ASN ASN A . n 
A 1 135 GLU 135 546 546 GLU GLU A . n 
A 1 136 GLN 136 547 547 GLN GLN A . n 
A 1 137 VAL 137 548 548 VAL VAL A . n 
A 1 138 ASP 138 549 549 ASP ASP A . n 
A 1 139 LYS 139 550 550 LYS LYS A . n 
A 1 140 LEU 140 551 551 LEU LEU A . n 
A 1 141 VAL 141 552 552 VAL VAL A . n 
A 1 142 SER 142 553 553 SER SER A . n 
A 1 143 ALA 143 554 554 ALA ALA A . n 
A 1 144 GLY 144 555 555 GLY GLY A . n 
A 1 145 ILE 145 556 556 ILE ILE A . n 
A 1 146 ARG 146 557 557 ARG ARG A . n 
A 1 147 LYS 147 558 558 LYS LYS A . n 
A 1 148 VAL 148 559 559 VAL VAL A . n 
A 1 149 LEU 149 560 ?   ?   ?   A . n 
A 1 150 PHE 150 561 ?   ?   ?   A . n 
# 
loop_
_pdbx_nonpoly_scheme.asym_id 
_pdbx_nonpoly_scheme.entity_id 
_pdbx_nonpoly_scheme.mon_id 
_pdbx_nonpoly_scheme.ndb_seq_num 
_pdbx_nonpoly_scheme.pdb_seq_num 
_pdbx_nonpoly_scheme.auth_seq_num 
_pdbx_nonpoly_scheme.pdb_mon_id 
_pdbx_nonpoly_scheme.auth_mon_id 
_pdbx_nonpoly_scheme.pdb_strand_id 
_pdbx_nonpoly_scheme.pdb_ins_code 
B 2 MN  1   1   1   MN  MN  A . 
C 2 MN  1   2   2   MN  MN  A . 
D 3 SO4 1   3   3   SO4 SO4 A . 
E 4 P1Y 1   700 700 P1Y P1Y A . 
F 5 HOH 1   4   4   HOH HOH A . 
F 5 HOH 2   5   5   HOH HOH A . 
F 5 HOH 3   6   6   HOH HOH A . 
F 5 HOH 4   7   7   HOH HOH A . 
F 5 HOH 5   8   8   HOH HOH A . 
F 5 HOH 6   9   9   HOH HOH A . 
F 5 HOH 7   10  10  HOH HOH A . 
F 5 HOH 8   11  11  HOH HOH A . 
F 5 HOH 9   12  12  HOH HOH A . 
F 5 HOH 10  13  13  HOH HOH A . 
F 5 HOH 11  14  14  HOH HOH A . 
F 5 HOH 12  15  15  HOH HOH A . 
F 5 HOH 13  16  16  HOH HOH A . 
F 5 HOH 14  17  17  HOH HOH A . 
F 5 HOH 15  18  18  HOH HOH A . 
F 5 HOH 16  19  19  HOH HOH A . 
F 5 HOH 17  20  20  HOH HOH A . 
F 5 HOH 18  21  21  HOH HOH A . 
F 5 HOH 19  22  22  HOH HOH A . 
F 5 HOH 20  23  23  HOH HOH A . 
F 5 HOH 21  24  24  HOH HOH A . 
F 5 HOH 22  25  25  HOH HOH A . 
F 5 HOH 23  26  26  HOH HOH A . 
F 5 HOH 24  27  27  HOH HOH A . 
F 5 HOH 25  28  28  HOH HOH A . 
F 5 HOH 26  29  29  HOH HOH A . 
F 5 HOH 27  30  30  HOH HOH A . 
F 5 HOH 28  31  31  HOH HOH A . 
F 5 HOH 29  32  32  HOH HOH A . 
F 5 HOH 30  33  33  HOH HOH A . 
F 5 HOH 31  34  34  HOH HOH A . 
F 5 HOH 32  35  35  HOH HOH A . 
F 5 HOH 33  36  36  HOH HOH A . 
F 5 HOH 34  37  37  HOH HOH A . 
F 5 HOH 35  38  38  HOH HOH A . 
F 5 HOH 36  39  39  HOH HOH A . 
F 5 HOH 37  40  40  HOH HOH A . 
F 5 HOH 38  41  41  HOH HOH A . 
F 5 HOH 39  42  42  HOH HOH A . 
F 5 HOH 40  43  43  HOH HOH A . 
F 5 HOH 41  44  44  HOH HOH A . 
F 5 HOH 42  45  45  HOH HOH A . 
F 5 HOH 43  46  46  HOH HOH A . 
F 5 HOH 44  47  47  HOH HOH A . 
F 5 HOH 45  48  48  HOH HOH A . 
F 5 HOH 46  49  49  HOH HOH A . 
F 5 HOH 47  50  50  HOH HOH A . 
F 5 HOH 48  51  51  HOH HOH A . 
F 5 HOH 49  52  52  HOH HOH A . 
F 5 HOH 50  53  53  HOH HOH A . 
F 5 HOH 51  54  54  HOH HOH A . 
F 5 HOH 52  55  55  HOH HOH A . 
F 5 HOH 53  56  56  HOH HOH A . 
F 5 HOH 54  57  57  HOH HOH A . 
F 5 HOH 55  58  58  HOH HOH A . 
F 5 HOH 56  59  59  HOH HOH A . 
F 5 HOH 57  60  60  HOH HOH A . 
F 5 HOH 58  61  61  HOH HOH A . 
F 5 HOH 59  62  62  HOH HOH A . 
F 5 HOH 60  63  63  HOH HOH A . 
F 5 HOH 61  64  64  HOH HOH A . 
F 5 HOH 62  65  65  HOH HOH A . 
F 5 HOH 63  66  66  HOH HOH A . 
F 5 HOH 64  67  67  HOH HOH A . 
F 5 HOH 65  68  68  HOH HOH A . 
F 5 HOH 66  69  69  HOH HOH A . 
F 5 HOH 67  70  70  HOH HOH A . 
F 5 HOH 68  71  71  HOH HOH A . 
F 5 HOH 69  72  72  HOH HOH A . 
F 5 HOH 70  73  73  HOH HOH A . 
F 5 HOH 71  74  74  HOH HOH A . 
F 5 HOH 72  75  75  HOH HOH A . 
F 5 HOH 73  76  76  HOH HOH A . 
F 5 HOH 74  77  77  HOH HOH A . 
F 5 HOH 75  78  78  HOH HOH A . 
F 5 HOH 76  103 103 HOH HOH A . 
F 5 HOH 77  104 104 HOH HOH A . 
F 5 HOH 78  105 105 HOH HOH A . 
F 5 HOH 79  106 106 HOH HOH A . 
F 5 HOH 80  107 107 HOH HOH A . 
F 5 HOH 81  108 108 HOH HOH A . 
F 5 HOH 82  109 109 HOH HOH A . 
F 5 HOH 83  110 110 HOH HOH A . 
F 5 HOH 84  111 111 HOH HOH A . 
F 5 HOH 85  112 112 HOH HOH A . 
F 5 HOH 86  113 113 HOH HOH A . 
F 5 HOH 87  114 114 HOH HOH A . 
F 5 HOH 88  115 115 HOH HOH A . 
F 5 HOH 89  116 116 HOH HOH A . 
F 5 HOH 90  117 117 HOH HOH A . 
F 5 HOH 91  118 118 HOH HOH A . 
F 5 HOH 92  119 119 HOH HOH A . 
F 5 HOH 93  120 120 HOH HOH A . 
F 5 HOH 94  121 121 HOH HOH A . 
F 5 HOH 95  122 122 HOH HOH A . 
F 5 HOH 96  123 123 HOH HOH A . 
F 5 HOH 97  124 124 HOH HOH A . 
F 5 HOH 98  125 125 HOH HOH A . 
F 5 HOH 99  126 126 HOH HOH A . 
F 5 HOH 100 127 127 HOH HOH A . 
F 5 HOH 101 128 128 HOH HOH A . 
F 5 HOH 102 129 129 HOH HOH A . 
F 5 HOH 103 130 130 HOH HOH A . 
F 5 HOH 104 131 131 HOH HOH A . 
F 5 HOH 105 132 132 HOH HOH A . 
F 5 HOH 106 133 133 HOH HOH A . 
F 5 HOH 107 134 134 HOH HOH A . 
F 5 HOH 108 135 135 HOH HOH A . 
F 5 HOH 109 136 136 HOH HOH A . 
F 5 HOH 110 137 137 HOH HOH A . 
F 5 HOH 111 138 138 HOH HOH A . 
F 5 HOH 112 139 139 HOH HOH A . 
F 5 HOH 113 140 140 HOH HOH A . 
F 5 HOH 114 141 141 HOH HOH A . 
F 5 HOH 115 142 142 HOH HOH A . 
F 5 HOH 116 143 143 HOH HOH A . 
F 5 HOH 117 144 144 HOH HOH A . 
F 5 HOH 118 145 145 HOH HOH A . 
F 5 HOH 119 146 146 HOH HOH A . 
F 5 HOH 120 147 147 HOH HOH A . 
F 5 HOH 121 148 148 HOH HOH A . 
F 5 HOH 122 149 149 HOH HOH A . 
F 5 HOH 123 150 150 HOH HOH A . 
F 5 HOH 124 151 151 HOH HOH A . 
F 5 HOH 125 152 152 HOH HOH A . 
F 5 HOH 126 153 153 HOH HOH A . 
F 5 HOH 127 562 1   HOH HOH A . 
F 5 HOH 128 563 2   HOH HOH A . 
F 5 HOH 129 564 3   HOH HOH A . 
F 5 HOH 130 565 79  HOH HOH A . 
F 5 HOH 131 566 80  HOH HOH A . 
F 5 HOH 132 567 81  HOH HOH A . 
F 5 HOH 133 568 82  HOH HOH A . 
F 5 HOH 134 569 83  HOH HOH A . 
F 5 HOH 135 570 84  HOH HOH A . 
F 5 HOH 136 571 85  HOH HOH A . 
F 5 HOH 137 572 86  HOH HOH A . 
F 5 HOH 138 573 87  HOH HOH A . 
F 5 HOH 139 574 88  HOH HOH A . 
F 5 HOH 140 575 89  HOH HOH A . 
F 5 HOH 141 576 90  HOH HOH A . 
F 5 HOH 142 577 91  HOH HOH A . 
F 5 HOH 143 578 92  HOH HOH A . 
F 5 HOH 144 579 93  HOH HOH A . 
F 5 HOH 145 580 94  HOH HOH A . 
F 5 HOH 146 581 95  HOH HOH A . 
F 5 HOH 147 582 96  HOH HOH A . 
F 5 HOH 148 583 97  HOH HOH A . 
F 5 HOH 149 584 98  HOH HOH A . 
F 5 HOH 150 585 99  HOH HOH A . 
F 5 HOH 151 586 100 HOH HOH A . 
F 5 HOH 152 587 101 HOH HOH A . 
F 5 HOH 153 588 102 HOH HOH A . 
# 
_pdbx_struct_assembly.id                   1 
_pdbx_struct_assembly.details              author_and_software_defined_assembly 
_pdbx_struct_assembly.method_details       PISA 
_pdbx_struct_assembly.oligomeric_details   monomeric 
_pdbx_struct_assembly.oligomeric_count     1 
# 
_pdbx_struct_assembly_gen.assembly_id       1 
_pdbx_struct_assembly_gen.oper_expression   1 
_pdbx_struct_assembly_gen.asym_id_list      A,B,C,D,E,F 
# 
_pdbx_struct_oper_list.id                   1 
_pdbx_struct_oper_list.type                 'identity operation' 
_pdbx_struct_oper_list.name                 1_555 
_pdbx_struct_oper_list.symmetry_operation   x,y,z 
_pdbx_struct_oper_list.matrix[1][1]         1.0000000000 
_pdbx_struct_oper_list.matrix[1][2]         0.0000000000 
_pdbx_struct_oper_list.matrix[1][3]         0.0000000000 
_pdbx_struct_oper_list.vector[1]            0.0000000000 
_pdbx_struct_oper_list.matrix[2][1]         0.0000000000 
_pdbx_struct_oper_list.matrix[2][2]         1.0000000000 
_pdbx_struct_oper_list.matrix[2][3]         0.0000000000 
_pdbx_struct_oper_list.vector[2]            0.0000000000 
_pdbx_struct_oper_list.matrix[3][1]         0.0000000000 
_pdbx_struct_oper_list.matrix[3][2]         0.0000000000 
_pdbx_struct_oper_list.matrix[3][3]         1.0000000000 
_pdbx_struct_oper_list.vector[3]            0.0000000000 
# 
loop_
_pdbx_struct_special_symmetry.id 
_pdbx_struct_special_symmetry.PDB_model_num 
_pdbx_struct_special_symmetry.auth_asym_id 
_pdbx_struct_special_symmetry.auth_comp_id 
_pdbx_struct_special_symmetry.auth_seq_id 
_pdbx_struct_special_symmetry.PDB_ins_code 
_pdbx_struct_special_symmetry.label_asym_id 
_pdbx_struct_special_symmetry.label_comp_id 
_pdbx_struct_special_symmetry.label_seq_id 
1 1 A HOH 5   ? F HOH . 
2 1 A HOH 58  ? F HOH . 
3 1 A HOH 62  ? F HOH . 
4 1 A HOH 152 ? F HOH . 
# 
loop_
_pdbx_struct_conn_angle.id 
_pdbx_struct_conn_angle.ptnr1_label_atom_id 
_pdbx_struct_conn_angle.ptnr1_label_alt_id 
_pdbx_struct_conn_angle.ptnr1_label_asym_id 
_pdbx_struct_conn_angle.ptnr1_label_comp_id 
_pdbx_struct_conn_angle.ptnr1_label_seq_id 
_pdbx_struct_conn_angle.ptnr1_auth_atom_id 
_pdbx_struct_conn_angle.ptnr1_auth_asym_id 
_pdbx_struct_conn_angle.ptnr1_auth_comp_id 
_pdbx_struct_conn_angle.ptnr1_auth_seq_id 
_pdbx_struct_conn_angle.ptnr1_PDB_ins_code 
_pdbx_struct_conn_angle.ptnr1_symmetry 
_pdbx_struct_conn_angle.ptnr2_label_atom_id 
_pdbx_struct_conn_angle.ptnr2_label_alt_id 
_pdbx_struct_conn_angle.ptnr2_label_asym_id 
_pdbx_struct_conn_angle.ptnr2_label_comp_id 
_pdbx_struct_conn_angle.ptnr2_label_seq_id 
_pdbx_struct_conn_angle.ptnr2_auth_atom_id 
_pdbx_struct_conn_angle.ptnr2_auth_asym_id 
_pdbx_struct_conn_angle.ptnr2_auth_comp_id 
_pdbx_struct_conn_angle.ptnr2_auth_seq_id 
_pdbx_struct_conn_angle.ptnr2_PDB_ins_code 
_pdbx_struct_conn_angle.ptnr2_symmetry 
_pdbx_struct_conn_angle.ptnr3_label_atom_id 
_pdbx_struct_conn_angle.ptnr3_label_alt_id 
_pdbx_struct_conn_angle.ptnr3_label_asym_id 
_pdbx_struct_conn_angle.ptnr3_label_comp_id 
_pdbx_struct_conn_angle.ptnr3_label_seq_id 
_pdbx_struct_conn_angle.ptnr3_auth_atom_id 
_pdbx_struct_conn_angle.ptnr3_auth_asym_id 
_pdbx_struct_conn_angle.ptnr3_auth_comp_id 
_pdbx_struct_conn_angle.ptnr3_auth_seq_id 
_pdbx_struct_conn_angle.ptnr3_PDB_ins_code 
_pdbx_struct_conn_angle.ptnr3_symmetry 
_pdbx_struct_conn_angle.value 
_pdbx_struct_conn_angle.value_esd 
1  OD1 ? A ASP 18  ? A ASP 443 ? 1_555 MN ? B MN . ? A MN 1 ? 1_555 OE1 ? A GLU 53  ? A GLU 478 ? 1_555 88.3  ? 
2  OD1 ? A ASP 18  ? A ASP 443 ? 1_555 MN ? B MN . ? A MN 1 ? 1_555 OD2 ? A ASP 73  ? A ASP 498 ? 1_555 104.9 ? 
3  OE1 ? A GLU 53  ? A GLU 478 ? 1_555 MN ? B MN . ? A MN 1 ? 1_555 OD2 ? A ASP 73  ? A ASP 498 ? 1_555 124.6 ? 
4  OD1 ? A ASP 18  ? A ASP 443 ? 1_555 MN ? B MN . ? A MN 1 ? 1_555 O14 ? E P1Y .   ? A P1Y 700 ? 1_555 97.3  ? 
5  OE1 ? A GLU 53  ? A GLU 478 ? 1_555 MN ? B MN . ? A MN 1 ? 1_555 O14 ? E P1Y .   ? A P1Y 700 ? 1_555 119.8 ? 
6  OD2 ? A ASP 73  ? A ASP 498 ? 1_555 MN ? B MN . ? A MN 1 ? 1_555 O14 ? E P1Y .   ? A P1Y 700 ? 1_555 111.6 ? 
7  OD1 ? A ASP 18  ? A ASP 443 ? 1_555 MN ? B MN . ? A MN 1 ? 1_555 O18 ? E P1Y .   ? A P1Y 700 ? 1_555 165.5 ? 
8  OE1 ? A GLU 53  ? A GLU 478 ? 1_555 MN ? B MN . ? A MN 1 ? 1_555 O18 ? E P1Y .   ? A P1Y 700 ? 1_555 79.8  ? 
9  OD2 ? A ASP 73  ? A ASP 498 ? 1_555 MN ? B MN . ? A MN 1 ? 1_555 O18 ? E P1Y .   ? A P1Y 700 ? 1_555 88.8  ? 
10 O14 ? E P1Y .   ? A P1Y 700 ? 1_555 MN ? B MN . ? A MN 1 ? 1_555 O18 ? E P1Y .   ? A P1Y 700 ? 1_555 81.6  ? 
11 OD2 ? A ASP 18  ? A ASP 443 ? 1_555 MN ? C MN . ? A MN 2 ? 1_555 OD2 ? A ASP 138 ? A ASP 549 ? 1_555 99.8  ? 
12 OD2 ? A ASP 18  ? A ASP 443 ? 1_555 MN ? C MN . ? A MN 2 ? 1_555 O   ? F HOH .   ? A HOH 562 ? 1_555 92.6  ? 
13 OD2 ? A ASP 138 ? A ASP 549 ? 1_555 MN ? C MN . ? A MN 2 ? 1_555 O   ? F HOH .   ? A HOH 562 ? 1_555 93.4  ? 
14 OD2 ? A ASP 18  ? A ASP 443 ? 1_555 MN ? C MN . ? A MN 2 ? 1_555 O   ? F HOH .   ? A HOH 563 ? 1_555 90.8  ? 
15 OD2 ? A ASP 138 ? A ASP 549 ? 1_555 MN ? C MN . ? A MN 2 ? 1_555 O   ? F HOH .   ? A HOH 563 ? 1_555 92.7  ? 
16 O   ? F HOH .   ? A HOH 562 ? 1_555 MN ? C MN . ? A MN 2 ? 1_555 O   ? F HOH .   ? A HOH 563 ? 1_555 172.5 ? 
17 OD2 ? A ASP 18  ? A ASP 443 ? 1_555 MN ? C MN . ? A MN 2 ? 1_555 O15 ? E P1Y .   ? A P1Y 700 ? 1_555 175.6 ? 
18 OD2 ? A ASP 138 ? A ASP 549 ? 1_555 MN ? C MN . ? A MN 2 ? 1_555 O15 ? E P1Y .   ? A P1Y 700 ? 1_555 84.3  ? 
19 O   ? F HOH .   ? A HOH 562 ? 1_555 MN ? C MN . ? A MN 2 ? 1_555 O15 ? E P1Y .   ? A P1Y 700 ? 1_555 88.7  ? 
20 O   ? F HOH .   ? A HOH 563 ? 1_555 MN ? C MN . ? A MN 2 ? 1_555 O15 ? E P1Y .   ? A P1Y 700 ? 1_555 87.5  ? 
21 OD2 ? A ASP 18  ? A ASP 443 ? 1_555 MN ? C MN . ? A MN 2 ? 1_555 O14 ? E P1Y .   ? A P1Y 700 ? 1_555 101.8 ? 
22 OD2 ? A ASP 138 ? A ASP 549 ? 1_555 MN ? C MN . ? A MN 2 ? 1_555 O14 ? E P1Y .   ? A P1Y 700 ? 1_555 158.1 ? 
23 O   ? F HOH .   ? A HOH 562 ? 1_555 MN ? C MN . ? A MN 2 ? 1_555 O14 ? E P1Y .   ? A P1Y 700 ? 1_555 89.3  ? 
24 O   ? F HOH .   ? A HOH 563 ? 1_555 MN ? C MN . ? A MN 2 ? 1_555 O14 ? E P1Y .   ? A P1Y 700 ? 1_555 83.4  ? 
25 O15 ? E P1Y .   ? A P1Y 700 ? 1_555 MN ? C MN . ? A MN 2 ? 1_555 O14 ? E P1Y .   ? A P1Y 700 ? 1_555 74.1  ? 
# 
loop_
_pdbx_audit_revision_history.ordinal 
_pdbx_audit_revision_history.data_content_type 
_pdbx_audit_revision_history.major_revision 
_pdbx_audit_revision_history.minor_revision 
_pdbx_audit_revision_history.revision_date 
1 'Structure model' 1 0 2011-04-20 
2 'Structure model' 1 1 2011-07-13 
3 'Structure model' 1 2 2017-05-31 
4 'Structure model' 1 3 2021-01-13 
5 'Structure model' 1 4 2021-11-17 
6 'Structure model' 1 5 2023-09-13 
# 
_pdbx_audit_revision_details.ordinal             1 
_pdbx_audit_revision_details.revision_ordinal    1 
_pdbx_audit_revision_details.data_content_type   'Structure model' 
_pdbx_audit_revision_details.provider            repository 
_pdbx_audit_revision_details.type                'Initial release' 
_pdbx_audit_revision_details.description         ? 
_pdbx_audit_revision_details.details             ? 
# 
loop_
_pdbx_audit_revision_group.ordinal 
_pdbx_audit_revision_group.revision_ordinal 
_pdbx_audit_revision_group.data_content_type 
_pdbx_audit_revision_group.group 
1 2 'Structure model' 'Version format compliance' 
2 3 'Structure model' 'Database references'       
3 4 'Structure model' 'Derived calculations'      
4 4 'Structure model' 'Structure summary'         
5 5 'Structure model' 'Database references'       
6 5 'Structure model' 'Structure summary'         
7 6 'Structure model' 'Data collection'           
8 6 'Structure model' 'Refinement description'    
# 
loop_
_pdbx_audit_revision_category.ordinal 
_pdbx_audit_revision_category.revision_ordinal 
_pdbx_audit_revision_category.data_content_type 
_pdbx_audit_revision_category.category 
1  4 'Structure model' entity                        
2  4 'Structure model' entity_name_com               
3  4 'Structure model' pdbx_struct_conn_angle        
4  4 'Structure model' struct_conn                   
5  4 'Structure model' struct_site                   
6  5 'Structure model' database_2                    
7  5 'Structure model' entity                        
8  6 'Structure model' chem_comp_atom                
9  6 'Structure model' chem_comp_bond                
10 6 'Structure model' pdbx_initial_refinement_model 
# 
loop_
_pdbx_audit_revision_item.ordinal 
_pdbx_audit_revision_item.revision_ordinal 
_pdbx_audit_revision_item.data_content_type 
_pdbx_audit_revision_item.item 
1  4 'Structure model' '_entity.pdbx_description'                    
2  4 'Structure model' '_entity.pdbx_ec'                             
3  4 'Structure model' '_entity.pdbx_fragment'                       
4  4 'Structure model' '_entity_name_com.name'                       
5  4 'Structure model' '_pdbx_struct_conn_angle.ptnr1_auth_comp_id'  
6  4 'Structure model' '_pdbx_struct_conn_angle.ptnr1_auth_seq_id'   
7  4 'Structure model' '_pdbx_struct_conn_angle.ptnr1_label_asym_id' 
8  4 'Structure model' '_pdbx_struct_conn_angle.ptnr1_label_atom_id' 
9  4 'Structure model' '_pdbx_struct_conn_angle.ptnr1_label_comp_id' 
10 4 'Structure model' '_pdbx_struct_conn_angle.ptnr1_label_seq_id'  
11 4 'Structure model' '_pdbx_struct_conn_angle.ptnr3_auth_comp_id'  
12 4 'Structure model' '_pdbx_struct_conn_angle.ptnr3_auth_seq_id'   
13 4 'Structure model' '_pdbx_struct_conn_angle.ptnr3_label_asym_id' 
14 4 'Structure model' '_pdbx_struct_conn_angle.ptnr3_label_atom_id' 
15 4 'Structure model' '_pdbx_struct_conn_angle.ptnr3_label_comp_id' 
16 4 'Structure model' '_pdbx_struct_conn_angle.ptnr3_label_seq_id'  
17 4 'Structure model' '_pdbx_struct_conn_angle.value'               
18 4 'Structure model' '_struct_conn.pdbx_dist_value'                
19 4 'Structure model' '_struct_conn.ptnr1_auth_comp_id'             
20 4 'Structure model' '_struct_conn.ptnr1_auth_seq_id'              
21 4 'Structure model' '_struct_conn.ptnr1_label_asym_id'            
22 4 'Structure model' '_struct_conn.ptnr1_label_atom_id'            
23 4 'Structure model' '_struct_conn.ptnr1_label_comp_id'            
24 4 'Structure model' '_struct_conn.ptnr1_label_seq_id'             
25 4 'Structure model' '_struct_conn.ptnr2_auth_comp_id'             
26 4 'Structure model' '_struct_conn.ptnr2_auth_seq_id'              
27 4 'Structure model' '_struct_conn.ptnr2_label_asym_id'            
28 4 'Structure model' '_struct_conn.ptnr2_label_atom_id'            
29 4 'Structure model' '_struct_conn.ptnr2_label_comp_id'            
30 4 'Structure model' '_struct_conn.ptnr2_label_seq_id'             
31 4 'Structure model' '_struct_site.pdbx_auth_asym_id'              
32 4 'Structure model' '_struct_site.pdbx_auth_comp_id'              
33 4 'Structure model' '_struct_site.pdbx_auth_seq_id'               
34 5 'Structure model' '_database_2.pdbx_DOI'                        
35 5 'Structure model' '_database_2.pdbx_database_accession'         
36 5 'Structure model' '_entity.pdbx_description'                    
# 
loop_
_software.name 
_software.classification 
_software.version 
_software.citation_id 
_software.pdbx_ordinal 
CrystalClear 'data collection' .                            ? 1 
PHASER       phasing           .                            ? 2 
PHENIX       refinement        '(phenix.refine: 1.6.4_486)' ? 3 
HKL-2000     'data reduction'  .                            ? 4 
HKL-2000     'data scaling'    .                            ? 5 
# 
_pdbx_validate_torsion.id              1 
_pdbx_validate_torsion.PDB_model_num   1 
_pdbx_validate_torsion.auth_comp_id    ILE 
_pdbx_validate_torsion.auth_asym_id    A 
_pdbx_validate_torsion.auth_seq_id     556 
_pdbx_validate_torsion.PDB_ins_code    ? 
_pdbx_validate_torsion.label_alt_id    ? 
_pdbx_validate_torsion.phi             -120.56 
_pdbx_validate_torsion.psi             -53.43 
# 
loop_
_pdbx_unobs_or_zero_occ_residues.id 
_pdbx_unobs_or_zero_occ_residues.PDB_model_num 
_pdbx_unobs_or_zero_occ_residues.polymer_flag 
_pdbx_unobs_or_zero_occ_residues.occupancy_flag 
_pdbx_unobs_or_zero_occ_residues.auth_asym_id 
_pdbx_unobs_or_zero_occ_residues.auth_comp_id 
_pdbx_unobs_or_zero_occ_residues.auth_seq_id 
_pdbx_unobs_or_zero_occ_residues.PDB_ins_code 
_pdbx_unobs_or_zero_occ_residues.label_asym_id 
_pdbx_unobs_or_zero_occ_residues.label_comp_id 
_pdbx_unobs_or_zero_occ_residues.label_seq_id 
1  1 Y 1 A LYS 87  ? A LYS 90  
2  1 Y 1 A ARG 88  ? A ARG 91  
3  1 Y 1 A GLY 89  ? A GLY 92  
4  1 Y 1 A TRP 90  ? A TRP 93  
5  1 Y 1 A LYS 91  ? A LYS 94  
6  1 Y 1 A THR 92  ? A THR 95  
7  1 Y 1 A ALA 93  ? A ALA 96  
8  1 Y 1 A ASP 94  ? A ASP 97  
9  1 Y 1 A LYS 95  ? A LYS 98  
10 1 Y 1 A LYS 96  ? A LYS 99  
11 1 Y 1 A PRO 97  ? A PRO 100 
12 1 Y 1 A LEU 560 ? A LEU 149 
13 1 Y 1 A PHE 561 ? A PHE 150 
# 
loop_
_chem_comp_atom.comp_id 
_chem_comp_atom.atom_id 
_chem_comp_atom.type_symbol 
_chem_comp_atom.pdbx_aromatic_flag 
_chem_comp_atom.pdbx_stereo_config 
_chem_comp_atom.pdbx_ordinal 
ALA N    N  N N 1   
ALA CA   C  N S 2   
ALA C    C  N N 3   
ALA O    O  N N 4   
ALA CB   C  N N 5   
ALA OXT  O  N N 6   
ALA H    H  N N 7   
ALA H2   H  N N 8   
ALA HA   H  N N 9   
ALA HB1  H  N N 10  
ALA HB2  H  N N 11  
ALA HB3  H  N N 12  
ALA HXT  H  N N 13  
ARG N    N  N N 14  
ARG CA   C  N S 15  
ARG C    C  N N 16  
ARG O    O  N N 17  
ARG CB   C  N N 18  
ARG CG   C  N N 19  
ARG CD   C  N N 20  
ARG NE   N  N N 21  
ARG CZ   C  N N 22  
ARG NH1  N  N N 23  
ARG NH2  N  N N 24  
ARG OXT  O  N N 25  
ARG H    H  N N 26  
ARG H2   H  N N 27  
ARG HA   H  N N 28  
ARG HB2  H  N N 29  
ARG HB3  H  N N 30  
ARG HG2  H  N N 31  
ARG HG3  H  N N 32  
ARG HD2  H  N N 33  
ARG HD3  H  N N 34  
ARG HE   H  N N 35  
ARG HH11 H  N N 36  
ARG HH12 H  N N 37  
ARG HH21 H  N N 38  
ARG HH22 H  N N 39  
ARG HXT  H  N N 40  
ASN N    N  N N 41  
ASN CA   C  N S 42  
ASN C    C  N N 43  
ASN O    O  N N 44  
ASN CB   C  N N 45  
ASN CG   C  N N 46  
ASN OD1  O  N N 47  
ASN ND2  N  N N 48  
ASN OXT  O  N N 49  
ASN H    H  N N 50  
ASN H2   H  N N 51  
ASN HA   H  N N 52  
ASN HB2  H  N N 53  
ASN HB3  H  N N 54  
ASN HD21 H  N N 55  
ASN HD22 H  N N 56  
ASN HXT  H  N N 57  
ASP N    N  N N 58  
ASP CA   C  N S 59  
ASP C    C  N N 60  
ASP O    O  N N 61  
ASP CB   C  N N 62  
ASP CG   C  N N 63  
ASP OD1  O  N N 64  
ASP OD2  O  N N 65  
ASP OXT  O  N N 66  
ASP H    H  N N 67  
ASP H2   H  N N 68  
ASP HA   H  N N 69  
ASP HB2  H  N N 70  
ASP HB3  H  N N 71  
ASP HD2  H  N N 72  
ASP HXT  H  N N 73  
GLN N    N  N N 74  
GLN CA   C  N S 75  
GLN C    C  N N 76  
GLN O    O  N N 77  
GLN CB   C  N N 78  
GLN CG   C  N N 79  
GLN CD   C  N N 80  
GLN OE1  O  N N 81  
GLN NE2  N  N N 82  
GLN OXT  O  N N 83  
GLN H    H  N N 84  
GLN H2   H  N N 85  
GLN HA   H  N N 86  
GLN HB2  H  N N 87  
GLN HB3  H  N N 88  
GLN HG2  H  N N 89  
GLN HG3  H  N N 90  
GLN HE21 H  N N 91  
GLN HE22 H  N N 92  
GLN HXT  H  N N 93  
GLU N    N  N N 94  
GLU CA   C  N S 95  
GLU C    C  N N 96  
GLU O    O  N N 97  
GLU CB   C  N N 98  
GLU CG   C  N N 99  
GLU CD   C  N N 100 
GLU OE1  O  N N 101 
GLU OE2  O  N N 102 
GLU OXT  O  N N 103 
GLU H    H  N N 104 
GLU H2   H  N N 105 
GLU HA   H  N N 106 
GLU HB2  H  N N 107 
GLU HB3  H  N N 108 
GLU HG2  H  N N 109 
GLU HG3  H  N N 110 
GLU HE2  H  N N 111 
GLU HXT  H  N N 112 
GLY N    N  N N 113 
GLY CA   C  N N 114 
GLY C    C  N N 115 
GLY O    O  N N 116 
GLY OXT  O  N N 117 
GLY H    H  N N 118 
GLY H2   H  N N 119 
GLY HA2  H  N N 120 
GLY HA3  H  N N 121 
GLY HXT  H  N N 122 
HIS N    N  N N 123 
HIS CA   C  N S 124 
HIS C    C  N N 125 
HIS O    O  N N 126 
HIS CB   C  N N 127 
HIS CG   C  Y N 128 
HIS ND1  N  Y N 129 
HIS CD2  C  Y N 130 
HIS CE1  C  Y N 131 
HIS NE2  N  Y N 132 
HIS OXT  O  N N 133 
HIS H    H  N N 134 
HIS H2   H  N N 135 
HIS HA   H  N N 136 
HIS HB2  H  N N 137 
HIS HB3  H  N N 138 
HIS HD1  H  N N 139 
HIS HD2  H  N N 140 
HIS HE1  H  N N 141 
HIS HE2  H  N N 142 
HIS HXT  H  N N 143 
HOH O    O  N N 144 
HOH H1   H  N N 145 
HOH H2   H  N N 146 
ILE N    N  N N 147 
ILE CA   C  N S 148 
ILE C    C  N N 149 
ILE O    O  N N 150 
ILE CB   C  N S 151 
ILE CG1  C  N N 152 
ILE CG2  C  N N 153 
ILE CD1  C  N N 154 
ILE OXT  O  N N 155 
ILE H    H  N N 156 
ILE H2   H  N N 157 
ILE HA   H  N N 158 
ILE HB   H  N N 159 
ILE HG12 H  N N 160 
ILE HG13 H  N N 161 
ILE HG21 H  N N 162 
ILE HG22 H  N N 163 
ILE HG23 H  N N 164 
ILE HD11 H  N N 165 
ILE HD12 H  N N 166 
ILE HD13 H  N N 167 
ILE HXT  H  N N 168 
LEU N    N  N N 169 
LEU CA   C  N S 170 
LEU C    C  N N 171 
LEU O    O  N N 172 
LEU CB   C  N N 173 
LEU CG   C  N N 174 
LEU CD1  C  N N 175 
LEU CD2  C  N N 176 
LEU OXT  O  N N 177 
LEU H    H  N N 178 
LEU H2   H  N N 179 
LEU HA   H  N N 180 
LEU HB2  H  N N 181 
LEU HB3  H  N N 182 
LEU HG   H  N N 183 
LEU HD11 H  N N 184 
LEU HD12 H  N N 185 
LEU HD13 H  N N 186 
LEU HD21 H  N N 187 
LEU HD22 H  N N 188 
LEU HD23 H  N N 189 
LEU HXT  H  N N 190 
LYS N    N  N N 191 
LYS CA   C  N S 192 
LYS C    C  N N 193 
LYS O    O  N N 194 
LYS CB   C  N N 195 
LYS CG   C  N N 196 
LYS CD   C  N N 197 
LYS CE   C  N N 198 
LYS NZ   N  N N 199 
LYS OXT  O  N N 200 
LYS H    H  N N 201 
LYS H2   H  N N 202 
LYS HA   H  N N 203 
LYS HB2  H  N N 204 
LYS HB3  H  N N 205 
LYS HG2  H  N N 206 
LYS HG3  H  N N 207 
LYS HD2  H  N N 208 
LYS HD3  H  N N 209 
LYS HE2  H  N N 210 
LYS HE3  H  N N 211 
LYS HZ1  H  N N 212 
LYS HZ2  H  N N 213 
LYS HZ3  H  N N 214 
LYS HXT  H  N N 215 
MET N    N  N N 216 
MET CA   C  N S 217 
MET C    C  N N 218 
MET O    O  N N 219 
MET CB   C  N N 220 
MET CG   C  N N 221 
MET SD   S  N N 222 
MET CE   C  N N 223 
MET OXT  O  N N 224 
MET H    H  N N 225 
MET H2   H  N N 226 
MET HA   H  N N 227 
MET HB2  H  N N 228 
MET HB3  H  N N 229 
MET HG2  H  N N 230 
MET HG3  H  N N 231 
MET HE1  H  N N 232 
MET HE2  H  N N 233 
MET HE3  H  N N 234 
MET HXT  H  N N 235 
MN  MN   MN N N 236 
P1Y C01  C  Y N 237 
P1Y C02  C  Y N 238 
P1Y C03  C  Y N 239 
P1Y C04  C  Y N 240 
P1Y C05  C  Y N 241 
P1Y C06  C  Y N 242 
P1Y C07  C  N N 243 
P1Y C08  C  Y N 244 
P1Y N09  N  Y N 245 
P1Y C10  C  Y N 246 
P1Y C11  C  Y N 247 
P1Y C12  C  Y N 248 
P1Y N13  N  Y N 249 
P1Y O14  O  N N 250 
P1Y O15  O  N N 251 
P1Y C16  C  N N 252 
P1Y O17  O  N N 253 
P1Y O18  O  N N 254 
P1Y BR19 BR N N 255 
P1Y O20  O  N N 256 
P1Y C21  C  N N 257 
P1Y H01  H  N N 258 
P1Y H04  H  N N 259 
P1Y H05  H  N N 260 
P1Y H07  H  N N 261 
P1Y H07A H  N N 262 
P1Y HO17 H  N N 263 
P1Y H21  H  N N 264 
P1Y H21A H  N N 265 
P1Y H21B H  N N 266 
P1Y H10  H  N N 267 
P1Y H11  H  N N 268 
PHE N    N  N N 269 
PHE CA   C  N S 270 
PHE C    C  N N 271 
PHE O    O  N N 272 
PHE CB   C  N N 273 
PHE CG   C  Y N 274 
PHE CD1  C  Y N 275 
PHE CD2  C  Y N 276 
PHE CE1  C  Y N 277 
PHE CE2  C  Y N 278 
PHE CZ   C  Y N 279 
PHE OXT  O  N N 280 
PHE H    H  N N 281 
PHE H2   H  N N 282 
PHE HA   H  N N 283 
PHE HB2  H  N N 284 
PHE HB3  H  N N 285 
PHE HD1  H  N N 286 
PHE HD2  H  N N 287 
PHE HE1  H  N N 288 
PHE HE2  H  N N 289 
PHE HZ   H  N N 290 
PHE HXT  H  N N 291 
PRO N    N  N N 292 
PRO CA   C  N S 293 
PRO C    C  N N 294 
PRO O    O  N N 295 
PRO CB   C  N N 296 
PRO CG   C  N N 297 
PRO CD   C  N N 298 
PRO OXT  O  N N 299 
PRO H    H  N N 300 
PRO HA   H  N N 301 
PRO HB2  H  N N 302 
PRO HB3  H  N N 303 
PRO HG2  H  N N 304 
PRO HG3  H  N N 305 
PRO HD2  H  N N 306 
PRO HD3  H  N N 307 
PRO HXT  H  N N 308 
SER N    N  N N 309 
SER CA   C  N S 310 
SER C    C  N N 311 
SER O    O  N N 312 
SER CB   C  N N 313 
SER OG   O  N N 314 
SER OXT  O  N N 315 
SER H    H  N N 316 
SER H2   H  N N 317 
SER HA   H  N N 318 
SER HB2  H  N N 319 
SER HB3  H  N N 320 
SER HG   H  N N 321 
SER HXT  H  N N 322 
SO4 S    S  N N 323 
SO4 O1   O  N N 324 
SO4 O2   O  N N 325 
SO4 O3   O  N N 326 
SO4 O4   O  N N 327 
THR N    N  N N 328 
THR CA   C  N S 329 
THR C    C  N N 330 
THR O    O  N N 331 
THR CB   C  N R 332 
THR OG1  O  N N 333 
THR CG2  C  N N 334 
THR OXT  O  N N 335 
THR H    H  N N 336 
THR H2   H  N N 337 
THR HA   H  N N 338 
THR HB   H  N N 339 
THR HG1  H  N N 340 
THR HG21 H  N N 341 
THR HG22 H  N N 342 
THR HG23 H  N N 343 
THR HXT  H  N N 344 
TRP N    N  N N 345 
TRP CA   C  N S 346 
TRP C    C  N N 347 
TRP O    O  N N 348 
TRP CB   C  N N 349 
TRP CG   C  Y N 350 
TRP CD1  C  Y N 351 
TRP CD2  C  Y N 352 
TRP NE1  N  Y N 353 
TRP CE2  C  Y N 354 
TRP CE3  C  Y N 355 
TRP CZ2  C  Y N 356 
TRP CZ3  C  Y N 357 
TRP CH2  C  Y N 358 
TRP OXT  O  N N 359 
TRP H    H  N N 360 
TRP H2   H  N N 361 
TRP HA   H  N N 362 
TRP HB2  H  N N 363 
TRP HB3  H  N N 364 
TRP HD1  H  N N 365 
TRP HE1  H  N N 366 
TRP HE3  H  N N 367 
TRP HZ2  H  N N 368 
TRP HZ3  H  N N 369 
TRP HH2  H  N N 370 
TRP HXT  H  N N 371 
TYR N    N  N N 372 
TYR CA   C  N S 373 
TYR C    C  N N 374 
TYR O    O  N N 375 
TYR CB   C  N N 376 
TYR CG   C  Y N 377 
TYR CD1  C  Y N 378 
TYR CD2  C  Y N 379 
TYR CE1  C  Y N 380 
TYR CE2  C  Y N 381 
TYR CZ   C  Y N 382 
TYR OH   O  N N 383 
TYR OXT  O  N N 384 
TYR H    H  N N 385 
TYR H2   H  N N 386 
TYR HA   H  N N 387 
TYR HB2  H  N N 388 
TYR HB3  H  N N 389 
TYR HD1  H  N N 390 
TYR HD2  H  N N 391 
TYR HE1  H  N N 392 
TYR HE2  H  N N 393 
TYR HH   H  N N 394 
TYR HXT  H  N N 395 
VAL N    N  N N 396 
VAL CA   C  N S 397 
VAL C    C  N N 398 
VAL O    O  N N 399 
VAL CB   C  N N 400 
VAL CG1  C  N N 401 
VAL CG2  C  N N 402 
VAL OXT  O  N N 403 
VAL H    H  N N 404 
VAL H2   H  N N 405 
VAL HA   H  N N 406 
VAL HB   H  N N 407 
VAL HG11 H  N N 408 
VAL HG12 H  N N 409 
VAL HG13 H  N N 410 
VAL HG21 H  N N 411 
VAL HG22 H  N N 412 
VAL HG23 H  N N 413 
VAL HXT  H  N N 414 
# 
loop_
_chem_comp_bond.comp_id 
_chem_comp_bond.atom_id_1 
_chem_comp_bond.atom_id_2 
_chem_comp_bond.value_order 
_chem_comp_bond.pdbx_aromatic_flag 
_chem_comp_bond.pdbx_stereo_config 
_chem_comp_bond.pdbx_ordinal 
ALA N   CA   sing N N 1   
ALA N   H    sing N N 2   
ALA N   H2   sing N N 3   
ALA CA  C    sing N N 4   
ALA CA  CB   sing N N 5   
ALA CA  HA   sing N N 6   
ALA C   O    doub N N 7   
ALA C   OXT  sing N N 8   
ALA CB  HB1  sing N N 9   
ALA CB  HB2  sing N N 10  
ALA CB  HB3  sing N N 11  
ALA OXT HXT  sing N N 12  
ARG N   CA   sing N N 13  
ARG N   H    sing N N 14  
ARG N   H2   sing N N 15  
ARG CA  C    sing N N 16  
ARG CA  CB   sing N N 17  
ARG CA  HA   sing N N 18  
ARG C   O    doub N N 19  
ARG C   OXT  sing N N 20  
ARG CB  CG   sing N N 21  
ARG CB  HB2  sing N N 22  
ARG CB  HB3  sing N N 23  
ARG CG  CD   sing N N 24  
ARG CG  HG2  sing N N 25  
ARG CG  HG3  sing N N 26  
ARG CD  NE   sing N N 27  
ARG CD  HD2  sing N N 28  
ARG CD  HD3  sing N N 29  
ARG NE  CZ   sing N N 30  
ARG NE  HE   sing N N 31  
ARG CZ  NH1  sing N N 32  
ARG CZ  NH2  doub N N 33  
ARG NH1 HH11 sing N N 34  
ARG NH1 HH12 sing N N 35  
ARG NH2 HH21 sing N N 36  
ARG NH2 HH22 sing N N 37  
ARG OXT HXT  sing N N 38  
ASN N   CA   sing N N 39  
ASN N   H    sing N N 40  
ASN N   H2   sing N N 41  
ASN CA  C    sing N N 42  
ASN CA  CB   sing N N 43  
ASN CA  HA   sing N N 44  
ASN C   O    doub N N 45  
ASN C   OXT  sing N N 46  
ASN CB  CG   sing N N 47  
ASN CB  HB2  sing N N 48  
ASN CB  HB3  sing N N 49  
ASN CG  OD1  doub N N 50  
ASN CG  ND2  sing N N 51  
ASN ND2 HD21 sing N N 52  
ASN ND2 HD22 sing N N 53  
ASN OXT HXT  sing N N 54  
ASP N   CA   sing N N 55  
ASP N   H    sing N N 56  
ASP N   H2   sing N N 57  
ASP CA  C    sing N N 58  
ASP CA  CB   sing N N 59  
ASP CA  HA   sing N N 60  
ASP C   O    doub N N 61  
ASP C   OXT  sing N N 62  
ASP CB  CG   sing N N 63  
ASP CB  HB2  sing N N 64  
ASP CB  HB3  sing N N 65  
ASP CG  OD1  doub N N 66  
ASP CG  OD2  sing N N 67  
ASP OD2 HD2  sing N N 68  
ASP OXT HXT  sing N N 69  
GLN N   CA   sing N N 70  
GLN N   H    sing N N 71  
GLN N   H2   sing N N 72  
GLN CA  C    sing N N 73  
GLN CA  CB   sing N N 74  
GLN CA  HA   sing N N 75  
GLN C   O    doub N N 76  
GLN C   OXT  sing N N 77  
GLN CB  CG   sing N N 78  
GLN CB  HB2  sing N N 79  
GLN CB  HB3  sing N N 80  
GLN CG  CD   sing N N 81  
GLN CG  HG2  sing N N 82  
GLN CG  HG3  sing N N 83  
GLN CD  OE1  doub N N 84  
GLN CD  NE2  sing N N 85  
GLN NE2 HE21 sing N N 86  
GLN NE2 HE22 sing N N 87  
GLN OXT HXT  sing N N 88  
GLU N   CA   sing N N 89  
GLU N   H    sing N N 90  
GLU N   H2   sing N N 91  
GLU CA  C    sing N N 92  
GLU CA  CB   sing N N 93  
GLU CA  HA   sing N N 94  
GLU C   O    doub N N 95  
GLU C   OXT  sing N N 96  
GLU CB  CG   sing N N 97  
GLU CB  HB2  sing N N 98  
GLU CB  HB3  sing N N 99  
GLU CG  CD   sing N N 100 
GLU CG  HG2  sing N N 101 
GLU CG  HG3  sing N N 102 
GLU CD  OE1  doub N N 103 
GLU CD  OE2  sing N N 104 
GLU OE2 HE2  sing N N 105 
GLU OXT HXT  sing N N 106 
GLY N   CA   sing N N 107 
GLY N   H    sing N N 108 
GLY N   H2   sing N N 109 
GLY CA  C    sing N N 110 
GLY CA  HA2  sing N N 111 
GLY CA  HA3  sing N N 112 
GLY C   O    doub N N 113 
GLY C   OXT  sing N N 114 
GLY OXT HXT  sing N N 115 
HIS N   CA   sing N N 116 
HIS N   H    sing N N 117 
HIS N   H2   sing N N 118 
HIS CA  C    sing N N 119 
HIS CA  CB   sing N N 120 
HIS CA  HA   sing N N 121 
HIS C   O    doub N N 122 
HIS C   OXT  sing N N 123 
HIS CB  CG   sing N N 124 
HIS CB  HB2  sing N N 125 
HIS CB  HB3  sing N N 126 
HIS CG  ND1  sing Y N 127 
HIS CG  CD2  doub Y N 128 
HIS ND1 CE1  doub Y N 129 
HIS ND1 HD1  sing N N 130 
HIS CD2 NE2  sing Y N 131 
HIS CD2 HD2  sing N N 132 
HIS CE1 NE2  sing Y N 133 
HIS CE1 HE1  sing N N 134 
HIS NE2 HE2  sing N N 135 
HIS OXT HXT  sing N N 136 
HOH O   H1   sing N N 137 
HOH O   H2   sing N N 138 
ILE N   CA   sing N N 139 
ILE N   H    sing N N 140 
ILE N   H2   sing N N 141 
ILE CA  C    sing N N 142 
ILE CA  CB   sing N N 143 
ILE CA  HA   sing N N 144 
ILE C   O    doub N N 145 
ILE C   OXT  sing N N 146 
ILE CB  CG1  sing N N 147 
ILE CB  CG2  sing N N 148 
ILE CB  HB   sing N N 149 
ILE CG1 CD1  sing N N 150 
ILE CG1 HG12 sing N N 151 
ILE CG1 HG13 sing N N 152 
ILE CG2 HG21 sing N N 153 
ILE CG2 HG22 sing N N 154 
ILE CG2 HG23 sing N N 155 
ILE CD1 HD11 sing N N 156 
ILE CD1 HD12 sing N N 157 
ILE CD1 HD13 sing N N 158 
ILE OXT HXT  sing N N 159 
LEU N   CA   sing N N 160 
LEU N   H    sing N N 161 
LEU N   H2   sing N N 162 
LEU CA  C    sing N N 163 
LEU CA  CB   sing N N 164 
LEU CA  HA   sing N N 165 
LEU C   O    doub N N 166 
LEU C   OXT  sing N N 167 
LEU CB  CG   sing N N 168 
LEU CB  HB2  sing N N 169 
LEU CB  HB3  sing N N 170 
LEU CG  CD1  sing N N 171 
LEU CG  CD2  sing N N 172 
LEU CG  HG   sing N N 173 
LEU CD1 HD11 sing N N 174 
LEU CD1 HD12 sing N N 175 
LEU CD1 HD13 sing N N 176 
LEU CD2 HD21 sing N N 177 
LEU CD2 HD22 sing N N 178 
LEU CD2 HD23 sing N N 179 
LEU OXT HXT  sing N N 180 
LYS N   CA   sing N N 181 
LYS N   H    sing N N 182 
LYS N   H2   sing N N 183 
LYS CA  C    sing N N 184 
LYS CA  CB   sing N N 185 
LYS CA  HA   sing N N 186 
LYS C   O    doub N N 187 
LYS C   OXT  sing N N 188 
LYS CB  CG   sing N N 189 
LYS CB  HB2  sing N N 190 
LYS CB  HB3  sing N N 191 
LYS CG  CD   sing N N 192 
LYS CG  HG2  sing N N 193 
LYS CG  HG3  sing N N 194 
LYS CD  CE   sing N N 195 
LYS CD  HD2  sing N N 196 
LYS CD  HD3  sing N N 197 
LYS CE  NZ   sing N N 198 
LYS CE  HE2  sing N N 199 
LYS CE  HE3  sing N N 200 
LYS NZ  HZ1  sing N N 201 
LYS NZ  HZ2  sing N N 202 
LYS NZ  HZ3  sing N N 203 
LYS OXT HXT  sing N N 204 
MET N   CA   sing N N 205 
MET N   H    sing N N 206 
MET N   H2   sing N N 207 
MET CA  C    sing N N 208 
MET CA  CB   sing N N 209 
MET CA  HA   sing N N 210 
MET C   O    doub N N 211 
MET C   OXT  sing N N 212 
MET CB  CG   sing N N 213 
MET CB  HB2  sing N N 214 
MET CB  HB3  sing N N 215 
MET CG  SD   sing N N 216 
MET CG  HG2  sing N N 217 
MET CG  HG3  sing N N 218 
MET SD  CE   sing N N 219 
MET CE  HE1  sing N N 220 
MET CE  HE2  sing N N 221 
MET CE  HE3  sing N N 222 
MET OXT HXT  sing N N 223 
P1Y C01 C02  sing Y N 224 
P1Y C01 H01  sing N N 225 
P1Y C02 BR19 sing N N 226 
P1Y C03 C02  doub Y N 227 
P1Y C03 O20  sing N N 228 
P1Y C04 C03  sing Y N 229 
P1Y C04 H04  sing N N 230 
P1Y C05 C04  doub Y N 231 
P1Y C05 C06  sing Y N 232 
P1Y C05 H05  sing N N 233 
P1Y C06 C01  doub Y N 234 
P1Y C07 C06  sing N N 235 
P1Y C07 H07  sing N N 236 
P1Y C07 H07A sing N N 237 
P1Y C08 C07  sing N N 238 
P1Y C08 N13  doub Y N 239 
P1Y N09 C08  sing Y N 240 
P1Y C10 N09  doub Y N 241 
P1Y C10 C11  sing Y N 242 
P1Y C11 C12  doub Y N 243 
P1Y C12 O15  sing N N 244 
P1Y C12 N13  sing Y N 245 
P1Y O14 C11  sing N N 246 
P1Y C16 C10  sing N N 247 
P1Y C16 O17  sing N N 248 
P1Y O17 HO17 sing N N 249 
P1Y O18 C16  doub N N 250 
P1Y C21 O20  sing N N 251 
P1Y C21 H21  sing N N 252 
P1Y C21 H21A sing N N 253 
P1Y C21 H21B sing N N 254 
P1Y O14 H10  sing N N 255 
P1Y O15 H11  sing N N 256 
PHE N   CA   sing N N 257 
PHE N   H    sing N N 258 
PHE N   H2   sing N N 259 
PHE CA  C    sing N N 260 
PHE CA  CB   sing N N 261 
PHE CA  HA   sing N N 262 
PHE C   O    doub N N 263 
PHE C   OXT  sing N N 264 
PHE CB  CG   sing N N 265 
PHE CB  HB2  sing N N 266 
PHE CB  HB3  sing N N 267 
PHE CG  CD1  doub Y N 268 
PHE CG  CD2  sing Y N 269 
PHE CD1 CE1  sing Y N 270 
PHE CD1 HD1  sing N N 271 
PHE CD2 CE2  doub Y N 272 
PHE CD2 HD2  sing N N 273 
PHE CE1 CZ   doub Y N 274 
PHE CE1 HE1  sing N N 275 
PHE CE2 CZ   sing Y N 276 
PHE CE2 HE2  sing N N 277 
PHE CZ  HZ   sing N N 278 
PHE OXT HXT  sing N N 279 
PRO N   CA   sing N N 280 
PRO N   CD   sing N N 281 
PRO N   H    sing N N 282 
PRO CA  C    sing N N 283 
PRO CA  CB   sing N N 284 
PRO CA  HA   sing N N 285 
PRO C   O    doub N N 286 
PRO C   OXT  sing N N 287 
PRO CB  CG   sing N N 288 
PRO CB  HB2  sing N N 289 
PRO CB  HB3  sing N N 290 
PRO CG  CD   sing N N 291 
PRO CG  HG2  sing N N 292 
PRO CG  HG3  sing N N 293 
PRO CD  HD2  sing N N 294 
PRO CD  HD3  sing N N 295 
PRO OXT HXT  sing N N 296 
SER N   CA   sing N N 297 
SER N   H    sing N N 298 
SER N   H2   sing N N 299 
SER CA  C    sing N N 300 
SER CA  CB   sing N N 301 
SER CA  HA   sing N N 302 
SER C   O    doub N N 303 
SER C   OXT  sing N N 304 
SER CB  OG   sing N N 305 
SER CB  HB2  sing N N 306 
SER CB  HB3  sing N N 307 
SER OG  HG   sing N N 308 
SER OXT HXT  sing N N 309 
SO4 S   O1   doub N N 310 
SO4 S   O2   doub N N 311 
SO4 S   O3   sing N N 312 
SO4 S   O4   sing N N 313 
THR N   CA   sing N N 314 
THR N   H    sing N N 315 
THR N   H2   sing N N 316 
THR CA  C    sing N N 317 
THR CA  CB   sing N N 318 
THR CA  HA   sing N N 319 
THR C   O    doub N N 320 
THR C   OXT  sing N N 321 
THR CB  OG1  sing N N 322 
THR CB  CG2  sing N N 323 
THR CB  HB   sing N N 324 
THR OG1 HG1  sing N N 325 
THR CG2 HG21 sing N N 326 
THR CG2 HG22 sing N N 327 
THR CG2 HG23 sing N N 328 
THR OXT HXT  sing N N 329 
TRP N   CA   sing N N 330 
TRP N   H    sing N N 331 
TRP N   H2   sing N N 332 
TRP CA  C    sing N N 333 
TRP CA  CB   sing N N 334 
TRP CA  HA   sing N N 335 
TRP C   O    doub N N 336 
TRP C   OXT  sing N N 337 
TRP CB  CG   sing N N 338 
TRP CB  HB2  sing N N 339 
TRP CB  HB3  sing N N 340 
TRP CG  CD1  doub Y N 341 
TRP CG  CD2  sing Y N 342 
TRP CD1 NE1  sing Y N 343 
TRP CD1 HD1  sing N N 344 
TRP CD2 CE2  doub Y N 345 
TRP CD2 CE3  sing Y N 346 
TRP NE1 CE2  sing Y N 347 
TRP NE1 HE1  sing N N 348 
TRP CE2 CZ2  sing Y N 349 
TRP CE3 CZ3  doub Y N 350 
TRP CE3 HE3  sing N N 351 
TRP CZ2 CH2  doub Y N 352 
TRP CZ2 HZ2  sing N N 353 
TRP CZ3 CH2  sing Y N 354 
TRP CZ3 HZ3  sing N N 355 
TRP CH2 HH2  sing N N 356 
TRP OXT HXT  sing N N 357 
TYR N   CA   sing N N 358 
TYR N   H    sing N N 359 
TYR N   H2   sing N N 360 
TYR CA  C    sing N N 361 
TYR CA  CB   sing N N 362 
TYR CA  HA   sing N N 363 
TYR C   O    doub N N 364 
TYR C   OXT  sing N N 365 
TYR CB  CG   sing N N 366 
TYR CB  HB2  sing N N 367 
TYR CB  HB3  sing N N 368 
TYR CG  CD1  doub Y N 369 
TYR CG  CD2  sing Y N 370 
TYR CD1 CE1  sing Y N 371 
TYR CD1 HD1  sing N N 372 
TYR CD2 CE2  doub Y N 373 
TYR CD2 HD2  sing N N 374 
TYR CE1 CZ   doub Y N 375 
TYR CE1 HE1  sing N N 376 
TYR CE2 CZ   sing Y N 377 
TYR CE2 HE2  sing N N 378 
TYR CZ  OH   sing N N 379 
TYR OH  HH   sing N N 380 
TYR OXT HXT  sing N N 381 
VAL N   CA   sing N N 382 
VAL N   H    sing N N 383 
VAL N   H2   sing N N 384 
VAL CA  C    sing N N 385 
VAL CA  CB   sing N N 386 
VAL CA  HA   sing N N 387 
VAL C   O    doub N N 388 
VAL C   OXT  sing N N 389 
VAL CB  CG1  sing N N 390 
VAL CB  CG2  sing N N 391 
VAL CB  HB   sing N N 392 
VAL CG1 HG11 sing N N 393 
VAL CG1 HG12 sing N N 394 
VAL CG1 HG13 sing N N 395 
VAL CG2 HG21 sing N N 396 
VAL CG2 HG22 sing N N 397 
VAL CG2 HG23 sing N N 398 
VAL OXT HXT  sing N N 399 
# 
loop_
_pdbx_entity_nonpoly.entity_id 
_pdbx_entity_nonpoly.name 
_pdbx_entity_nonpoly.comp_id 
2 'MANGANESE (II) ION'                                                    MN  
3 'SULFATE ION'                                                           SO4 
4 '2-(3-bromo-4-methoxybenzyl)-5,6-dihydroxypyrimidine-4-carboxylic acid' P1Y 
5 water                                                                   HOH 
# 
_pdbx_initial_refinement_model.id               1 
_pdbx_initial_refinement_model.entity_id_list   ? 
_pdbx_initial_refinement_model.type             'experimental model' 
_pdbx_initial_refinement_model.source_name      PDB 
_pdbx_initial_refinement_model.accession_code   1HRH 
_pdbx_initial_refinement_model.details          'PDB ENTRY 1HRH' 
# 
